data_2DHZ
#
_entry.id   2DHZ
#
_entity_poly.entity_id   1
_entity_poly.type   'polypeptide(L)'
_entity_poly.pdbx_seq_one_letter_code
;GSSGSSGDEIFCRVYMPDHSYVTIRSRLSASVQDILGSVTEKLQYSEEPAGREDSLILVAVSSSGEKVLLQPTEDCVFTA
LGINSHLFACTRDSYEALVPLPEEIQVSPGDTEISGPSSG
;
_entity_poly.pdbx_strand_id   A
#
# COMPACT_ATOMS: atom_id res chain seq x y z
N GLY A 1 7.38 30.28 -15.90
CA GLY A 1 6.87 29.23 -15.03
C GLY A 1 6.41 28.02 -15.83
N SER A 2 5.92 27.02 -15.13
CA SER A 2 5.44 25.81 -15.77
C SER A 2 4.96 24.82 -14.71
N SER A 3 4.05 23.95 -15.14
CA SER A 3 3.49 22.95 -14.24
C SER A 3 4.21 21.61 -14.45
N GLY A 4 4.16 21.13 -15.68
CA GLY A 4 4.80 19.87 -16.02
C GLY A 4 4.86 19.69 -17.54
N SER A 5 5.27 18.49 -17.94
CA SER A 5 5.38 18.17 -19.36
C SER A 5 4.76 16.80 -19.64
N SER A 6 5.38 15.78 -19.07
CA SER A 6 4.91 14.41 -19.26
C SER A 6 3.97 14.03 -18.11
N GLY A 7 4.53 14.06 -16.90
CA GLY A 7 3.77 13.71 -15.72
C GLY A 7 3.67 12.19 -15.54
N ASP A 8 4.51 11.67 -14.66
CA ASP A 8 4.52 10.25 -14.39
C ASP A 8 3.96 9.98 -13.00
N GLU A 9 3.76 11.07 -12.26
CA GLU A 9 3.24 10.96 -10.91
C GLU A 9 2.00 10.06 -10.89
N ILE A 10 1.81 9.41 -9.75
CA ILE A 10 0.68 8.51 -9.58
C ILE A 10 0.16 8.60 -8.14
N PHE A 11 -0.92 7.89 -7.90
CA PHE A 11 -1.52 7.87 -6.57
C PHE A 11 -1.41 6.49 -5.93
N CYS A 12 -0.45 6.36 -5.03
CA CYS A 12 -0.23 5.10 -4.34
C CYS A 12 -1.28 4.96 -3.24
N ARG A 13 -1.62 3.72 -2.94
CA ARG A 13 -2.61 3.43 -1.92
C ARG A 13 -2.10 2.33 -0.99
N VAL A 14 -2.05 2.64 0.29
CA VAL A 14 -1.60 1.70 1.29
C VAL A 14 -2.82 1.07 1.98
N TYR A 15 -3.13 -0.15 1.56
CA TYR A 15 -4.26 -0.87 2.13
C TYR A 15 -3.98 -1.28 3.58
N MET A 16 -4.89 -0.90 4.46
CA MET A 16 -4.76 -1.23 5.87
C MET A 16 -5.18 -2.67 6.13
N PRO A 17 -4.80 -3.17 7.35
CA PRO A 17 -5.13 -4.52 7.74
C PRO A 17 -6.61 -4.63 8.13
N ASP A 18 -7.23 -3.48 8.30
CA ASP A 18 -8.64 -3.44 8.66
C ASP A 18 -9.47 -3.05 7.43
N HIS A 19 -8.82 -3.12 6.29
CA HIS A 19 -9.49 -2.77 5.04
C HIS A 19 -9.83 -1.29 5.02
N SER A 20 -8.83 -0.48 4.72
CA SER A 20 -9.01 0.96 4.67
C SER A 20 -7.71 1.64 4.20
N TYR A 21 -7.59 1.75 2.89
CA TYR A 21 -6.42 2.38 2.30
C TYR A 21 -6.59 3.89 2.21
N VAL A 22 -5.55 4.54 1.71
CA VAL A 22 -5.57 5.99 1.56
C VAL A 22 -5.06 6.37 0.17
N THR A 23 -5.22 7.64 -0.16
CA THR A 23 -4.79 8.14 -1.44
C THR A 23 -3.61 9.10 -1.28
N ILE A 24 -2.45 8.65 -1.72
CA ILE A 24 -1.25 9.46 -1.62
C ILE A 24 -0.64 9.64 -3.01
N ARG A 25 -0.23 10.86 -3.28
CA ARG A 25 0.37 11.19 -4.57
C ARG A 25 1.89 11.00 -4.51
N SER A 26 2.37 10.01 -5.26
CA SER A 26 3.79 9.73 -5.30
C SER A 26 4.26 9.58 -6.75
N ARG A 27 5.57 9.55 -6.92
CA ARG A 27 6.15 9.42 -8.24
C ARG A 27 6.46 7.95 -8.54
N LEU A 28 6.87 7.70 -9.77
CA LEU A 28 7.20 6.34 -10.19
C LEU A 28 8.70 6.10 -9.97
N SER A 29 9.25 6.82 -9.02
CA SER A 29 10.66 6.69 -8.71
C SER A 29 10.88 6.82 -7.20
N ALA A 30 9.79 6.66 -6.46
CA ALA A 30 9.85 6.75 -5.01
C ALA A 30 10.36 5.43 -4.43
N SER A 31 10.13 5.27 -3.13
CA SER A 31 10.56 4.06 -2.45
C SER A 31 9.57 3.71 -1.33
N VAL A 32 9.69 2.49 -0.84
CA VAL A 32 8.81 2.02 0.22
C VAL A 32 8.81 3.04 1.35
N GLN A 33 10.01 3.46 1.74
CA GLN A 33 10.15 4.43 2.81
C GLN A 33 9.42 5.73 2.45
N ASP A 34 9.69 6.20 1.23
CA ASP A 34 9.07 7.43 0.76
C ASP A 34 7.56 7.34 0.96
N ILE A 35 6.96 6.35 0.32
CA ILE A 35 5.52 6.15 0.42
C ILE A 35 5.12 6.14 1.89
N LEU A 36 5.71 5.23 2.64
CA LEU A 36 5.41 5.12 4.05
C LEU A 36 5.29 6.51 4.66
N GLY A 37 6.36 7.27 4.54
CA GLY A 37 6.38 8.63 5.08
C GLY A 37 5.13 9.40 4.65
N SER A 38 4.79 9.27 3.38
CA SER A 38 3.64 9.95 2.83
C SER A 38 2.36 9.41 3.50
N VAL A 39 2.14 8.12 3.31
CA VAL A 39 0.98 7.46 3.88
C VAL A 39 0.89 7.79 5.37
N THR A 40 2.00 7.56 6.05
CA THR A 40 2.08 7.82 7.48
C THR A 40 1.40 9.16 7.81
N GLU A 41 1.63 10.13 6.94
CA GLU A 41 1.05 11.45 7.13
C GLU A 41 -0.47 11.38 7.10
N LYS A 42 -0.97 10.55 6.19
CA LYS A 42 -2.41 10.38 6.03
C LYS A 42 -2.98 9.77 7.32
N LEU A 43 -2.20 8.88 7.91
CA LEU A 43 -2.62 8.22 9.14
C LEU A 43 -2.89 9.28 10.21
N GLN A 44 -3.95 9.04 10.98
CA GLN A 44 -4.33 9.96 12.03
C GLN A 44 -3.30 9.91 13.17
N TYR A 45 -2.35 10.84 13.11
CA TYR A 45 -1.31 10.91 14.12
C TYR A 45 -0.96 12.37 14.43
N SER A 46 -0.71 13.12 13.37
CA SER A 46 -0.35 14.52 13.52
C SER A 46 -0.03 15.13 12.16
N GLU A 47 0.41 16.38 12.18
CA GLU A 47 0.76 17.08 10.95
C GLU A 47 2.27 17.09 10.76
N GLU A 48 2.86 15.91 10.91
CA GLU A 48 4.30 15.76 10.75
C GLU A 48 4.62 14.51 9.95
N PRO A 49 5.85 14.49 9.37
CA PRO A 49 6.29 13.35 8.58
C PRO A 49 6.64 12.16 9.47
N ALA A 50 6.47 12.37 10.77
CA ALA A 50 6.76 11.32 11.73
C ALA A 50 5.90 11.52 12.98
N GLY A 51 4.61 11.28 12.80
CA GLY A 51 3.67 11.44 13.91
C GLY A 51 3.68 10.21 14.82
N ARG A 52 4.88 9.86 15.27
CA ARG A 52 5.05 8.71 16.15
C ARG A 52 4.56 7.44 15.45
N GLU A 53 5.47 6.50 15.27
CA GLU A 53 5.15 5.24 14.63
C GLU A 53 5.85 4.08 15.34
N ASP A 54 5.24 2.91 15.22
CA ASP A 54 5.79 1.72 15.85
C ASP A 54 6.31 0.77 14.76
N SER A 55 7.26 1.28 13.99
CA SER A 55 7.85 0.50 12.91
C SER A 55 6.75 0.01 11.95
N LEU A 56 6.73 0.63 10.78
CA LEU A 56 5.75 0.28 9.77
C LEU A 56 6.46 -0.31 8.55
N ILE A 57 6.08 -1.52 8.20
CA ILE A 57 6.67 -2.21 7.07
C ILE A 57 5.61 -2.38 5.98
N LEU A 58 6.06 -2.26 4.73
CA LEU A 58 5.17 -2.41 3.60
C LEU A 58 5.11 -3.88 3.18
N VAL A 59 3.99 -4.25 2.58
CA VAL A 59 3.79 -5.62 2.14
C VAL A 59 2.78 -5.64 1.00
N ALA A 60 3.11 -6.41 -0.03
CA ALA A 60 2.24 -6.52 -1.19
C ALA A 60 1.34 -7.75 -1.03
N VAL A 61 0.04 -7.50 -1.04
CA VAL A 61 -0.93 -8.57 -0.90
C VAL A 61 -1.80 -8.63 -2.16
N SER A 62 -1.92 -9.84 -2.69
CA SER A 62 -2.72 -10.05 -3.89
C SER A 62 -3.97 -10.86 -3.54
N SER A 63 -4.89 -10.90 -4.51
CA SER A 63 -6.13 -11.64 -4.32
C SER A 63 -5.84 -13.13 -4.23
N SER A 64 -5.23 -13.52 -3.12
CA SER A 64 -4.89 -14.92 -2.90
C SER A 64 -4.28 -15.10 -1.51
N GLY A 65 -3.48 -14.11 -1.13
CA GLY A 65 -2.83 -14.16 0.18
C GLY A 65 -1.30 -14.18 0.02
N GLU A 66 -0.86 -13.91 -1.19
CA GLU A 66 0.56 -13.90 -1.48
C GLU A 66 1.20 -12.60 -0.98
N LYS A 67 1.77 -12.67 0.21
CA LYS A 67 2.41 -11.51 0.81
C LYS A 67 3.89 -11.48 0.39
N VAL A 68 4.36 -10.28 0.11
CA VAL A 68 5.75 -10.10 -0.30
C VAL A 68 6.35 -8.92 0.47
N LEU A 69 6.95 -9.23 1.61
CA LEU A 69 7.57 -8.20 2.44
C LEU A 69 8.54 -7.38 1.58
N LEU A 70 8.16 -6.13 1.36
CA LEU A 70 8.98 -5.24 0.56
C LEU A 70 10.10 -4.67 1.43
N GLN A 71 10.92 -3.83 0.82
CA GLN A 71 12.03 -3.21 1.54
C GLN A 71 12.05 -1.70 1.28
N PRO A 72 12.67 -0.97 2.25
CA PRO A 72 12.77 0.48 2.14
C PRO A 72 13.82 0.88 1.10
N THR A 73 14.47 -0.13 0.54
CA THR A 73 15.50 0.11 -0.46
C THR A 73 15.07 -0.48 -1.80
N GLU A 74 13.83 -0.21 -2.17
CA GLU A 74 13.30 -0.71 -3.43
C GLU A 74 13.61 0.27 -4.56
N ASP A 75 13.08 -0.05 -5.74
CA ASP A 75 13.30 0.79 -6.90
C ASP A 75 11.96 1.03 -7.62
N CYS A 76 11.48 -0.02 -8.27
CA CYS A 76 10.22 0.05 -8.99
C CYS A 76 9.18 -0.75 -8.21
N VAL A 77 8.39 -0.03 -7.42
CA VAL A 77 7.35 -0.67 -6.63
C VAL A 77 6.02 -0.61 -7.38
N PHE A 78 5.49 0.60 -7.49
CA PHE A 78 4.23 0.80 -8.18
C PHE A 78 4.14 -0.08 -9.43
N THR A 79 5.30 -0.32 -10.02
CA THR A 79 5.37 -1.15 -11.22
C THR A 79 5.45 -2.63 -10.84
N ALA A 80 6.36 -2.93 -9.93
CA ALA A 80 6.54 -4.30 -9.47
C ALA A 80 5.18 -4.91 -9.14
N LEU A 81 4.43 -4.18 -8.33
CA LEU A 81 3.11 -4.64 -7.93
C LEU A 81 2.29 -5.01 -9.17
N GLY A 82 1.81 -6.24 -9.18
CA GLY A 82 1.03 -6.73 -10.30
C GLY A 82 -0.23 -5.87 -10.50
N ILE A 83 -1.32 -6.54 -10.84
CA ILE A 83 -2.59 -5.86 -11.07
C ILE A 83 -3.48 -6.03 -9.83
N ASN A 84 -3.72 -7.29 -9.50
CA ASN A 84 -4.56 -7.60 -8.35
C ASN A 84 -3.69 -7.67 -7.09
N SER A 85 -2.93 -6.60 -6.89
CA SER A 85 -2.05 -6.52 -5.73
C SER A 85 -2.34 -5.25 -4.94
N HIS A 86 -2.14 -5.34 -3.63
CA HIS A 86 -2.37 -4.21 -2.75
C HIS A 86 -1.24 -4.11 -1.73
N LEU A 87 -0.81 -2.87 -1.49
CA LEU A 87 0.26 -2.62 -0.55
C LEU A 87 -0.33 -2.46 0.85
N PHE A 88 0.33 -3.10 1.81
CA PHE A 88 -0.11 -3.03 3.19
C PHE A 88 1.03 -2.58 4.11
N ALA A 89 0.75 -1.52 4.86
CA ALA A 89 1.73 -0.98 5.78
C ALA A 89 1.27 -1.23 7.22
N CYS A 90 2.03 -2.07 7.92
CA CYS A 90 1.72 -2.39 9.30
C CYS A 90 2.97 -2.95 9.96
N THR A 91 2.87 -3.17 11.27
CA THR A 91 3.98 -3.71 12.02
C THR A 91 4.36 -5.09 11.50
N ARG A 92 5.32 -5.71 12.20
CA ARG A 92 5.78 -7.04 11.82
C ARG A 92 4.83 -8.11 12.35
N ASP A 93 4.25 -7.82 13.49
CA ASP A 93 3.32 -8.75 14.11
C ASP A 93 1.94 -8.62 13.44
N SER A 94 1.81 -7.56 12.65
CA SER A 94 0.56 -7.31 11.95
C SER A 94 0.66 -7.81 10.51
N TYR A 95 1.89 -7.96 10.05
CA TYR A 95 2.15 -8.43 8.69
C TYR A 95 1.27 -9.64 8.37
N GLU A 96 1.15 -10.52 9.34
CA GLU A 96 0.36 -11.72 9.17
C GLU A 96 -1.13 -11.39 9.27
N ALA A 97 -1.44 -10.49 10.18
CA ALA A 97 -2.83 -10.07 10.38
C ALA A 97 -3.37 -9.48 9.08
N LEU A 98 -2.45 -9.15 8.19
CA LEU A 98 -2.82 -8.57 6.90
C LEU A 98 -3.73 -9.55 6.16
N VAL A 99 -4.70 -8.99 5.46
CA VAL A 99 -5.64 -9.79 4.69
C VAL A 99 -5.78 -9.22 3.29
N PRO A 100 -5.91 -10.13 2.30
CA PRO A 100 -6.06 -9.74 0.91
C PRO A 100 -7.46 -9.19 0.64
N LEU A 101 -7.50 -8.01 0.02
CA LEU A 101 -8.76 -7.39 -0.30
C LEU A 101 -9.63 -8.36 -1.09
N PRO A 102 -10.95 -8.03 -1.15
CA PRO A 102 -11.89 -8.87 -1.87
C PRO A 102 -11.75 -8.69 -3.38
N GLU A 103 -12.78 -9.11 -4.10
CA GLU A 103 -12.77 -8.99 -5.56
C GLU A 103 -14.16 -8.61 -6.06
N GLU A 104 -14.46 -7.32 -5.96
CA GLU A 104 -15.75 -6.82 -6.40
C GLU A 104 -15.57 -5.63 -7.34
N ILE A 105 -16.68 -5.01 -7.69
CA ILE A 105 -16.65 -3.87 -8.59
C ILE A 105 -16.61 -2.59 -7.75
N GLN A 106 -15.87 -2.64 -6.66
CA GLN A 106 -15.74 -1.51 -5.77
C GLN A 106 -14.32 -0.93 -5.85
N VAL A 107 -14.02 -0.08 -4.88
CA VAL A 107 -12.71 0.55 -4.82
C VAL A 107 -11.63 -0.53 -4.89
N SER A 108 -10.87 -0.49 -5.99
CA SER A 108 -9.80 -1.46 -6.19
C SER A 108 -8.75 -0.89 -7.15
N PRO A 109 -7.60 -1.59 -7.22
CA PRO A 109 -6.51 -1.17 -8.09
C PRO A 109 -6.83 -1.49 -9.55
N GLY A 110 -7.27 -2.72 -9.79
CA GLY A 110 -7.61 -3.15 -11.13
C GLY A 110 -8.85 -2.43 -11.64
N ASP A 111 -9.98 -2.74 -11.01
CA ASP A 111 -11.24 -2.13 -11.39
C ASP A 111 -11.70 -2.71 -12.74
N THR A 112 -12.99 -2.51 -13.02
CA THR A 112 -13.55 -3.01 -14.26
C THR A 112 -13.07 -4.44 -14.54
N GLU A 113 -13.18 -5.28 -13.52
CA GLU A 113 -12.77 -6.67 -13.64
C GLU A 113 -13.96 -7.55 -14.06
N ILE A 114 -15.14 -7.03 -13.80
CA ILE A 114 -16.37 -7.75 -14.14
C ILE A 114 -16.18 -9.24 -13.82
N SER A 115 -16.04 -9.52 -12.53
CA SER A 115 -15.85 -10.89 -12.07
C SER A 115 -17.05 -11.75 -12.50
N GLY A 116 -18.21 -11.41 -11.93
CA GLY A 116 -19.42 -12.15 -12.24
C GLY A 116 -20.30 -12.31 -11.01
N PRO A 117 -21.49 -12.93 -11.21
CA PRO A 117 -22.42 -13.15 -10.12
C PRO A 117 -21.95 -14.28 -9.21
N SER A 118 -20.76 -14.10 -8.67
CA SER A 118 -20.18 -15.09 -7.78
C SER A 118 -19.87 -14.47 -6.42
N SER A 119 -20.90 -14.40 -5.59
CA SER A 119 -20.75 -13.83 -4.25
C SER A 119 -20.17 -14.87 -3.29
N GLY A 120 -18.88 -14.73 -3.02
CA GLY A 120 -18.21 -15.64 -2.12
C GLY A 120 -16.98 -16.26 -2.79
N GLY A 1 3.16 25.13 -2.79
CA GLY A 1 3.49 23.78 -3.22
C GLY A 1 4.54 23.81 -4.33
N SER A 2 5.48 22.89 -4.25
CA SER A 2 6.54 22.79 -5.23
C SER A 2 7.18 21.40 -5.18
N SER A 3 6.79 20.58 -6.14
CA SER A 3 7.32 19.22 -6.21
C SER A 3 6.87 18.56 -7.52
N GLY A 4 7.54 17.47 -7.85
CA GLY A 4 7.22 16.73 -9.07
C GLY A 4 8.20 17.07 -10.19
N SER A 5 7.64 17.37 -11.35
CA SER A 5 8.45 17.72 -12.51
C SER A 5 9.33 16.53 -12.90
N SER A 6 9.42 16.31 -14.20
CA SER A 6 10.22 15.21 -14.72
C SER A 6 9.96 13.94 -13.91
N GLY A 7 8.99 13.16 -14.39
CA GLY A 7 8.63 11.92 -13.73
C GLY A 7 7.18 11.55 -14.01
N ASP A 8 6.74 10.47 -13.37
CA ASP A 8 5.37 10.00 -13.55
C ASP A 8 4.72 9.82 -12.17
N GLU A 9 4.19 10.92 -11.66
CA GLU A 9 3.53 10.89 -10.36
C GLU A 9 2.28 10.02 -10.42
N ILE A 10 1.98 9.38 -9.30
CA ILE A 10 0.82 8.52 -9.21
C ILE A 10 0.29 8.54 -7.77
N PHE A 11 -0.81 7.83 -7.58
CA PHE A 11 -1.43 7.75 -6.26
C PHE A 11 -1.40 6.33 -5.73
N CYS A 12 -0.46 6.08 -4.84
CA CYS A 12 -0.31 4.77 -4.24
C CYS A 12 -1.38 4.61 -3.16
N ARG A 13 -1.91 3.39 -3.07
CA ARG A 13 -2.94 3.10 -2.09
C ARG A 13 -2.46 2.01 -1.13
N VAL A 14 -2.13 2.43 0.08
CA VAL A 14 -1.66 1.52 1.10
C VAL A 14 -2.85 0.99 1.91
N TYR A 15 -3.27 -0.22 1.56
CA TYR A 15 -4.39 -0.84 2.24
C TYR A 15 -4.02 -1.22 3.68
N MET A 16 -4.84 -0.76 4.61
CA MET A 16 -4.61 -1.06 6.02
C MET A 16 -5.02 -2.49 6.35
N PRO A 17 -4.56 -2.95 7.55
CA PRO A 17 -4.87 -4.30 8.00
C PRO A 17 -6.32 -4.39 8.49
N ASP A 18 -7.03 -3.29 8.33
CA ASP A 18 -8.42 -3.24 8.74
C ASP A 18 -9.30 -2.86 7.54
N HIS A 19 -8.69 -2.94 6.36
CA HIS A 19 -9.39 -2.61 5.13
C HIS A 19 -9.75 -1.12 5.13
N SER A 20 -8.72 -0.30 4.98
CA SER A 20 -8.91 1.13 4.95
C SER A 20 -7.62 1.83 4.50
N TYR A 21 -7.49 1.95 3.19
CA TYR A 21 -6.31 2.59 2.61
C TYR A 21 -6.49 4.11 2.54
N VAL A 22 -5.46 4.77 2.04
CA VAL A 22 -5.49 6.22 1.91
C VAL A 22 -4.90 6.61 0.56
N THR A 23 -5.26 7.81 0.12
CA THR A 23 -4.77 8.32 -1.15
C THR A 23 -3.57 9.24 -0.93
N ILE A 24 -2.48 8.90 -1.61
CA ILE A 24 -1.26 9.68 -1.49
C ILE A 24 -0.77 10.05 -2.90
N ARG A 25 0.35 10.76 -2.92
CA ARG A 25 0.94 11.18 -4.19
C ARG A 25 2.45 10.96 -4.17
N SER A 26 2.88 9.96 -4.93
CA SER A 26 4.30 9.64 -5.00
C SER A 26 4.72 9.48 -6.48
N ARG A 27 6.02 9.42 -6.67
CA ARG A 27 6.56 9.27 -8.02
C ARG A 27 6.74 7.79 -8.35
N LEU A 28 6.77 7.50 -9.64
CA LEU A 28 6.93 6.14 -10.11
C LEU A 28 8.34 5.66 -9.77
N SER A 29 9.24 6.61 -9.62
CA SER A 29 10.62 6.30 -9.28
C SER A 29 10.86 6.48 -7.79
N ALA A 30 9.77 6.39 -7.04
CA ALA A 30 9.85 6.54 -5.59
C ALA A 30 10.17 5.20 -4.96
N SER A 31 10.24 5.19 -3.63
CA SER A 31 10.54 3.98 -2.90
C SER A 31 9.48 3.76 -1.81
N VAL A 32 9.51 2.55 -1.25
CA VAL A 32 8.57 2.20 -0.20
C VAL A 32 8.54 3.31 0.86
N GLN A 33 9.72 3.71 1.28
CA GLN A 33 9.86 4.75 2.29
C GLN A 33 9.00 5.96 1.89
N ASP A 34 9.33 6.52 0.74
CA ASP A 34 8.61 7.68 0.25
C ASP A 34 7.11 7.51 0.53
N ILE A 35 6.56 6.42 0.01
CA ILE A 35 5.16 6.12 0.20
C ILE A 35 4.84 6.15 1.70
N LEU A 36 5.51 5.27 2.43
CA LEU A 36 5.30 5.19 3.87
C LEU A 36 5.29 6.60 4.46
N GLY A 37 6.41 7.28 4.31
CA GLY A 37 6.54 8.63 4.81
C GLY A 37 5.29 9.46 4.52
N SER A 38 4.83 9.35 3.28
CA SER A 38 3.64 10.08 2.85
C SER A 38 2.41 9.54 3.59
N VAL A 39 2.05 8.30 3.26
CA VAL A 39 0.90 7.67 3.88
C VAL A 39 0.89 7.99 5.37
N THR A 40 2.05 7.86 5.98
CA THR A 40 2.18 8.14 7.41
C THR A 40 1.44 9.42 7.77
N GLU A 41 1.57 10.41 6.91
CA GLU A 41 0.92 11.70 7.13
C GLU A 41 -0.59 11.51 7.19
N LYS A 42 -1.09 10.64 6.32
CA LYS A 42 -2.51 10.36 6.27
C LYS A 42 -2.96 9.72 7.59
N LEU A 43 -2.08 8.88 8.12
CA LEU A 43 -2.37 8.20 9.37
C LEU A 43 -2.64 9.24 10.46
N GLN A 44 -2.87 8.73 11.67
CA GLN A 44 -3.14 9.59 12.80
C GLN A 44 -1.82 10.09 13.42
N TYR A 45 -1.52 11.35 13.14
CA TYR A 45 -0.30 11.94 13.65
C TYR A 45 -0.36 13.48 13.57
N SER A 46 0.19 14.12 14.58
CA SER A 46 0.20 15.57 14.64
C SER A 46 1.64 16.08 14.71
N GLU A 47 2.29 15.73 15.82
CA GLU A 47 3.67 16.14 16.03
C GLU A 47 4.41 15.11 16.88
N GLU A 48 4.20 13.84 16.54
CA GLU A 48 4.83 12.75 17.26
C GLU A 48 4.79 13.02 18.77
N PRO A 49 3.76 12.42 19.43
CA PRO A 49 3.60 12.58 20.87
C PRO A 49 4.63 11.75 21.63
N ALA A 50 5.49 11.08 20.88
CA ALA A 50 6.52 10.24 21.47
C ALA A 50 5.92 8.91 21.87
N GLY A 51 6.76 8.07 22.49
CA GLY A 51 6.33 6.76 22.91
C GLY A 51 7.06 5.66 22.16
N ARG A 52 7.12 5.83 20.84
CA ARG A 52 7.80 4.86 19.99
C ARG A 52 7.71 5.30 18.53
N GLU A 53 8.57 4.69 17.72
CA GLU A 53 8.59 5.00 16.30
C GLU A 53 7.53 4.18 15.55
N ASP A 54 6.87 3.31 16.31
CA ASP A 54 5.83 2.46 15.73
C ASP A 54 6.48 1.43 14.82
N SER A 55 7.15 1.93 13.79
CA SER A 55 7.82 1.06 12.83
C SER A 55 6.77 0.32 11.99
N LEU A 56 6.65 0.73 10.74
CA LEU A 56 5.70 0.12 9.83
C LEU A 56 6.46 -0.45 8.63
N ILE A 57 5.99 -1.61 8.17
CA ILE A 57 6.62 -2.26 7.03
C ILE A 57 5.57 -2.43 5.92
N LEU A 58 6.05 -2.36 4.69
CA LEU A 58 5.18 -2.51 3.54
C LEU A 58 5.10 -3.98 3.14
N VAL A 59 3.95 -4.36 2.61
CA VAL A 59 3.74 -5.73 2.18
C VAL A 59 2.75 -5.76 1.01
N ALA A 60 3.12 -6.49 -0.02
CA ALA A 60 2.27 -6.60 -1.20
C ALA A 60 1.44 -7.89 -1.10
N VAL A 61 0.12 -7.71 -1.13
CA VAL A 61 -0.78 -8.84 -1.04
C VAL A 61 -1.58 -8.94 -2.35
N SER A 62 -1.69 -10.17 -2.83
CA SER A 62 -2.42 -10.42 -4.07
C SER A 62 -3.78 -11.07 -3.75
N SER A 63 -4.63 -11.10 -4.76
CA SER A 63 -5.95 -11.69 -4.61
C SER A 63 -5.83 -13.21 -4.48
N SER A 64 -5.22 -13.64 -3.40
CA SER A 64 -5.04 -15.06 -3.15
C SER A 64 -4.45 -15.28 -1.76
N GLY A 65 -3.53 -14.41 -1.40
CA GLY A 65 -2.88 -14.49 -0.09
C GLY A 65 -1.37 -14.61 -0.24
N GLU A 66 -0.83 -13.85 -1.19
CA GLU A 66 0.59 -13.86 -1.44
C GLU A 66 1.23 -12.56 -0.94
N LYS A 67 1.77 -12.63 0.27
CA LYS A 67 2.42 -11.48 0.86
C LYS A 67 3.88 -11.42 0.42
N VAL A 68 4.35 -10.20 0.23
CA VAL A 68 5.73 -9.99 -0.20
C VAL A 68 6.31 -8.79 0.55
N LEU A 69 6.90 -9.07 1.69
CA LEU A 69 7.51 -8.02 2.51
C LEU A 69 8.44 -7.19 1.64
N LEU A 70 8.03 -5.96 1.39
CA LEU A 70 8.82 -5.05 0.58
C LEU A 70 9.90 -4.41 1.45
N GLN A 71 10.74 -3.61 0.80
CA GLN A 71 11.83 -2.93 1.50
C GLN A 71 11.79 -1.43 1.21
N PRO A 72 12.32 -0.64 2.18
CA PRO A 72 12.35 0.81 2.03
C PRO A 72 13.43 1.23 1.04
N THR A 73 14.12 0.24 0.49
CA THR A 73 15.19 0.49 -0.46
C THR A 73 14.83 -0.12 -1.82
N GLU A 74 13.56 0.02 -2.19
CA GLU A 74 13.09 -0.50 -3.45
C GLU A 74 13.38 0.48 -4.59
N ASP A 75 12.90 0.13 -5.77
CA ASP A 75 13.10 0.97 -6.94
C ASP A 75 11.77 1.13 -7.69
N CYS A 76 11.37 0.04 -8.33
CA CYS A 76 10.13 0.04 -9.08
C CYS A 76 9.10 -0.78 -8.30
N VAL A 77 8.27 -0.07 -7.55
CA VAL A 77 7.25 -0.71 -6.75
C VAL A 77 5.93 -0.71 -7.53
N PHE A 78 5.35 0.49 -7.64
CA PHE A 78 4.09 0.63 -8.36
C PHE A 78 4.05 -0.26 -9.60
N THR A 79 5.23 -0.49 -10.16
CA THR A 79 5.34 -1.33 -11.35
C THR A 79 5.42 -2.81 -10.95
N ALA A 80 6.34 -3.10 -10.05
CA ALA A 80 6.54 -4.46 -9.58
C ALA A 80 5.18 -5.03 -9.17
N LEU A 81 4.43 -4.23 -8.43
CA LEU A 81 3.12 -4.65 -7.97
C LEU A 81 2.41 -5.44 -9.07
N GLY A 82 1.67 -6.45 -8.65
CA GLY A 82 0.94 -7.29 -9.59
C GLY A 82 -0.29 -6.56 -10.14
N ILE A 83 -1.16 -7.33 -10.78
CA ILE A 83 -2.38 -6.77 -11.35
C ILE A 83 -3.40 -6.54 -10.23
N ASN A 84 -3.60 -7.58 -9.44
CA ASN A 84 -4.54 -7.50 -8.33
C ASN A 84 -3.78 -7.63 -7.01
N SER A 85 -2.84 -6.73 -6.82
CA SER A 85 -2.04 -6.73 -5.60
C SER A 85 -2.18 -5.39 -4.88
N HIS A 86 -2.47 -5.48 -3.58
CA HIS A 86 -2.64 -4.29 -2.77
C HIS A 86 -1.46 -4.15 -1.82
N LEU A 87 -1.06 -2.90 -1.60
CA LEU A 87 0.06 -2.62 -0.71
C LEU A 87 -0.46 -2.48 0.73
N PHE A 88 0.06 -3.34 1.59
CA PHE A 88 -0.34 -3.32 2.99
C PHE A 88 0.82 -2.88 3.89
N ALA A 89 0.55 -1.86 4.68
CA ALA A 89 1.56 -1.33 5.59
C ALA A 89 1.04 -1.41 7.02
N CYS A 90 1.71 -2.25 7.81
CA CYS A 90 1.33 -2.43 9.20
C CYS A 90 2.54 -2.96 9.96
N THR A 91 2.36 -3.10 11.27
CA THR A 91 3.43 -3.59 12.13
C THR A 91 3.77 -5.05 11.77
N ARG A 92 5.01 -5.43 12.08
CA ARG A 92 5.46 -6.77 11.80
C ARG A 92 4.54 -7.80 12.49
N ASP A 93 4.01 -7.40 13.63
CA ASP A 93 3.12 -8.26 14.39
C ASP A 93 1.73 -8.23 13.76
N SER A 94 1.61 -7.45 12.70
CA SER A 94 0.35 -7.32 12.01
C SER A 94 0.49 -7.78 10.55
N TYR A 95 1.74 -8.07 10.19
CA TYR A 95 2.04 -8.51 8.84
C TYR A 95 1.29 -9.81 8.51
N GLU A 96 1.24 -10.69 9.50
CA GLU A 96 0.56 -11.96 9.33
C GLU A 96 -0.96 -11.78 9.50
N ALA A 97 -1.32 -10.63 10.02
CA ALA A 97 -2.73 -10.32 10.24
C ALA A 97 -3.31 -9.67 8.98
N LEU A 98 -2.44 -9.46 8.00
CA LEU A 98 -2.85 -8.86 6.75
C LEU A 98 -3.72 -9.85 5.97
N VAL A 99 -4.69 -9.29 5.24
CA VAL A 99 -5.59 -10.11 4.46
C VAL A 99 -5.82 -9.45 3.10
N PRO A 100 -5.94 -10.31 2.05
CA PRO A 100 -6.16 -9.83 0.70
C PRO A 100 -7.60 -9.35 0.52
N LEU A 101 -7.74 -8.17 -0.08
CA LEU A 101 -9.05 -7.60 -0.32
C LEU A 101 -9.89 -8.60 -1.12
N PRO A 102 -11.23 -8.36 -1.10
CA PRO A 102 -12.17 -9.22 -1.80
C PRO A 102 -12.12 -8.94 -3.31
N GLU A 103 -13.16 -9.39 -3.99
CA GLU A 103 -13.25 -9.20 -5.42
C GLU A 103 -14.70 -8.93 -5.84
N GLU A 104 -14.97 -7.66 -6.11
CA GLU A 104 -16.30 -7.25 -6.52
C GLU A 104 -16.26 -5.89 -7.21
N ILE A 105 -17.44 -5.37 -7.51
CA ILE A 105 -17.54 -4.08 -8.17
C ILE A 105 -17.97 -3.02 -7.15
N GLN A 106 -17.37 -3.09 -5.99
CA GLN A 106 -17.68 -2.14 -4.92
C GLN A 106 -16.42 -1.83 -4.10
N VAL A 107 -15.98 -0.59 -4.23
CA VAL A 107 -14.79 -0.15 -3.52
C VAL A 107 -13.60 -0.99 -3.95
N SER A 108 -13.54 -1.26 -5.24
CA SER A 108 -12.46 -2.05 -5.80
C SER A 108 -11.70 -1.23 -6.85
N PRO A 109 -10.39 -1.58 -7.01
CA PRO A 109 -9.54 -0.89 -7.97
C PRO A 109 -9.86 -1.32 -9.40
N GLY A 110 -10.36 -2.55 -9.50
CA GLY A 110 -10.72 -3.10 -10.80
C GLY A 110 -10.35 -4.58 -10.88
N ASP A 111 -11.33 -5.42 -10.57
CA ASP A 111 -11.12 -6.86 -10.61
C ASP A 111 -12.38 -7.56 -10.08
N THR A 112 -12.91 -8.45 -10.91
CA THR A 112 -14.11 -9.19 -10.54
C THR A 112 -14.07 -10.60 -11.14
N GLU A 113 -14.01 -11.59 -10.25
CA GLU A 113 -13.97 -12.98 -10.68
C GLU A 113 -13.74 -13.90 -9.49
N ILE A 114 -13.88 -15.19 -9.74
CA ILE A 114 -13.70 -16.19 -8.70
C ILE A 114 -14.84 -16.06 -7.68
N SER A 115 -14.69 -15.11 -6.77
CA SER A 115 -15.69 -14.88 -5.75
C SER A 115 -17.05 -14.56 -6.40
N GLY A 116 -18.10 -14.83 -5.65
CA GLY A 116 -19.45 -14.57 -6.13
C GLY A 116 -20.37 -14.15 -5.00
N PRO A 117 -20.95 -15.17 -4.31
CA PRO A 117 -21.86 -14.91 -3.21
C PRO A 117 -21.09 -14.48 -1.96
N SER A 118 -21.68 -13.53 -1.24
CA SER A 118 -21.05 -13.03 -0.03
C SER A 118 -22.11 -12.84 1.06
N SER A 119 -21.68 -13.01 2.30
CA SER A 119 -22.57 -12.87 3.43
C SER A 119 -22.23 -11.60 4.21
N GLY A 120 -21.00 -11.53 4.68
CA GLY A 120 -20.54 -10.38 5.42
C GLY A 120 -20.21 -10.76 6.88
N GLY A 1 18.77 23.28 -18.81
CA GLY A 1 17.48 23.27 -19.49
C GLY A 1 16.38 22.77 -18.55
N SER A 2 15.96 21.53 -18.78
CA SER A 2 14.92 20.93 -17.98
C SER A 2 13.79 21.93 -17.76
N SER A 3 12.85 21.93 -18.69
CA SER A 3 11.71 22.83 -18.61
C SER A 3 10.44 22.04 -18.28
N GLY A 4 10.08 21.15 -19.18
CA GLY A 4 8.90 20.32 -18.99
C GLY A 4 9.00 19.50 -17.70
N SER A 5 7.87 18.98 -17.27
CA SER A 5 7.81 18.17 -16.07
C SER A 5 8.57 16.87 -16.28
N SER A 6 9.20 16.39 -15.21
CA SER A 6 9.96 15.16 -15.27
C SER A 6 9.43 14.17 -14.24
N GLY A 7 9.21 12.95 -14.70
CA GLY A 7 8.71 11.90 -13.83
C GLY A 7 7.23 11.62 -14.12
N ASP A 8 6.73 10.54 -13.52
CA ASP A 8 5.34 10.16 -13.70
C ASP A 8 4.69 9.92 -12.35
N GLU A 9 4.20 11.01 -11.77
CA GLU A 9 3.56 10.94 -10.47
C GLU A 9 2.29 10.09 -10.54
N ILE A 10 2.00 9.42 -9.44
CA ILE A 10 0.82 8.57 -9.37
C ILE A 10 0.24 8.63 -7.95
N PHE A 11 -0.88 7.95 -7.78
CA PHE A 11 -1.56 7.91 -6.50
C PHE A 11 -1.48 6.51 -5.87
N CYS A 12 -0.56 6.37 -4.93
CA CYS A 12 -0.38 5.10 -4.25
C CYS A 12 -1.41 5.01 -3.12
N ARG A 13 -1.80 3.78 -2.83
CA ARG A 13 -2.78 3.54 -1.77
C ARG A 13 -2.34 2.34 -0.91
N VAL A 14 -2.05 2.63 0.35
CA VAL A 14 -1.62 1.60 1.28
C VAL A 14 -2.85 1.01 1.96
N TYR A 15 -3.20 -0.21 1.56
CA TYR A 15 -4.35 -0.89 2.13
C TYR A 15 -4.04 -1.37 3.55
N MET A 16 -4.84 -0.88 4.49
CA MET A 16 -4.67 -1.27 5.88
C MET A 16 -5.14 -2.71 6.12
N PRO A 17 -4.75 -3.25 7.31
CA PRO A 17 -5.12 -4.61 7.67
C PRO A 17 -6.60 -4.68 8.07
N ASP A 18 -7.19 -3.50 8.24
CA ASP A 18 -8.59 -3.43 8.63
C ASP A 18 -9.43 -2.98 7.42
N HIS A 19 -8.78 -2.99 6.26
CA HIS A 19 -9.44 -2.59 5.03
C HIS A 19 -9.77 -1.09 5.09
N SER A 20 -8.76 -0.29 4.77
CA SER A 20 -8.93 1.15 4.77
C SER A 20 -7.65 1.83 4.28
N TYR A 21 -7.54 1.95 2.96
CA TYR A 21 -6.38 2.57 2.37
C TYR A 21 -6.56 4.09 2.27
N VAL A 22 -5.53 4.75 1.76
CA VAL A 22 -5.55 6.19 1.60
C VAL A 22 -5.02 6.56 0.22
N THR A 23 -5.14 7.84 -0.10
CA THR A 23 -4.68 8.34 -1.38
C THR A 23 -3.45 9.24 -1.21
N ILE A 24 -2.31 8.74 -1.67
CA ILE A 24 -1.07 9.48 -1.56
C ILE A 24 -0.44 9.61 -2.95
N ARG A 25 0.09 10.80 -3.21
CA ARG A 25 0.73 11.06 -4.48
C ARG A 25 2.24 10.88 -4.37
N SER A 26 2.74 9.90 -5.12
CA SER A 26 4.17 9.61 -5.11
C SER A 26 4.68 9.49 -6.54
N ARG A 27 6.01 9.47 -6.67
CA ARG A 27 6.64 9.36 -7.98
C ARG A 27 6.94 7.89 -8.28
N LEU A 28 6.82 7.55 -9.56
CA LEU A 28 7.08 6.19 -9.99
C LEU A 28 8.54 5.83 -9.70
N SER A 29 9.33 6.88 -9.45
CA SER A 29 10.74 6.69 -9.15
C SER A 29 10.98 6.84 -7.65
N ALA A 30 9.95 6.53 -6.88
CA ALA A 30 10.03 6.63 -5.43
C ALA A 30 10.28 5.24 -4.84
N SER A 31 10.48 5.21 -3.53
CA SER A 31 10.72 3.96 -2.84
C SER A 31 9.64 3.73 -1.78
N VAL A 32 9.67 2.55 -1.19
CA VAL A 32 8.72 2.19 -0.17
C VAL A 32 8.70 3.27 0.91
N GLN A 33 9.90 3.61 1.38
CA GLN A 33 10.02 4.63 2.41
C GLN A 33 9.22 5.88 2.03
N ASP A 34 9.60 6.46 0.90
CA ASP A 34 8.92 7.65 0.42
C ASP A 34 7.42 7.51 0.66
N ILE A 35 6.85 6.48 0.07
CA ILE A 35 5.43 6.23 0.21
C ILE A 35 5.05 6.28 1.70
N LEU A 36 5.65 5.38 2.46
CA LEU A 36 5.40 5.32 3.90
C LEU A 36 5.28 6.74 4.45
N GLY A 37 6.33 7.52 4.22
CA GLY A 37 6.36 8.88 4.70
C GLY A 37 5.07 9.63 4.34
N SER A 38 4.64 9.42 3.10
CA SER A 38 3.42 10.06 2.63
C SER A 38 2.21 9.45 3.32
N VAL A 39 2.16 8.12 3.31
CA VAL A 39 1.05 7.41 3.93
C VAL A 39 0.96 7.82 5.40
N THR A 40 2.08 7.69 6.10
CA THR A 40 2.13 8.05 7.50
C THR A 40 1.20 9.22 7.79
N GLU A 41 1.43 10.31 7.06
CA GLU A 41 0.63 11.51 7.22
C GLU A 41 -0.86 11.13 7.34
N LYS A 42 -1.33 10.38 6.37
CA LYS A 42 -2.71 9.95 6.34
C LYS A 42 -3.08 9.34 7.71
N LEU A 43 -2.15 8.56 8.24
CA LEU A 43 -2.35 7.92 9.52
C LEU A 43 -2.38 8.99 10.62
N GLN A 44 -2.40 8.52 11.85
CA GLN A 44 -2.43 9.41 13.00
C GLN A 44 -1.67 8.80 14.17
N TYR A 45 -0.44 9.28 14.36
CA TYR A 45 0.39 8.80 15.44
C TYR A 45 0.68 9.91 16.45
N SER A 46 -0.01 9.84 17.58
CA SER A 46 0.17 10.82 18.63
C SER A 46 -0.42 10.29 19.94
N GLU A 47 0.01 9.08 20.29
CA GLU A 47 -0.45 8.46 21.52
C GLU A 47 0.71 7.78 22.23
N GLU A 48 1.91 8.25 21.94
CA GLU A 48 3.11 7.70 22.55
C GLU A 48 3.93 8.80 23.21
N PRO A 49 4.91 8.37 24.05
CA PRO A 49 5.78 9.31 24.75
C PRO A 49 6.81 9.91 23.79
N ALA A 50 6.72 9.49 22.53
CA ALA A 50 7.64 9.97 21.51
C ALA A 50 9.04 9.40 21.78
N GLY A 51 9.76 9.16 20.69
CA GLY A 51 11.09 8.60 20.79
C GLY A 51 11.08 7.08 20.61
N ARG A 52 10.12 6.45 21.25
CA ARG A 52 9.98 5.00 21.17
C ARG A 52 9.84 4.57 19.71
N GLU A 53 8.83 5.13 19.05
CA GLU A 53 8.57 4.81 17.66
C GLU A 53 8.06 3.37 17.54
N ASP A 54 7.63 3.04 16.32
CA ASP A 54 7.13 1.70 16.05
C ASP A 54 7.64 1.22 14.69
N SER A 55 7.53 2.10 13.71
CA SER A 55 7.98 1.80 12.36
C SER A 55 7.13 0.67 11.78
N LEU A 56 6.56 0.95 10.63
CA LEU A 56 5.72 -0.03 9.95
C LEU A 56 6.46 -0.57 8.72
N ILE A 57 6.05 -1.75 8.29
CA ILE A 57 6.66 -2.38 7.13
C ILE A 57 5.61 -2.54 6.03
N LEU A 58 6.05 -2.35 4.80
CA LEU A 58 5.16 -2.46 3.65
C LEU A 58 5.16 -3.91 3.17
N VAL A 59 3.99 -4.33 2.68
CA VAL A 59 3.83 -5.69 2.18
C VAL A 59 2.84 -5.69 1.02
N ALA A 60 3.17 -6.49 0.01
CA ALA A 60 2.32 -6.58 -1.16
C ALA A 60 1.44 -7.84 -1.05
N VAL A 61 0.14 -7.61 -1.08
CA VAL A 61 -0.81 -8.71 -0.98
C VAL A 61 -1.60 -8.80 -2.29
N SER A 62 -1.74 -10.03 -2.77
CA SER A 62 -2.47 -10.29 -3.99
C SER A 62 -3.81 -10.96 -3.69
N SER A 63 -4.68 -10.97 -4.69
CA SER A 63 -5.99 -11.58 -4.54
C SER A 63 -5.85 -13.10 -4.43
N SER A 64 -5.25 -13.53 -3.33
CA SER A 64 -5.05 -14.94 -3.09
C SER A 64 -4.42 -15.16 -1.71
N GLY A 65 -3.52 -14.26 -1.36
CA GLY A 65 -2.85 -14.34 -0.07
C GLY A 65 -1.33 -14.44 -0.26
N GLU A 66 -0.85 -13.75 -1.27
CA GLU A 66 0.58 -13.75 -1.57
C GLU A 66 1.23 -12.49 -1.02
N LYS A 67 1.80 -12.63 0.18
CA LYS A 67 2.46 -11.51 0.83
C LYS A 67 3.93 -11.47 0.40
N VAL A 68 4.41 -10.27 0.15
CA VAL A 68 5.79 -10.08 -0.26
C VAL A 68 6.38 -8.88 0.47
N LEU A 69 6.94 -9.15 1.64
CA LEU A 69 7.54 -8.11 2.45
C LEU A 69 8.47 -7.26 1.57
N LEU A 70 8.05 -6.03 1.33
CA LEU A 70 8.83 -5.12 0.52
C LEU A 70 9.95 -4.51 1.35
N GLN A 71 10.74 -3.66 0.71
CA GLN A 71 11.85 -3.01 1.39
C GLN A 71 11.87 -1.52 1.06
N PRO A 72 12.48 -0.73 2.00
CA PRO A 72 12.57 0.70 1.82
C PRO A 72 13.64 1.06 0.79
N THR A 73 14.27 0.02 0.26
CA THR A 73 15.31 0.20 -0.74
C THR A 73 14.90 -0.44 -2.07
N GLU A 74 13.64 -0.22 -2.43
CA GLU A 74 13.11 -0.77 -3.67
C GLU A 74 13.43 0.16 -4.84
N ASP A 75 12.90 -0.21 -5.99
CA ASP A 75 13.11 0.59 -7.19
C ASP A 75 11.76 0.84 -7.88
N CYS A 76 11.22 -0.22 -8.44
CA CYS A 76 9.94 -0.14 -9.13
C CYS A 76 8.91 -0.93 -8.33
N VAL A 77 8.15 -0.20 -7.52
CA VAL A 77 7.13 -0.81 -6.69
C VAL A 77 5.78 -0.73 -7.41
N PHE A 78 5.32 0.49 -7.60
CA PHE A 78 4.05 0.71 -8.28
C PHE A 78 3.90 -0.21 -9.49
N THR A 79 5.05 -0.57 -10.06
CA THR A 79 5.06 -1.44 -11.22
C THR A 79 5.15 -2.90 -10.79
N ALA A 80 6.12 -3.17 -9.94
CA ALA A 80 6.33 -4.52 -9.44
C ALA A 80 4.98 -5.13 -9.03
N LEU A 81 4.20 -4.31 -8.33
CA LEU A 81 2.89 -4.75 -7.87
C LEU A 81 2.19 -5.50 -9.00
N GLY A 82 1.49 -6.56 -8.63
CA GLY A 82 0.77 -7.37 -9.59
C GLY A 82 -0.39 -6.58 -10.21
N ILE A 83 -1.40 -7.33 -10.65
CA ILE A 83 -2.57 -6.70 -11.26
C ILE A 83 -3.56 -6.32 -10.15
N ASN A 84 -3.94 -7.31 -9.37
CA ASN A 84 -4.88 -7.08 -8.28
C ASN A 84 -4.15 -7.23 -6.94
N SER A 85 -2.99 -6.59 -6.88
CA SER A 85 -2.17 -6.64 -5.67
C SER A 85 -2.25 -5.29 -4.94
N HIS A 86 -2.58 -5.37 -3.66
CA HIS A 86 -2.68 -4.17 -2.85
C HIS A 86 -1.52 -4.12 -1.86
N LEU A 87 -1.08 -2.89 -1.57
CA LEU A 87 0.02 -2.69 -0.65
C LEU A 87 -0.52 -2.59 0.78
N PHE A 88 0.19 -3.24 1.69
CA PHE A 88 -0.22 -3.24 3.09
C PHE A 88 0.96 -2.84 3.99
N ALA A 89 0.74 -1.77 4.76
CA ALA A 89 1.76 -1.28 5.66
C ALA A 89 1.32 -1.52 7.10
N CYS A 90 2.07 -2.38 7.78
CA CYS A 90 1.76 -2.71 9.16
C CYS A 90 3.03 -3.27 9.82
N THR A 91 2.94 -3.49 11.11
CA THR A 91 4.06 -4.03 11.86
C THR A 91 4.34 -5.48 11.45
N ARG A 92 5.39 -6.04 12.03
CA ARG A 92 5.78 -7.40 11.72
C ARG A 92 4.86 -8.39 12.45
N ASP A 93 4.14 -7.87 13.43
CA ASP A 93 3.23 -8.68 14.20
C ASP A 93 1.83 -8.63 13.56
N SER A 94 1.69 -7.74 12.59
CA SER A 94 0.43 -7.58 11.91
C SER A 94 0.56 -8.08 10.46
N TYR A 95 1.80 -8.15 10.00
CA TYR A 95 2.08 -8.60 8.64
C TYR A 95 1.24 -9.83 8.30
N GLU A 96 1.18 -10.76 9.23
CA GLU A 96 0.41 -11.98 9.04
C GLU A 96 -1.07 -11.70 9.22
N ALA A 97 -1.37 -10.70 10.03
CA ALA A 97 -2.75 -10.32 10.29
C ALA A 97 -3.34 -9.68 9.03
N LEU A 98 -2.47 -9.45 8.06
CA LEU A 98 -2.90 -8.84 6.80
C LEU A 98 -3.79 -9.83 6.05
N VAL A 99 -4.70 -9.26 5.26
CA VAL A 99 -5.63 -10.06 4.49
C VAL A 99 -5.79 -9.44 3.10
N PRO A 100 -5.92 -10.32 2.07
CA PRO A 100 -6.10 -9.87 0.71
C PRO A 100 -7.51 -9.34 0.48
N LEU A 101 -7.59 -8.15 -0.08
CA LEU A 101 -8.86 -7.52 -0.36
C LEU A 101 -9.75 -8.50 -1.14
N PRO A 102 -11.07 -8.20 -1.15
CA PRO A 102 -12.02 -9.03 -1.85
C PRO A 102 -11.93 -8.84 -3.37
N GLU A 103 -12.97 -9.27 -4.06
CA GLU A 103 -13.01 -9.14 -5.51
C GLU A 103 -14.45 -9.00 -5.99
N GLU A 104 -14.91 -7.75 -6.01
CA GLU A 104 -16.27 -7.46 -6.44
C GLU A 104 -16.26 -6.37 -7.51
N ILE A 105 -17.46 -5.90 -7.86
CA ILE A 105 -17.59 -4.86 -8.85
C ILE A 105 -18.02 -3.56 -8.18
N GLN A 106 -17.27 -3.20 -7.15
CA GLN A 106 -17.56 -1.98 -6.39
C GLN A 106 -16.61 -1.85 -5.21
N VAL A 107 -15.33 -2.08 -5.49
CA VAL A 107 -14.31 -1.99 -4.46
C VAL A 107 -12.93 -1.99 -5.11
N SER A 108 -12.09 -1.08 -4.64
CA SER A 108 -10.74 -0.96 -5.17
C SER A 108 -10.74 -0.11 -6.45
N PRO A 109 -9.55 0.45 -6.76
CA PRO A 109 -9.40 1.29 -7.95
C PRO A 109 -9.39 0.43 -9.22
N GLY A 110 -10.58 0.18 -9.74
CA GLY A 110 -10.72 -0.61 -10.95
C GLY A 110 -12.19 -0.69 -11.38
N ASP A 111 -12.46 -1.64 -12.27
CA ASP A 111 -13.81 -1.83 -12.77
C ASP A 111 -13.94 -3.26 -13.33
N THR A 112 -13.12 -3.55 -14.32
CA THR A 112 -13.13 -4.86 -14.95
C THR A 112 -12.95 -5.95 -13.89
N GLU A 113 -13.93 -6.85 -13.84
CA GLU A 113 -13.88 -7.94 -12.88
C GLU A 113 -15.04 -8.91 -13.14
N ILE A 114 -14.95 -10.07 -12.51
CA ILE A 114 -15.98 -11.09 -12.65
C ILE A 114 -16.70 -11.27 -11.31
N SER A 115 -15.95 -11.73 -10.33
CA SER A 115 -16.50 -11.97 -9.00
C SER A 115 -15.42 -12.51 -8.07
N GLY A 116 -15.78 -12.60 -6.80
CA GLY A 116 -14.85 -13.10 -5.79
C GLY A 116 -15.50 -14.19 -4.94
N PRO A 117 -14.63 -15.05 -4.34
CA PRO A 117 -15.11 -16.12 -3.50
C PRO A 117 -15.57 -15.60 -2.14
N SER A 118 -16.51 -14.66 -2.20
CA SER A 118 -17.05 -14.07 -0.98
C SER A 118 -15.93 -13.86 0.04
N SER A 119 -15.06 -12.92 -0.28
CA SER A 119 -13.94 -12.61 0.60
C SER A 119 -13.25 -13.90 1.04
N GLY A 120 -12.31 -14.34 0.22
CA GLY A 120 -11.58 -15.56 0.52
C GLY A 120 -12.13 -16.75 -0.28
N GLY A 1 5.73 26.72 -19.73
CA GLY A 1 5.44 25.85 -18.60
C GLY A 1 4.83 24.54 -19.08
N SER A 2 5.03 23.50 -18.28
CA SER A 2 4.51 22.18 -18.61
C SER A 2 4.72 21.23 -17.44
N SER A 3 5.99 21.07 -17.08
CA SER A 3 6.35 20.19 -15.98
C SER A 3 7.87 20.21 -15.76
N GLY A 4 8.59 19.89 -16.83
CA GLY A 4 10.04 19.88 -16.76
C GLY A 4 10.61 18.78 -17.66
N SER A 5 11.41 17.92 -17.06
CA SER A 5 12.02 16.82 -17.79
C SER A 5 11.41 15.49 -17.35
N SER A 6 10.44 15.03 -18.15
CA SER A 6 9.77 13.77 -17.86
C SER A 6 9.02 13.88 -16.53
N GLY A 7 7.97 13.08 -16.42
CA GLY A 7 7.16 13.07 -15.22
C GLY A 7 6.07 12.00 -15.29
N ASP A 8 6.01 11.19 -14.25
CA ASP A 8 5.03 10.11 -14.18
C ASP A 8 4.50 10.00 -12.75
N GLU A 9 3.60 10.92 -12.40
CA GLU A 9 3.03 10.94 -11.08
C GLU A 9 1.85 9.95 -11.00
N ILE A 10 1.66 9.39 -9.82
CA ILE A 10 0.59 8.44 -9.60
C ILE A 10 0.07 8.57 -8.16
N PHE A 11 -0.95 7.80 -7.86
CA PHE A 11 -1.55 7.82 -6.54
C PHE A 11 -1.42 6.46 -5.85
N CYS A 12 -0.45 6.38 -4.95
CA CYS A 12 -0.20 5.15 -4.22
C CYS A 12 -1.22 5.05 -3.09
N ARG A 13 -1.62 3.82 -2.79
CA ARG A 13 -2.58 3.58 -1.74
C ARG A 13 -2.14 2.39 -0.88
N VAL A 14 -1.93 2.67 0.40
CA VAL A 14 -1.51 1.64 1.34
C VAL A 14 -2.74 1.08 2.05
N TYR A 15 -3.11 -0.13 1.66
CA TYR A 15 -4.26 -0.79 2.26
C TYR A 15 -3.92 -1.33 3.66
N MET A 16 -4.68 -0.87 4.63
CA MET A 16 -4.48 -1.28 6.00
C MET A 16 -4.96 -2.73 6.21
N PRO A 17 -4.50 -3.32 7.35
CA PRO A 17 -4.88 -4.68 7.68
C PRO A 17 -6.32 -4.76 8.17
N ASP A 18 -6.99 -3.63 8.12
CA ASP A 18 -8.38 -3.54 8.55
C ASP A 18 -9.23 -3.02 7.40
N HIS A 19 -8.63 -2.98 6.22
CA HIS A 19 -9.33 -2.51 5.04
C HIS A 19 -9.63 -1.02 5.18
N SER A 20 -8.63 -0.20 4.87
CA SER A 20 -8.78 1.24 4.96
C SER A 20 -7.50 1.92 4.45
N TYR A 21 -7.41 2.03 3.13
CA TYR A 21 -6.26 2.66 2.50
C TYR A 21 -6.47 4.17 2.39
N VAL A 22 -5.45 4.83 1.85
CA VAL A 22 -5.50 6.27 1.67
C VAL A 22 -4.96 6.63 0.29
N THR A 23 -5.17 7.89 -0.08
CA THR A 23 -4.71 8.36 -1.37
C THR A 23 -3.52 9.32 -1.20
N ILE A 24 -2.39 8.91 -1.73
CA ILE A 24 -1.18 9.71 -1.65
C ILE A 24 -0.58 9.88 -3.04
N ARG A 25 -0.18 11.11 -3.33
CA ARG A 25 0.42 11.42 -4.62
C ARG A 25 1.93 11.15 -4.59
N SER A 26 2.33 10.12 -5.33
CA SER A 26 3.72 9.74 -5.40
C SER A 26 4.15 9.54 -6.85
N ARG A 27 5.45 9.52 -7.07
CA ARG A 27 5.99 9.33 -8.40
C ARG A 27 6.51 7.90 -8.57
N LEU A 28 6.89 7.59 -9.80
CA LEU A 28 7.39 6.26 -10.11
C LEU A 28 8.92 6.26 -9.93
N SER A 29 9.37 6.93 -8.88
CA SER A 29 10.79 7.00 -8.59
C SER A 29 11.03 6.75 -7.10
N ALA A 30 10.21 7.40 -6.29
CA ALA A 30 10.32 7.26 -4.84
C ALA A 30 10.40 5.78 -4.49
N SER A 31 10.57 5.53 -3.20
CA SER A 31 10.66 4.16 -2.71
C SER A 31 9.62 3.92 -1.62
N VAL A 32 9.59 2.69 -1.13
CA VAL A 32 8.65 2.32 -0.09
C VAL A 32 8.72 3.35 1.05
N GLN A 33 9.92 3.52 1.57
CA GLN A 33 10.14 4.46 2.66
C GLN A 33 9.36 5.76 2.39
N ASP A 34 9.49 6.25 1.17
CA ASP A 34 8.81 7.47 0.79
C ASP A 34 7.32 7.33 1.05
N ILE A 35 6.71 6.37 0.36
CA ILE A 35 5.29 6.11 0.52
C ILE A 35 4.94 6.05 2.02
N LEU A 36 5.66 5.18 2.71
CA LEU A 36 5.45 5.01 4.13
C LEU A 36 5.33 6.38 4.80
N GLY A 37 6.33 7.21 4.56
CA GLY A 37 6.35 8.55 5.12
C GLY A 37 5.10 9.34 4.70
N SER A 38 4.87 9.33 3.39
CA SER A 38 3.72 10.04 2.85
C SER A 38 2.43 9.53 3.48
N VAL A 39 2.27 8.21 3.42
CA VAL A 39 1.08 7.58 3.98
C VAL A 39 1.01 7.89 5.48
N THR A 40 2.12 7.65 6.16
CA THR A 40 2.19 7.89 7.59
C THR A 40 1.62 9.27 7.92
N GLU A 41 1.72 10.17 6.94
CA GLU A 41 1.22 11.52 7.11
C GLU A 41 -0.31 11.53 7.06
N LYS A 42 -0.84 10.67 6.21
CA LYS A 42 -2.28 10.57 6.06
C LYS A 42 -2.89 9.96 7.32
N LEU A 43 -2.14 9.02 7.90
CA LEU A 43 -2.59 8.35 9.10
C LEU A 43 -3.03 9.38 10.14
N GLN A 44 -4.06 9.03 10.88
CA GLN A 44 -4.57 9.92 11.91
C GLN A 44 -3.42 10.51 12.74
N TYR A 45 -2.33 9.76 12.76
CA TYR A 45 -1.16 10.21 13.51
C TYR A 45 -0.81 11.66 13.19
N SER A 46 -1.12 12.53 14.13
CA SER A 46 -0.86 13.95 13.96
C SER A 46 -0.71 14.62 15.32
N GLU A 47 -1.83 14.68 16.04
CA GLU A 47 -1.84 15.30 17.36
C GLU A 47 -2.34 14.30 18.40
N GLU A 48 -1.66 13.15 18.46
CA GLU A 48 -2.03 12.12 19.40
C GLU A 48 -0.80 11.59 20.12
N PRO A 49 -1.04 10.84 21.23
CA PRO A 49 0.04 10.27 22.02
C PRO A 49 0.67 9.08 21.30
N ALA A 50 0.14 8.78 20.12
CA ALA A 50 0.63 7.67 19.33
C ALA A 50 1.00 8.17 17.93
N GLY A 51 1.64 7.29 17.17
CA GLY A 51 2.05 7.62 15.82
C GLY A 51 3.47 7.11 15.54
N ARG A 52 4.37 7.43 16.44
CA ARG A 52 5.75 7.01 16.29
C ARG A 52 5.82 5.55 15.86
N GLU A 53 5.19 4.70 16.66
CA GLU A 53 5.17 3.27 16.37
C GLU A 53 6.59 2.70 16.41
N ASP A 54 6.68 1.41 16.71
CA ASP A 54 7.96 0.74 16.78
C ASP A 54 8.59 0.72 15.39
N SER A 55 7.77 0.37 14.40
CA SER A 55 8.24 0.31 13.03
C SER A 55 7.20 -0.37 12.15
N LEU A 56 6.96 0.23 10.99
CA LEU A 56 5.99 -0.31 10.05
C LEU A 56 6.73 -0.95 8.87
N ILE A 57 6.07 -1.93 8.27
CA ILE A 57 6.64 -2.63 7.13
C ILE A 57 5.60 -2.74 6.02
N LEU A 58 6.06 -2.56 4.80
CA LEU A 58 5.17 -2.64 3.64
C LEU A 58 5.12 -4.08 3.15
N VAL A 59 3.93 -4.47 2.70
CA VAL A 59 3.73 -5.83 2.21
C VAL A 59 2.75 -5.79 1.03
N ALA A 60 3.10 -6.53 -0.02
CA ALA A 60 2.26 -6.58 -1.21
C ALA A 60 1.40 -7.85 -1.16
N VAL A 61 0.09 -7.63 -1.19
CA VAL A 61 -0.84 -8.74 -1.15
C VAL A 61 -1.61 -8.80 -2.47
N SER A 62 -1.56 -9.97 -3.10
CA SER A 62 -2.25 -10.17 -4.36
C SER A 62 -3.48 -11.05 -4.16
N SER A 63 -4.36 -11.04 -5.15
CA SER A 63 -5.57 -11.84 -5.10
C SER A 63 -5.22 -13.30 -4.72
N SER A 64 -3.98 -13.66 -4.99
CA SER A 64 -3.51 -15.00 -4.70
C SER A 64 -2.85 -15.03 -3.32
N GLY A 65 -3.30 -14.12 -2.46
CA GLY A 65 -2.78 -14.04 -1.11
C GLY A 65 -1.25 -14.15 -1.11
N GLU A 66 -0.64 -13.49 -2.09
CA GLU A 66 0.81 -13.51 -2.21
C GLU A 66 1.42 -12.32 -1.45
N LYS A 67 1.86 -12.60 -0.24
CA LYS A 67 2.48 -11.57 0.59
C LYS A 67 3.97 -11.47 0.26
N VAL A 68 4.41 -10.24 0.02
CA VAL A 68 5.80 -10.00 -0.29
C VAL A 68 6.31 -8.81 0.52
N LEU A 69 6.92 -9.12 1.66
CA LEU A 69 7.44 -8.09 2.53
C LEU A 69 8.38 -7.18 1.73
N LEU A 70 7.87 -6.01 1.39
CA LEU A 70 8.64 -5.04 0.63
C LEU A 70 9.70 -4.42 1.54
N GLN A 71 10.57 -3.62 0.92
CA GLN A 71 11.63 -2.97 1.66
C GLN A 71 11.68 -1.48 1.30
N PRO A 72 12.24 -0.68 2.25
CA PRO A 72 12.36 0.75 2.04
C PRO A 72 13.47 1.09 1.05
N THR A 73 14.17 0.04 0.62
CA THR A 73 15.26 0.21 -0.32
C THR A 73 14.96 -0.56 -1.61
N GLU A 74 13.75 -0.39 -2.11
CA GLU A 74 13.33 -1.06 -3.33
C GLU A 74 13.74 -0.24 -4.56
N ASP A 75 13.39 -0.75 -5.72
CA ASP A 75 13.71 -0.09 -6.97
C ASP A 75 12.43 0.38 -7.65
N CYS A 76 11.58 -0.60 -7.97
CA CYS A 76 10.32 -0.30 -8.62
C CYS A 76 9.22 -1.07 -7.90
N VAL A 77 8.44 -0.33 -7.11
CA VAL A 77 7.35 -0.94 -6.37
C VAL A 77 6.05 -0.80 -7.16
N PHE A 78 5.63 0.45 -7.34
CA PHE A 78 4.42 0.73 -8.09
C PHE A 78 4.29 -0.18 -9.30
N THR A 79 5.43 -0.49 -9.90
CA THR A 79 5.46 -1.35 -11.06
C THR A 79 5.45 -2.82 -10.63
N ALA A 80 6.40 -3.15 -9.76
CA ALA A 80 6.51 -4.51 -9.27
C ALA A 80 5.12 -5.04 -8.89
N LEU A 81 4.41 -4.23 -8.13
CA LEU A 81 3.08 -4.59 -7.69
C LEU A 81 2.33 -5.26 -8.84
N GLY A 82 1.77 -6.42 -8.54
CA GLY A 82 1.03 -7.17 -9.54
C GLY A 82 -0.18 -6.38 -10.03
N ILE A 83 -1.11 -7.11 -10.63
CA ILE A 83 -2.33 -6.49 -11.14
C ILE A 83 -3.29 -6.23 -9.98
N ASN A 84 -3.70 -7.32 -9.34
CA ASN A 84 -4.62 -7.22 -8.22
C ASN A 84 -3.83 -7.30 -6.91
N SER A 85 -2.77 -6.51 -6.84
CA SER A 85 -1.93 -6.48 -5.65
C SER A 85 -2.05 -5.13 -4.95
N HIS A 86 -2.22 -5.19 -3.64
CA HIS A 86 -2.35 -3.98 -2.84
C HIS A 86 -1.20 -3.90 -1.84
N LEU A 87 -0.78 -2.67 -1.56
CA LEU A 87 0.31 -2.44 -0.63
C LEU A 87 -0.26 -2.34 0.78
N PHE A 88 0.28 -3.16 1.67
CA PHE A 88 -0.16 -3.16 3.05
C PHE A 88 0.99 -2.79 4.00
N ALA A 89 0.74 -1.77 4.80
CA ALA A 89 1.75 -1.31 5.75
C ALA A 89 1.19 -1.44 7.17
N CYS A 90 1.81 -2.33 7.94
CA CYS A 90 1.39 -2.55 9.31
C CYS A 90 2.52 -3.28 10.05
N THR A 91 2.31 -3.49 11.34
CA THR A 91 3.29 -4.16 12.16
C THR A 91 3.54 -5.58 11.64
N ARG A 92 4.73 -6.09 11.94
CA ARG A 92 5.10 -7.42 11.51
C ARG A 92 4.18 -8.46 12.15
N ASP A 93 3.62 -8.09 13.29
CA ASP A 93 2.71 -8.98 14.01
C ASP A 93 1.35 -9.00 13.30
N SER A 94 1.24 -8.14 12.30
CA SER A 94 0.00 -8.04 11.55
C SER A 94 0.23 -8.52 10.11
N TYR A 95 1.50 -8.61 9.75
CA TYR A 95 1.87 -9.05 8.40
C TYR A 95 1.09 -10.31 8.01
N GLU A 96 0.97 -11.22 8.99
CA GLU A 96 0.27 -12.46 8.76
C GLU A 96 -1.24 -12.25 8.83
N ALA A 97 -1.62 -11.19 9.53
CA ALA A 97 -3.03 -10.86 9.70
C ALA A 97 -3.52 -10.13 8.45
N LEU A 98 -2.58 -9.85 7.56
CA LEU A 98 -2.90 -9.16 6.31
C LEU A 98 -3.86 -10.02 5.49
N VAL A 99 -4.82 -9.35 4.88
CA VAL A 99 -5.80 -10.05 4.06
C VAL A 99 -5.97 -9.31 2.73
N PRO A 100 -6.16 -10.10 1.65
CA PRO A 100 -6.33 -9.53 0.32
C PRO A 100 -7.72 -8.92 0.16
N LEU A 101 -7.75 -7.71 -0.35
CA LEU A 101 -9.01 -7.01 -0.55
C LEU A 101 -9.97 -7.91 -1.35
N PRO A 102 -11.28 -7.55 -1.30
CA PRO A 102 -12.29 -8.32 -1.99
C PRO A 102 -12.24 -8.06 -3.49
N GLU A 103 -13.33 -8.40 -4.16
CA GLU A 103 -13.42 -8.22 -5.60
C GLU A 103 -14.89 -8.21 -6.04
N GLU A 104 -15.49 -7.03 -6.00
CA GLU A 104 -16.88 -6.88 -6.38
C GLU A 104 -17.06 -5.61 -7.23
N ILE A 105 -18.32 -5.31 -7.52
CA ILE A 105 -18.63 -4.14 -8.32
C ILE A 105 -19.18 -3.04 -7.40
N GLN A 106 -18.54 -2.90 -6.26
CA GLN A 106 -18.96 -1.89 -5.30
C GLN A 106 -17.99 -1.88 -4.09
N VAL A 107 -16.71 -1.92 -4.41
CA VAL A 107 -15.68 -1.92 -3.38
C VAL A 107 -14.73 -0.74 -3.63
N SER A 108 -14.03 -0.35 -2.57
CA SER A 108 -13.09 0.75 -2.65
C SER A 108 -13.80 2.01 -3.14
N PRO A 109 -14.22 2.85 -2.15
CA PRO A 109 -14.92 4.08 -2.46
C PRO A 109 -13.94 5.14 -2.99
N GLY A 110 -13.41 4.88 -4.18
CA GLY A 110 -12.46 5.79 -4.80
C GLY A 110 -11.92 5.21 -6.10
N ASP A 111 -10.88 4.39 -5.97
CA ASP A 111 -10.26 3.77 -7.12
C ASP A 111 -11.31 2.93 -7.86
N THR A 112 -10.93 2.49 -9.05
CA THR A 112 -11.80 1.67 -9.86
C THR A 112 -11.01 0.60 -10.60
N GLU A 113 -11.71 -0.47 -10.95
CA GLU A 113 -11.08 -1.59 -11.66
C GLU A 113 -12.14 -2.36 -12.46
N ILE A 114 -11.64 -3.29 -13.27
CA ILE A 114 -12.52 -4.11 -14.08
C ILE A 114 -12.33 -5.58 -13.72
N SER A 115 -13.45 -6.27 -13.55
CA SER A 115 -13.42 -7.68 -13.21
C SER A 115 -14.81 -8.29 -13.37
N GLY A 116 -14.86 -9.61 -13.29
CA GLY A 116 -16.12 -10.32 -13.43
C GLY A 116 -17.24 -9.60 -12.69
N PRO A 117 -18.49 -9.82 -13.18
CA PRO A 117 -19.65 -9.20 -12.57
C PRO A 117 -20.02 -9.88 -11.24
N SER A 118 -20.89 -9.22 -10.50
CA SER A 118 -21.32 -9.76 -9.22
C SER A 118 -22.36 -8.81 -8.60
N SER A 119 -23.34 -9.42 -7.94
CA SER A 119 -24.40 -8.66 -7.30
C SER A 119 -25.17 -7.86 -8.34
N GLY A 120 -26.28 -7.28 -7.90
CA GLY A 120 -27.12 -6.49 -8.78
C GLY A 120 -28.59 -6.61 -8.39
N GLY A 1 13.34 32.17 -6.89
CA GLY A 1 11.91 31.93 -6.84
C GLY A 1 11.43 31.23 -8.11
N SER A 2 11.95 30.02 -8.31
CA SER A 2 11.57 29.24 -9.48
C SER A 2 10.88 27.94 -9.05
N SER A 3 10.10 27.39 -9.97
CA SER A 3 9.38 26.16 -9.69
C SER A 3 9.32 25.30 -10.95
N GLY A 4 9.58 24.01 -10.76
CA GLY A 4 9.55 23.07 -11.87
C GLY A 4 9.61 21.63 -11.37
N SER A 5 8.63 20.84 -11.80
CA SER A 5 8.56 19.45 -11.40
C SER A 5 7.99 18.60 -12.55
N SER A 6 8.85 17.75 -13.08
CA SER A 6 8.45 16.89 -14.19
C SER A 6 8.79 15.43 -13.85
N GLY A 7 7.87 14.54 -14.20
CA GLY A 7 8.05 13.13 -13.95
C GLY A 7 6.77 12.35 -14.26
N ASP A 8 6.53 11.32 -13.46
CA ASP A 8 5.35 10.49 -13.64
C ASP A 8 4.73 10.21 -12.27
N GLU A 9 4.06 11.23 -11.75
CA GLU A 9 3.40 11.12 -10.45
C GLU A 9 2.21 10.16 -10.54
N ILE A 10 1.91 9.52 -9.43
CA ILE A 10 0.80 8.58 -9.37
C ILE A 10 0.22 8.57 -7.95
N PHE A 11 -0.84 7.80 -7.79
CA PHE A 11 -1.49 7.69 -6.50
C PHE A 11 -1.34 6.28 -5.92
N CYS A 12 -0.41 6.16 -4.98
CA CYS A 12 -0.15 4.88 -4.34
C CYS A 12 -1.20 4.66 -3.26
N ARG A 13 -1.60 3.41 -3.11
CA ARG A 13 -2.60 3.05 -2.11
C ARG A 13 -2.01 2.07 -1.10
N VAL A 14 -2.00 2.49 0.16
CA VAL A 14 -1.48 1.66 1.23
C VAL A 14 -2.63 1.15 2.10
N TYR A 15 -3.03 -0.08 1.82
CA TYR A 15 -4.12 -0.69 2.57
C TYR A 15 -3.67 -1.06 3.98
N MET A 16 -4.66 -1.20 4.86
CA MET A 16 -4.39 -1.55 6.24
C MET A 16 -4.80 -3.00 6.53
N PRO A 17 -4.28 -3.52 7.68
CA PRO A 17 -4.58 -4.89 8.08
C PRO A 17 -6.01 -4.99 8.63
N ASP A 18 -6.72 -3.87 8.56
CA ASP A 18 -8.09 -3.83 9.03
C ASP A 18 -9.03 -3.48 7.87
N HIS A 19 -8.49 -3.63 6.66
CA HIS A 19 -9.27 -3.33 5.47
C HIS A 19 -9.56 -1.83 5.40
N SER A 20 -8.53 -1.07 5.06
CA SER A 20 -8.67 0.37 4.96
C SER A 20 -7.38 0.99 4.45
N TYR A 21 -7.45 1.55 3.25
CA TYR A 21 -6.29 2.17 2.65
C TYR A 21 -6.48 3.68 2.51
N VAL A 22 -5.44 4.35 2.02
CA VAL A 22 -5.48 5.79 1.85
C VAL A 22 -5.00 6.13 0.44
N THR A 23 -5.17 7.40 0.08
CA THR A 23 -4.75 7.88 -1.22
C THR A 23 -3.61 8.89 -1.09
N ILE A 24 -2.45 8.49 -1.57
CA ILE A 24 -1.28 9.35 -1.51
C ILE A 24 -0.67 9.47 -2.91
N ARG A 25 -0.35 10.71 -3.27
CA ARG A 25 0.24 10.97 -4.57
C ARG A 25 1.76 11.04 -4.47
N SER A 26 2.40 10.04 -5.05
CA SER A 26 3.85 9.97 -5.03
C SER A 26 4.39 9.69 -6.43
N ARG A 27 5.70 9.83 -6.57
CA ARG A 27 6.35 9.59 -7.85
C ARG A 27 6.76 8.13 -7.98
N LEU A 28 6.93 7.70 -9.22
CA LEU A 28 7.32 6.33 -9.50
C LEU A 28 8.73 6.08 -8.95
N SER A 29 9.39 7.17 -8.58
CA SER A 29 10.73 7.09 -8.04
C SER A 29 10.68 6.85 -6.54
N ALA A 30 9.61 7.34 -5.93
CA ALA A 30 9.43 7.18 -4.50
C ALA A 30 9.42 5.69 -4.14
N SER A 31 10.27 5.33 -3.20
CA SER A 31 10.36 3.95 -2.78
C SER A 31 9.45 3.70 -1.56
N VAL A 32 9.39 2.46 -1.15
CA VAL A 32 8.58 2.09 0.00
C VAL A 32 8.70 3.16 1.08
N GLN A 33 9.95 3.46 1.43
CA GLN A 33 10.21 4.46 2.45
C GLN A 33 9.43 5.74 2.16
N ASP A 34 9.66 6.28 0.96
CA ASP A 34 8.98 7.49 0.55
C ASP A 34 7.48 7.37 0.87
N ILE A 35 6.83 6.50 0.11
CA ILE A 35 5.40 6.28 0.29
C ILE A 35 5.08 6.24 1.79
N LEU A 36 5.75 5.33 2.48
CA LEU A 36 5.55 5.17 3.92
C LEU A 36 5.43 6.56 4.56
N GLY A 37 6.36 7.42 4.20
CA GLY A 37 6.36 8.77 4.74
C GLY A 37 5.10 9.52 4.33
N SER A 38 4.80 9.49 3.05
CA SER A 38 3.62 10.16 2.53
C SER A 38 2.37 9.61 3.21
N VAL A 39 2.30 8.29 3.28
CA VAL A 39 1.16 7.64 3.90
C VAL A 39 1.03 8.12 5.35
N THR A 40 2.10 7.94 6.11
CA THR A 40 2.11 8.34 7.50
C THR A 40 1.25 9.59 7.69
N GLU A 41 1.55 10.61 6.90
CA GLU A 41 0.81 11.86 6.97
C GLU A 41 -0.68 11.59 7.09
N LYS A 42 -1.20 10.89 6.09
CA LYS A 42 -2.62 10.56 6.06
C LYS A 42 -3.04 10.05 7.44
N LEU A 43 -2.18 9.24 8.04
CA LEU A 43 -2.46 8.69 9.35
C LEU A 43 -2.41 9.81 10.38
N GLN A 44 -2.80 9.46 11.61
CA GLN A 44 -2.81 10.42 12.69
C GLN A 44 -1.70 10.10 13.70
N TYR A 45 -0.67 9.43 13.20
CA TYR A 45 0.45 9.06 14.04
C TYR A 45 -0.02 8.64 15.43
N SER A 46 -0.24 7.34 15.59
CA SER A 46 -0.69 6.80 16.86
C SER A 46 0.01 7.53 18.01
N GLU A 47 -0.79 8.26 18.78
CA GLU A 47 -0.26 9.00 19.91
C GLU A 47 -0.41 8.18 21.20
N GLU A 48 0.58 7.33 21.42
CA GLU A 48 0.59 6.49 22.60
C GLU A 48 1.95 6.53 23.29
N PRO A 49 1.92 6.55 24.65
CA PRO A 49 3.14 6.60 25.43
C PRO A 49 3.84 5.24 25.43
N ALA A 50 3.25 4.30 24.72
CA ALA A 50 3.80 2.96 24.63
C ALA A 50 4.17 2.66 23.17
N GLY A 51 4.88 1.55 22.99
CA GLY A 51 5.29 1.15 21.65
C GLY A 51 6.82 1.19 21.53
N ARG A 52 7.38 2.35 21.82
CA ARG A 52 8.82 2.54 21.73
C ARG A 52 9.35 1.96 20.42
N GLU A 53 9.51 2.85 19.45
CA GLU A 53 10.01 2.45 18.15
C GLU A 53 9.23 1.24 17.63
N ASP A 54 8.14 1.53 16.94
CA ASP A 54 7.30 0.48 16.38
C ASP A 54 7.83 0.09 15.01
N SER A 55 7.84 1.07 14.11
CA SER A 55 8.32 0.84 12.76
C SER A 55 7.30 0.00 11.98
N LEU A 56 6.86 0.56 10.87
CA LEU A 56 5.88 -0.12 10.02
C LEU A 56 6.60 -0.73 8.82
N ILE A 57 6.11 -1.89 8.40
CA ILE A 57 6.68 -2.58 7.26
C ILE A 57 5.64 -2.69 6.15
N LEU A 58 6.11 -2.59 4.92
CA LEU A 58 5.23 -2.68 3.77
C LEU A 58 5.14 -4.14 3.30
N VAL A 59 4.01 -4.46 2.72
CA VAL A 59 3.79 -5.81 2.23
C VAL A 59 2.77 -5.78 1.07
N ALA A 60 3.09 -6.54 0.04
CA ALA A 60 2.22 -6.60 -1.13
C ALA A 60 1.34 -7.85 -1.04
N VAL A 61 0.04 -7.61 -1.06
CA VAL A 61 -0.92 -8.70 -0.98
C VAL A 61 -1.79 -8.70 -2.25
N SER A 62 -1.97 -9.89 -2.80
CA SER A 62 -2.77 -10.04 -4.00
C SER A 62 -4.03 -10.87 -3.70
N SER A 63 -4.94 -10.87 -4.65
CA SER A 63 -6.18 -11.61 -4.50
C SER A 63 -5.89 -13.11 -4.49
N SER A 64 -5.25 -13.56 -3.41
CA SER A 64 -4.91 -14.96 -3.26
C SER A 64 -4.30 -15.21 -1.89
N GLY A 65 -3.50 -14.26 -1.45
CA GLY A 65 -2.85 -14.36 -0.15
C GLY A 65 -1.32 -14.34 -0.30
N GLU A 66 -0.88 -14.07 -1.52
CA GLU A 66 0.54 -14.02 -1.81
C GLU A 66 1.15 -12.73 -1.25
N LYS A 67 1.79 -12.86 -0.11
CA LYS A 67 2.42 -11.72 0.54
C LYS A 67 3.88 -11.62 0.09
N VAL A 68 4.34 -10.38 -0.03
CA VAL A 68 5.71 -10.14 -0.45
C VAL A 68 6.28 -8.96 0.34
N LEU A 69 6.97 -9.28 1.42
CA LEU A 69 7.57 -8.27 2.27
C LEU A 69 8.48 -7.38 1.41
N LEU A 70 8.07 -6.14 1.24
CA LEU A 70 8.83 -5.19 0.46
C LEU A 70 9.93 -4.58 1.34
N GLN A 71 10.76 -3.75 0.71
CA GLN A 71 11.85 -3.11 1.42
C GLN A 71 11.84 -1.60 1.14
N PRO A 72 12.44 -0.84 2.09
CA PRO A 72 12.51 0.61 1.95
C PRO A 72 13.55 1.01 0.92
N THR A 73 14.32 0.03 0.49
CA THR A 73 15.37 0.26 -0.50
C THR A 73 15.03 -0.43 -1.82
N GLU A 74 13.78 -0.21 -2.24
CA GLU A 74 13.31 -0.80 -3.49
C GLU A 74 13.65 0.11 -4.67
N ASP A 75 13.24 -0.33 -5.85
CA ASP A 75 13.49 0.44 -7.06
C ASP A 75 12.15 0.83 -7.70
N CYS A 76 11.50 -0.17 -8.26
CA CYS A 76 10.22 0.05 -8.91
C CYS A 76 9.15 -0.78 -8.17
N VAL A 77 8.40 -0.09 -7.33
CA VAL A 77 7.35 -0.75 -6.56
C VAL A 77 6.02 -0.62 -7.30
N PHE A 78 5.61 0.62 -7.52
CA PHE A 78 4.37 0.89 -8.20
C PHE A 78 4.20 -0.04 -9.42
N THR A 79 5.33 -0.42 -9.99
CA THR A 79 5.33 -1.29 -11.15
C THR A 79 5.36 -2.76 -10.70
N ALA A 80 6.32 -3.07 -9.85
CA ALA A 80 6.47 -4.42 -9.34
C ALA A 80 5.10 -4.94 -8.88
N LEU A 81 4.37 -4.07 -8.18
CA LEU A 81 3.06 -4.42 -7.68
C LEU A 81 2.32 -5.24 -8.73
N GLY A 82 1.53 -6.19 -8.25
CA GLY A 82 0.77 -7.05 -9.15
C GLY A 82 -0.39 -6.28 -9.79
N ILE A 83 -1.26 -7.04 -10.45
CA ILE A 83 -2.41 -6.44 -11.11
C ILE A 83 -3.45 -6.05 -10.06
N ASN A 84 -3.75 -7.00 -9.18
CA ASN A 84 -4.72 -6.76 -8.13
C ASN A 84 -4.05 -6.96 -6.76
N SER A 85 -2.92 -6.28 -6.59
CA SER A 85 -2.18 -6.37 -5.35
C SER A 85 -2.29 -5.07 -4.58
N HIS A 86 -2.47 -5.20 -3.27
CA HIS A 86 -2.59 -4.04 -2.40
C HIS A 86 -1.38 -3.96 -1.48
N LEU A 87 -0.93 -2.73 -1.24
CA LEU A 87 0.21 -2.50 -0.37
C LEU A 87 -0.27 -2.38 1.07
N PHE A 88 0.16 -3.33 1.89
CA PHE A 88 -0.21 -3.35 3.29
C PHE A 88 0.96 -2.91 4.18
N ALA A 89 0.75 -1.80 4.89
CA ALA A 89 1.77 -1.28 5.77
C ALA A 89 1.29 -1.38 7.22
N CYS A 90 1.98 -2.23 7.97
CA CYS A 90 1.63 -2.43 9.37
C CYS A 90 2.82 -3.11 10.06
N THR A 91 2.68 -3.30 11.36
CA THR A 91 3.72 -3.92 12.16
C THR A 91 4.10 -5.27 11.55
N ARG A 92 5.20 -5.83 12.05
CA ARG A 92 5.68 -7.12 11.57
C ARG A 92 4.76 -8.24 12.06
N ASP A 93 4.41 -8.15 13.33
CA ASP A 93 3.54 -9.16 13.95
C ASP A 93 2.16 -9.08 13.31
N SER A 94 1.95 -8.02 12.53
CA SER A 94 0.68 -7.82 11.87
C SER A 94 0.77 -8.29 10.41
N TYR A 95 1.98 -8.60 9.99
CA TYR A 95 2.21 -9.07 8.64
C TYR A 95 1.42 -10.34 8.36
N GLU A 96 1.33 -11.19 9.37
CA GLU A 96 0.61 -12.44 9.24
C GLU A 96 -0.90 -12.19 9.41
N ALA A 97 -1.23 -10.99 9.84
CA ALA A 97 -2.62 -10.62 10.04
C ALA A 97 -3.12 -9.86 8.82
N LEU A 98 -2.32 -9.89 7.76
CA LEU A 98 -2.67 -9.21 6.53
C LEU A 98 -3.58 -10.11 5.70
N VAL A 99 -4.71 -9.55 5.31
CA VAL A 99 -5.67 -10.28 4.51
C VAL A 99 -5.84 -9.60 3.15
N PRO A 100 -5.98 -10.44 2.09
CA PRO A 100 -6.14 -9.93 0.74
C PRO A 100 -7.56 -9.38 0.53
N LEU A 101 -7.61 -8.14 0.07
CA LEU A 101 -8.88 -7.49 -0.18
C LEU A 101 -9.73 -8.37 -1.10
N PRO A 102 -11.06 -8.07 -1.11
CA PRO A 102 -11.99 -8.83 -1.94
C PRO A 102 -11.84 -8.46 -3.42
N GLU A 103 -12.87 -8.80 -4.19
CA GLU A 103 -12.87 -8.50 -5.60
C GLU A 103 -14.18 -7.84 -6.01
N GLU A 104 -14.39 -7.76 -7.32
CA GLU A 104 -15.60 -7.14 -7.84
C GLU A 104 -15.63 -5.66 -7.50
N ILE A 105 -16.31 -4.90 -8.36
CA ILE A 105 -16.42 -3.47 -8.16
C ILE A 105 -17.64 -3.17 -7.29
N GLN A 106 -17.76 -3.93 -6.21
CA GLN A 106 -18.88 -3.77 -5.30
C GLN A 106 -18.38 -3.23 -3.95
N VAL A 107 -19.26 -3.29 -2.97
CA VAL A 107 -18.94 -2.82 -1.63
C VAL A 107 -17.52 -3.30 -1.26
N SER A 108 -16.65 -2.33 -1.02
CA SER A 108 -15.28 -2.63 -0.65
C SER A 108 -14.53 -3.20 -1.86
N PRO A 109 -14.35 -2.35 -2.90
CA PRO A 109 -13.66 -2.75 -4.10
C PRO A 109 -12.15 -2.85 -3.87
N GLY A 110 -11.46 -3.31 -4.90
CA GLY A 110 -10.01 -3.45 -4.82
C GLY A 110 -9.31 -2.48 -5.77
N ASP A 111 -8.93 -3.00 -6.93
CA ASP A 111 -8.25 -2.18 -7.92
C ASP A 111 -8.47 -2.80 -9.30
N THR A 112 -8.85 -1.93 -10.24
CA THR A 112 -9.10 -2.38 -11.61
C THR A 112 -10.23 -3.42 -11.63
N GLU A 113 -11.01 -3.35 -12.70
CA GLU A 113 -12.13 -4.27 -12.86
C GLU A 113 -11.62 -5.63 -13.35
N ILE A 114 -12.26 -6.67 -12.84
CA ILE A 114 -11.88 -8.04 -13.21
C ILE A 114 -13.13 -8.81 -13.61
N SER A 115 -13.10 -9.33 -14.83
CA SER A 115 -14.23 -10.09 -15.36
C SER A 115 -14.49 -11.31 -14.45
N GLY A 116 -13.42 -11.99 -14.10
CA GLY A 116 -13.51 -13.16 -13.25
C GLY A 116 -14.43 -14.21 -13.88
N PRO A 117 -13.90 -14.87 -14.94
CA PRO A 117 -14.65 -15.90 -15.64
C PRO A 117 -14.71 -17.19 -14.82
N SER A 118 -15.49 -17.14 -13.75
CA SER A 118 -15.64 -18.30 -12.88
C SER A 118 -16.86 -18.11 -11.97
N SER A 119 -17.20 -19.18 -11.27
CA SER A 119 -18.34 -19.16 -10.37
C SER A 119 -18.09 -20.07 -9.18
N GLY A 120 -18.73 -19.74 -8.06
CA GLY A 120 -18.58 -20.52 -6.85
C GLY A 120 -19.17 -19.79 -5.65
N GLY A 1 9.21 31.62 -7.97
CA GLY A 1 9.28 30.18 -7.73
C GLY A 1 9.52 29.41 -9.04
N SER A 2 10.25 28.31 -8.91
CA SER A 2 10.55 27.49 -10.07
C SER A 2 9.84 26.14 -9.96
N SER A 3 8.67 26.07 -10.59
CA SER A 3 7.89 24.85 -10.56
C SER A 3 7.90 24.20 -11.96
N GLY A 4 8.34 22.95 -11.99
CA GLY A 4 8.40 22.20 -13.23
C GLY A 4 9.42 21.08 -13.15
N SER A 5 8.96 19.87 -13.44
CA SER A 5 9.82 18.70 -13.40
C SER A 5 9.20 17.57 -14.22
N SER A 6 10.06 16.70 -14.72
CA SER A 6 9.62 15.57 -15.52
C SER A 6 9.65 14.29 -14.67
N GLY A 7 8.61 13.50 -14.84
CA GLY A 7 8.50 12.25 -14.10
C GLY A 7 7.15 11.57 -14.38
N ASP A 8 6.81 10.62 -13.51
CA ASP A 8 5.56 9.89 -13.65
C ASP A 8 4.81 9.91 -12.32
N GLU A 9 4.09 11.00 -12.09
CA GLU A 9 3.33 11.17 -10.87
C GLU A 9 2.14 10.22 -10.87
N ILE A 10 1.94 9.55 -9.74
CA ILE A 10 0.85 8.61 -9.59
C ILE A 10 0.29 8.70 -8.17
N PHE A 11 -0.74 7.90 -7.92
CA PHE A 11 -1.37 7.89 -6.62
C PHE A 11 -1.27 6.51 -5.97
N CYS A 12 -0.32 6.38 -5.05
CA CYS A 12 -0.11 5.13 -4.36
C CYS A 12 -1.15 4.99 -3.25
N ARG A 13 -1.49 3.76 -2.93
CA ARG A 13 -2.47 3.49 -1.90
C ARG A 13 -2.00 2.34 -1.01
N VAL A 14 -1.98 2.60 0.29
CA VAL A 14 -1.56 1.60 1.26
C VAL A 14 -2.79 1.00 1.95
N TYR A 15 -3.09 -0.23 1.58
CA TYR A 15 -4.25 -0.92 2.15
C TYR A 15 -3.93 -1.43 3.55
N MET A 16 -4.74 -0.98 4.51
CA MET A 16 -4.55 -1.39 5.90
C MET A 16 -5.00 -2.83 6.11
N PRO A 17 -4.59 -3.40 7.27
CA PRO A 17 -4.94 -4.77 7.60
C PRO A 17 -6.41 -4.86 8.04
N ASP A 18 -6.99 -3.70 8.29
CA ASP A 18 -8.38 -3.63 8.71
C ASP A 18 -9.25 -3.17 7.54
N HIS A 19 -8.64 -3.14 6.37
CA HIS A 19 -9.33 -2.71 5.17
C HIS A 19 -9.66 -1.23 5.27
N SER A 20 -8.69 -0.41 4.90
CA SER A 20 -8.86 1.03 4.95
C SER A 20 -7.61 1.73 4.42
N TYR A 21 -7.52 1.80 3.09
CA TYR A 21 -6.38 2.43 2.45
C TYR A 21 -6.59 3.94 2.30
N VAL A 22 -5.56 4.62 1.83
CA VAL A 22 -5.63 6.06 1.65
C VAL A 22 -5.04 6.41 0.28
N THR A 23 -5.20 7.68 -0.09
CA THR A 23 -4.70 8.16 -1.37
C THR A 23 -3.52 9.10 -1.15
N ILE A 24 -2.37 8.70 -1.69
CA ILE A 24 -1.17 9.50 -1.57
C ILE A 24 -0.57 9.72 -2.95
N ARG A 25 -0.20 10.98 -3.21
CA ARG A 25 0.39 11.33 -4.49
C ARG A 25 1.89 11.05 -4.49
N SER A 26 2.27 10.02 -5.24
CA SER A 26 3.66 9.62 -5.33
C SER A 26 4.05 9.43 -6.80
N ARG A 27 5.34 9.62 -7.05
CA ARG A 27 5.86 9.46 -8.41
C ARG A 27 6.60 8.13 -8.55
N LEU A 28 6.92 7.80 -9.78
CA LEU A 28 7.62 6.55 -10.07
C LEU A 28 9.09 6.70 -9.68
N SER A 29 9.29 7.06 -8.41
CA SER A 29 10.64 7.25 -7.90
C SER A 29 10.67 6.98 -6.39
N ALA A 30 9.68 7.54 -5.70
CA ALA A 30 9.59 7.38 -4.27
C ALA A 30 9.67 5.89 -3.93
N SER A 31 10.46 5.59 -2.90
CA SER A 31 10.64 4.22 -2.46
C SER A 31 9.68 3.91 -1.32
N VAL A 32 9.61 2.63 -0.97
CA VAL A 32 8.74 2.19 0.10
C VAL A 32 8.79 3.21 1.24
N GLN A 33 10.01 3.57 1.62
CA GLN A 33 10.21 4.53 2.70
C GLN A 33 9.39 5.80 2.44
N ASP A 34 9.63 6.38 1.27
CA ASP A 34 8.92 7.59 0.89
C ASP A 34 7.43 7.40 1.11
N ILE A 35 6.86 6.48 0.34
CA ILE A 35 5.43 6.19 0.44
C ILE A 35 5.05 6.11 1.91
N LEU A 36 5.66 5.15 2.60
CA LEU A 36 5.38 4.94 4.01
C LEU A 36 5.27 6.30 4.70
N GLY A 37 6.21 7.18 4.38
CA GLY A 37 6.23 8.50 4.96
C GLY A 37 5.00 9.31 4.53
N SER A 38 4.81 9.41 3.21
CA SER A 38 3.69 10.14 2.67
C SER A 38 2.38 9.58 3.23
N VAL A 39 2.34 8.27 3.36
CA VAL A 39 1.15 7.60 3.88
C VAL A 39 1.02 7.90 5.36
N THR A 40 2.10 7.65 6.09
CA THR A 40 2.11 7.89 7.53
C THR A 40 1.50 9.25 7.84
N GLU A 41 1.55 10.14 6.86
CA GLU A 41 1.01 11.48 7.03
C GLU A 41 -0.52 11.43 7.00
N LYS A 42 -1.05 10.62 6.10
CA LYS A 42 -2.49 10.47 5.97
C LYS A 42 -3.05 9.84 7.24
N LEU A 43 -2.28 8.92 7.81
CA LEU A 43 -2.69 8.26 9.03
C LEU A 43 -2.94 9.30 10.12
N GLN A 44 -3.99 9.05 10.90
CA GLN A 44 -4.35 9.95 11.98
C GLN A 44 -3.50 9.67 13.22
N TYR A 45 -2.25 10.12 13.17
CA TYR A 45 -1.34 9.92 14.27
C TYR A 45 -0.68 11.24 14.69
N SER A 46 -1.41 11.98 15.52
CA SER A 46 -0.91 13.26 16.01
C SER A 46 0.41 13.06 16.76
N GLU A 47 1.49 13.42 16.08
CA GLU A 47 2.81 13.29 16.68
C GLU A 47 3.89 13.53 15.62
N GLU A 48 3.74 14.64 14.91
CA GLU A 48 4.69 15.01 13.87
C GLU A 48 4.75 13.90 12.80
N PRO A 49 5.09 14.33 11.56
CA PRO A 49 5.19 13.39 10.45
C PRO A 49 6.47 12.57 10.55
N ALA A 50 7.23 12.83 11.61
CA ALA A 50 8.47 12.11 11.83
C ALA A 50 8.67 11.90 13.33
N GLY A 51 7.69 11.25 13.94
CA GLY A 51 7.74 10.98 15.36
C GLY A 51 8.27 9.57 15.63
N ARG A 52 9.36 9.24 14.95
CA ARG A 52 9.97 7.93 15.12
C ARG A 52 8.90 6.83 15.05
N GLU A 53 8.62 6.40 13.83
CA GLU A 53 7.62 5.36 13.62
C GLU A 53 7.98 4.11 14.42
N ASP A 54 7.07 3.74 15.30
CA ASP A 54 7.28 2.56 16.14
C ASP A 54 7.90 1.45 15.29
N SER A 55 7.25 1.17 14.17
CA SER A 55 7.73 0.13 13.27
C SER A 55 6.61 -0.27 12.30
N LEU A 56 6.80 0.10 11.05
CA LEU A 56 5.83 -0.21 10.02
C LEU A 56 6.55 -0.73 8.77
N ILE A 57 6.14 -1.91 8.34
CA ILE A 57 6.74 -2.53 7.17
C ILE A 57 5.69 -2.66 6.06
N LEU A 58 6.14 -2.51 4.84
CA LEU A 58 5.26 -2.61 3.69
C LEU A 58 5.18 -4.06 3.23
N VAL A 59 4.00 -4.43 2.74
CA VAL A 59 3.78 -5.79 2.26
C VAL A 59 2.78 -5.77 1.11
N ALA A 60 3.11 -6.49 0.06
CA ALA A 60 2.26 -6.57 -1.12
C ALA A 60 1.40 -7.83 -1.04
N VAL A 61 0.09 -7.63 -1.06
CA VAL A 61 -0.84 -8.74 -0.99
C VAL A 61 -1.60 -8.85 -2.32
N SER A 62 -1.76 -10.07 -2.77
CA SER A 62 -2.46 -10.33 -4.02
C SER A 62 -3.76 -11.10 -3.75
N SER A 63 -4.58 -11.19 -4.78
CA SER A 63 -5.85 -11.90 -4.67
C SER A 63 -5.61 -13.33 -4.20
N SER A 64 -4.37 -13.79 -4.39
CA SER A 64 -4.00 -15.13 -3.99
C SER A 64 -3.45 -15.12 -2.56
N GLY A 65 -3.40 -13.93 -1.99
CA GLY A 65 -2.90 -13.77 -0.64
C GLY A 65 -1.37 -13.85 -0.60
N GLU A 66 -0.78 -13.69 -1.77
CA GLU A 66 0.66 -13.74 -1.88
C GLU A 66 1.30 -12.51 -1.25
N LYS A 67 1.81 -12.69 -0.04
CA LYS A 67 2.44 -11.61 0.68
C LYS A 67 3.92 -11.52 0.29
N VAL A 68 4.36 -10.30 0.05
CA VAL A 68 5.74 -10.07 -0.34
C VAL A 68 6.31 -8.89 0.47
N LEU A 69 6.96 -9.22 1.57
CA LEU A 69 7.55 -8.20 2.43
C LEU A 69 8.46 -7.30 1.59
N LEU A 70 8.00 -6.07 1.40
CA LEU A 70 8.77 -5.11 0.63
C LEU A 70 9.90 -4.53 1.50
N GLN A 71 10.69 -3.68 0.89
CA GLN A 71 11.81 -3.05 1.58
C GLN A 71 11.88 -1.57 1.24
N PRO A 72 12.54 -0.80 2.16
CA PRO A 72 12.70 0.63 1.97
C PRO A 72 13.76 0.93 0.90
N THR A 73 14.36 -0.14 0.41
CA THR A 73 15.40 -0.01 -0.61
C THR A 73 14.95 -0.68 -1.92
N GLU A 74 13.71 -0.40 -2.29
CA GLU A 74 13.15 -0.96 -3.50
C GLU A 74 13.49 -0.07 -4.70
N ASP A 75 13.03 -0.50 -5.87
CA ASP A 75 13.28 0.24 -7.10
C ASP A 75 11.97 0.86 -7.58
N CYS A 76 11.05 -0.01 -7.98
CA CYS A 76 9.76 0.44 -8.46
C CYS A 76 8.70 -0.54 -7.97
N VAL A 77 7.99 -0.12 -6.94
CA VAL A 77 6.94 -0.95 -6.35
C VAL A 77 5.64 -0.74 -7.13
N PHE A 78 5.34 0.52 -7.40
CA PHE A 78 4.14 0.86 -8.14
C PHE A 78 3.97 -0.04 -9.36
N THR A 79 5.09 -0.39 -9.96
CA THR A 79 5.07 -1.24 -11.14
C THR A 79 5.18 -2.71 -10.73
N ALA A 80 6.13 -2.98 -9.84
CA ALA A 80 6.35 -4.33 -9.36
C ALA A 80 5.00 -4.95 -8.97
N LEU A 81 4.20 -4.16 -8.26
CA LEU A 81 2.90 -4.62 -7.82
C LEU A 81 2.25 -5.43 -8.94
N GLY A 82 1.64 -6.55 -8.54
CA GLY A 82 0.98 -7.42 -9.49
C GLY A 82 -0.17 -6.69 -10.21
N ILE A 83 -1.11 -7.48 -10.71
CA ILE A 83 -2.26 -6.92 -11.40
C ILE A 83 -3.33 -6.54 -10.39
N ASN A 84 -3.65 -7.48 -9.51
CA ASN A 84 -4.65 -7.25 -8.49
C ASN A 84 -4.00 -7.39 -7.11
N SER A 85 -2.92 -6.65 -6.93
CA SER A 85 -2.20 -6.67 -5.67
C SER A 85 -2.36 -5.33 -4.95
N HIS A 86 -2.34 -5.40 -3.62
CA HIS A 86 -2.47 -4.20 -2.81
C HIS A 86 -1.34 -4.13 -1.80
N LEU A 87 -0.90 -2.92 -1.52
CA LEU A 87 0.18 -2.70 -0.58
C LEU A 87 -0.39 -2.58 0.83
N PHE A 88 0.34 -3.13 1.79
CA PHE A 88 -0.09 -3.10 3.17
C PHE A 88 1.08 -2.72 4.09
N ALA A 89 0.86 -1.67 4.88
CA ALA A 89 1.88 -1.21 5.80
C ALA A 89 1.44 -1.51 7.23
N CYS A 90 2.19 -2.39 7.88
CA CYS A 90 1.90 -2.78 9.25
C CYS A 90 3.16 -3.39 9.86
N THR A 91 3.08 -3.68 11.15
CA THR A 91 4.19 -4.26 11.85
C THR A 91 4.43 -5.70 11.38
N ARG A 92 5.43 -6.33 11.99
CA ARG A 92 5.77 -7.70 11.63
C ARG A 92 4.75 -8.66 12.23
N ASP A 93 4.35 -8.37 13.46
CA ASP A 93 3.39 -9.21 14.16
C ASP A 93 2.02 -9.04 13.51
N SER A 94 1.92 -8.04 12.64
CA SER A 94 0.68 -7.76 11.95
C SER A 94 0.77 -8.23 10.49
N TYR A 95 2.00 -8.44 10.05
CA TYR A 95 2.22 -8.91 8.69
C TYR A 95 1.40 -10.16 8.39
N GLU A 96 1.39 -11.07 9.34
CA GLU A 96 0.65 -12.31 9.20
C GLU A 96 -0.85 -12.07 9.41
N ALA A 97 -1.15 -10.91 9.98
CA ALA A 97 -2.53 -10.54 10.25
C ALA A 97 -3.10 -9.79 9.04
N LEU A 98 -2.29 -9.70 8.01
CA LEU A 98 -2.70 -9.02 6.79
C LEU A 98 -3.67 -9.91 6.01
N VAL A 99 -4.56 -9.26 5.27
CA VAL A 99 -5.55 -9.98 4.49
C VAL A 99 -5.79 -9.22 3.18
N PRO A 100 -5.97 -10.02 2.09
CA PRO A 100 -6.21 -9.45 0.77
C PRO A 100 -7.64 -8.92 0.66
N LEU A 101 -7.76 -7.78 0.01
CA LEU A 101 -9.07 -7.16 -0.17
C LEU A 101 -10.03 -8.17 -0.81
N PRO A 102 -11.35 -7.88 -0.68
CA PRO A 102 -12.36 -8.75 -1.23
C PRO A 102 -12.44 -8.60 -2.75
N GLU A 103 -13.57 -9.05 -3.30
CA GLU A 103 -13.78 -8.97 -4.74
C GLU A 103 -14.15 -7.54 -5.14
N GLU A 104 -14.11 -7.30 -6.43
CA GLU A 104 -14.43 -5.99 -6.97
C GLU A 104 -15.96 -5.81 -7.07
N ILE A 105 -16.53 -5.33 -5.98
CA ILE A 105 -17.97 -5.10 -5.93
C ILE A 105 -18.25 -3.61 -6.02
N GLN A 106 -17.26 -2.87 -6.50
CA GLN A 106 -17.38 -1.43 -6.64
C GLN A 106 -16.00 -0.77 -6.67
N VAL A 107 -15.26 -1.10 -7.73
CA VAL A 107 -13.92 -0.54 -7.88
C VAL A 107 -13.03 -1.02 -6.73
N SER A 108 -12.52 -2.23 -6.89
CA SER A 108 -11.65 -2.81 -5.87
C SER A 108 -10.71 -3.83 -6.51
N PRO A 109 -9.41 -3.74 -6.11
CA PRO A 109 -8.41 -4.65 -6.63
C PRO A 109 -8.54 -6.04 -6.01
N GLY A 110 -8.37 -7.05 -6.85
CA GLY A 110 -8.47 -8.43 -6.39
C GLY A 110 -9.22 -9.29 -7.41
N ASP A 111 -10.19 -10.03 -6.91
CA ASP A 111 -10.99 -10.90 -7.76
C ASP A 111 -10.07 -11.92 -8.44
N THR A 112 -10.29 -13.18 -8.09
CA THR A 112 -9.49 -14.26 -8.66
C THR A 112 -10.14 -15.61 -8.37
N GLU A 113 -11.46 -15.64 -8.52
CA GLU A 113 -12.22 -16.86 -8.27
C GLU A 113 -12.29 -17.14 -6.78
N ILE A 114 -13.40 -16.71 -6.18
CA ILE A 114 -13.61 -16.92 -4.76
C ILE A 114 -13.35 -18.39 -4.41
N SER A 115 -12.25 -18.59 -3.70
CA SER A 115 -11.87 -19.94 -3.29
C SER A 115 -11.45 -19.95 -1.82
N GLY A 116 -12.41 -20.30 -0.97
CA GLY A 116 -12.15 -20.35 0.46
C GLY A 116 -10.83 -21.06 0.76
N PRO A 117 -10.42 -20.97 2.05
CA PRO A 117 -9.17 -21.59 2.48
C PRO A 117 -9.35 -23.12 2.60
N SER A 118 -9.30 -23.78 1.46
CA SER A 118 -9.45 -25.23 1.43
C SER A 118 -8.69 -25.81 0.24
N SER A 119 -7.39 -25.98 0.44
CA SER A 119 -6.54 -26.53 -0.61
C SER A 119 -6.59 -28.06 -0.59
N GLY A 120 -7.37 -28.60 -1.51
CA GLY A 120 -7.51 -30.05 -1.59
C GLY A 120 -6.15 -30.74 -1.56
N GLY A 1 3.92 23.60 -6.64
CA GLY A 1 5.13 24.24 -7.10
C GLY A 1 6.36 23.75 -6.32
N SER A 2 7.51 23.84 -6.95
CA SER A 2 8.75 23.40 -6.32
C SER A 2 8.62 21.96 -5.84
N SER A 3 9.18 21.05 -6.63
CA SER A 3 9.13 19.64 -6.31
C SER A 3 10.01 18.84 -7.29
N GLY A 4 9.62 18.90 -8.55
CA GLY A 4 10.35 18.19 -9.58
C GLY A 4 10.15 18.85 -10.95
N SER A 5 11.12 18.63 -11.82
CA SER A 5 11.05 19.19 -13.17
C SER A 5 10.10 18.36 -14.03
N SER A 6 9.99 17.10 -13.69
CA SER A 6 9.12 16.19 -14.42
C SER A 6 9.25 14.78 -13.87
N GLY A 7 8.49 13.87 -14.46
CA GLY A 7 8.49 12.48 -14.04
C GLY A 7 7.16 11.79 -14.34
N ASP A 8 6.84 10.80 -13.53
CA ASP A 8 5.60 10.07 -13.71
C ASP A 8 4.92 9.90 -12.35
N GLU A 9 4.30 10.98 -11.90
CA GLU A 9 3.61 10.97 -10.62
C GLU A 9 2.39 10.04 -10.68
N ILE A 10 2.08 9.46 -9.53
CA ILE A 10 0.95 8.55 -9.44
C ILE A 10 0.37 8.59 -8.03
N PHE A 11 -0.71 7.86 -7.84
CA PHE A 11 -1.37 7.81 -6.55
C PHE A 11 -1.22 6.43 -5.91
N CYS A 12 -0.29 6.34 -4.96
CA CYS A 12 -0.03 5.09 -4.28
C CYS A 12 -1.08 4.92 -3.18
N ARG A 13 -1.44 3.68 -2.93
CA ARG A 13 -2.43 3.37 -1.92
C ARG A 13 -1.88 2.33 -0.93
N VAL A 14 -1.98 2.68 0.35
CA VAL A 14 -1.50 1.79 1.39
C VAL A 14 -2.68 1.24 2.19
N TYR A 15 -3.04 0.00 1.88
CA TYR A 15 -4.16 -0.65 2.54
C TYR A 15 -3.79 -1.02 3.98
N MET A 16 -4.80 -1.01 4.83
CA MET A 16 -4.61 -1.35 6.23
C MET A 16 -4.97 -2.80 6.50
N PRO A 17 -4.56 -3.28 7.71
CA PRO A 17 -4.83 -4.65 8.11
C PRO A 17 -6.29 -4.82 8.52
N ASP A 18 -6.96 -3.68 8.69
CA ASP A 18 -8.36 -3.68 9.09
C ASP A 18 -9.23 -3.30 7.88
N HIS A 19 -8.62 -3.40 6.71
CA HIS A 19 -9.32 -3.08 5.47
C HIS A 19 -9.63 -1.58 5.44
N SER A 20 -8.61 -0.81 5.08
CA SER A 20 -8.76 0.64 5.00
C SER A 20 -7.48 1.27 4.48
N TYR A 21 -7.51 1.65 3.20
CA TYR A 21 -6.36 2.26 2.57
C TYR A 21 -6.55 3.78 2.44
N VAL A 22 -5.54 4.43 1.89
CA VAL A 22 -5.57 5.86 1.71
C VAL A 22 -5.05 6.22 0.31
N THR A 23 -5.16 7.49 -0.03
CA THR A 23 -4.71 7.95 -1.33
C THR A 23 -3.57 8.96 -1.16
N ILE A 24 -2.42 8.60 -1.73
CA ILE A 24 -1.25 9.46 -1.65
C ILE A 24 -0.60 9.57 -3.03
N ARG A 25 -0.25 10.79 -3.39
CA ARG A 25 0.38 11.04 -4.68
C ARG A 25 1.90 10.96 -4.55
N SER A 26 2.46 9.94 -5.19
CA SER A 26 3.90 9.74 -5.17
C SER A 26 4.42 9.49 -6.58
N ARG A 27 5.74 9.54 -6.71
CA ARG A 27 6.38 9.31 -7.99
C ARG A 27 6.87 7.87 -8.11
N LEU A 28 6.90 7.38 -9.34
CA LEU A 28 7.34 6.02 -9.59
C LEU A 28 8.75 5.83 -9.01
N SER A 29 9.46 6.94 -8.88
CA SER A 29 10.80 6.91 -8.35
C SER A 29 10.76 6.72 -6.82
N ALA A 30 9.74 7.30 -6.22
CA ALA A 30 9.57 7.21 -4.78
C ALA A 30 9.74 5.75 -4.34
N SER A 31 10.43 5.58 -3.23
CA SER A 31 10.67 4.25 -2.70
C SER A 31 9.67 3.94 -1.57
N VAL A 32 9.62 2.67 -1.20
CA VAL A 32 8.72 2.24 -0.15
C VAL A 32 8.71 3.28 0.97
N GLN A 33 9.91 3.68 1.37
CA GLN A 33 10.04 4.67 2.43
C GLN A 33 9.15 5.88 2.14
N ASP A 34 9.42 6.52 1.02
CA ASP A 34 8.66 7.69 0.63
C ASP A 34 7.17 7.44 0.91
N ILE A 35 6.59 6.54 0.13
CA ILE A 35 5.18 6.21 0.30
C ILE A 35 4.85 6.14 1.79
N LEU A 36 5.56 5.26 2.49
CA LEU A 36 5.35 5.09 3.91
C LEU A 36 5.26 6.46 4.58
N GLY A 37 6.19 7.33 4.21
CA GLY A 37 6.21 8.68 4.76
C GLY A 37 4.95 9.44 4.39
N SER A 38 4.60 9.37 3.11
CA SER A 38 3.42 10.05 2.62
C SER A 38 2.17 9.49 3.29
N VAL A 39 2.08 8.16 3.30
CA VAL A 39 0.96 7.48 3.91
C VAL A 39 0.92 7.80 5.40
N THR A 40 2.05 7.55 6.05
CA THR A 40 2.16 7.79 7.48
C THR A 40 1.48 9.12 7.85
N GLU A 41 1.64 10.09 6.96
CA GLU A 41 1.05 11.40 7.18
C GLU A 41 -0.47 11.30 7.23
N LYS A 42 -1.02 10.54 6.30
CA LYS A 42 -2.45 10.34 6.23
C LYS A 42 -2.95 9.73 7.54
N LEU A 43 -2.15 8.83 8.07
CA LEU A 43 -2.48 8.16 9.32
C LEU A 43 -2.71 9.21 10.40
N GLN A 44 -3.31 8.76 11.50
CA GLN A 44 -3.59 9.65 12.61
C GLN A 44 -2.40 9.71 13.57
N TYR A 45 -1.42 10.53 13.20
CA TYR A 45 -0.22 10.68 14.00
C TYR A 45 0.25 12.14 14.01
N SER A 46 0.54 12.63 15.21
CA SER A 46 1.00 14.00 15.35
C SER A 46 1.86 14.12 16.62
N GLU A 47 1.19 14.02 17.76
CA GLU A 47 1.89 14.13 19.03
C GLU A 47 1.41 13.02 19.98
N GLU A 48 1.56 11.78 19.53
CA GLU A 48 1.16 10.64 20.32
C GLU A 48 2.13 9.48 20.09
N PRO A 49 2.83 9.09 21.18
CA PRO A 49 3.78 8.00 21.12
C PRO A 49 3.07 6.65 21.08
N ALA A 50 1.74 6.71 21.08
CA ALA A 50 0.93 5.51 21.04
C ALA A 50 1.29 4.70 19.80
N GLY A 51 0.95 3.43 19.85
CA GLY A 51 1.23 2.53 18.74
C GLY A 51 2.13 1.38 19.17
N ARG A 52 3.27 1.75 19.75
CA ARG A 52 4.23 0.76 20.20
C ARG A 52 4.72 -0.10 19.03
N GLU A 53 4.76 0.53 17.87
CA GLU A 53 5.21 -0.16 16.66
C GLU A 53 6.64 0.25 16.32
N ASP A 54 7.29 -0.62 15.54
CA ASP A 54 8.66 -0.35 15.14
C ASP A 54 8.70 0.87 14.23
N SER A 55 8.57 0.60 12.94
CA SER A 55 8.58 1.67 11.95
C SER A 55 7.64 1.33 10.80
N LEU A 56 6.76 0.36 11.06
CA LEU A 56 5.80 -0.06 10.06
C LEU A 56 6.53 -0.62 8.85
N ILE A 57 6.09 -1.79 8.41
CA ILE A 57 6.70 -2.45 7.27
C ILE A 57 5.66 -2.57 6.14
N LEU A 58 6.15 -2.43 4.92
CA LEU A 58 5.29 -2.52 3.75
C LEU A 58 5.22 -3.97 3.29
N VAL A 59 4.07 -4.32 2.73
CA VAL A 59 3.87 -5.67 2.23
C VAL A 59 2.82 -5.65 1.11
N ALA A 60 3.16 -6.34 0.02
CA ALA A 60 2.26 -6.41 -1.12
C ALA A 60 1.41 -7.67 -1.03
N VAL A 61 0.10 -7.46 -1.01
CA VAL A 61 -0.84 -8.56 -0.92
C VAL A 61 -1.70 -8.60 -2.18
N SER A 62 -1.89 -9.80 -2.70
CA SER A 62 -2.69 -9.98 -3.90
C SER A 62 -3.96 -10.76 -3.57
N SER A 63 -4.87 -10.80 -4.52
CA SER A 63 -6.13 -11.50 -4.35
C SER A 63 -5.88 -13.01 -4.33
N SER A 64 -5.25 -13.46 -3.25
CA SER A 64 -4.95 -14.87 -3.10
C SER A 64 -4.28 -15.12 -1.74
N GLY A 65 -3.45 -14.16 -1.34
CA GLY A 65 -2.75 -14.27 -0.08
C GLY A 65 -1.23 -14.31 -0.30
N GLU A 66 -0.81 -13.72 -1.41
CA GLU A 66 0.61 -13.69 -1.74
C GLU A 66 1.24 -12.42 -1.17
N LYS A 67 1.84 -12.57 0.00
CA LYS A 67 2.50 -11.45 0.66
C LYS A 67 3.96 -11.38 0.21
N VAL A 68 4.40 -10.18 -0.10
CA VAL A 68 5.76 -9.97 -0.53
C VAL A 68 6.38 -8.82 0.26
N LEU A 69 6.94 -9.16 1.41
CA LEU A 69 7.56 -8.17 2.28
C LEU A 69 8.48 -7.28 1.44
N LEU A 70 8.06 -6.04 1.27
CA LEU A 70 8.83 -5.09 0.50
C LEU A 70 9.93 -4.50 1.39
N GLN A 71 10.70 -3.59 0.79
CA GLN A 71 11.79 -2.95 1.50
C GLN A 71 11.88 -1.47 1.13
N PRO A 72 12.51 -0.68 2.04
CA PRO A 72 12.67 0.75 1.82
C PRO A 72 13.75 1.02 0.77
N THR A 73 14.36 -0.05 0.30
CA THR A 73 15.40 0.07 -0.70
C THR A 73 15.02 -0.70 -1.97
N GLU A 74 13.79 -0.46 -2.42
CA GLU A 74 13.28 -1.11 -3.61
C GLU A 74 13.68 -0.32 -4.86
N ASP A 75 13.18 -0.78 -6.00
CA ASP A 75 13.47 -0.12 -7.26
C ASP A 75 12.16 0.31 -7.92
N CYS A 76 11.39 -0.68 -8.33
CA CYS A 76 10.11 -0.41 -8.97
C CYS A 76 9.02 -1.15 -8.20
N VAL A 77 8.32 -0.39 -7.36
CA VAL A 77 7.25 -0.96 -6.56
C VAL A 77 5.92 -0.75 -7.28
N PHE A 78 5.52 0.51 -7.39
CA PHE A 78 4.27 0.84 -8.06
C PHE A 78 4.05 -0.05 -9.28
N THR A 79 5.15 -0.46 -9.89
CA THR A 79 5.08 -1.30 -11.06
C THR A 79 5.06 -2.78 -10.65
N ALA A 80 6.10 -3.19 -9.95
CA ALA A 80 6.22 -4.56 -9.49
C ALA A 80 4.85 -5.04 -9.00
N LEU A 81 4.17 -4.18 -8.26
CA LEU A 81 2.86 -4.51 -7.74
C LEU A 81 2.02 -5.16 -8.85
N GLY A 82 1.39 -6.27 -8.49
CA GLY A 82 0.57 -7.00 -9.44
C GLY A 82 -0.57 -6.11 -9.96
N ILE A 83 -1.55 -6.76 -10.56
CA ILE A 83 -2.69 -6.04 -11.11
C ILE A 83 -3.69 -5.75 -9.99
N ASN A 84 -4.00 -6.79 -9.24
CA ASN A 84 -4.94 -6.66 -8.14
C ASN A 84 -4.21 -6.92 -6.82
N SER A 85 -3.15 -6.16 -6.60
CA SER A 85 -2.36 -6.30 -5.39
C SER A 85 -2.44 -5.01 -4.56
N HIS A 86 -2.68 -5.19 -3.27
CA HIS A 86 -2.79 -4.06 -2.37
C HIS A 86 -1.60 -4.05 -1.41
N LEU A 87 -1.09 -2.86 -1.14
CA LEU A 87 0.04 -2.71 -0.25
C LEU A 87 -0.46 -2.57 1.19
N PHE A 88 0.15 -3.35 2.07
CA PHE A 88 -0.23 -3.33 3.47
C PHE A 88 0.95 -2.87 4.35
N ALA A 89 0.68 -1.84 5.14
CA ALA A 89 1.69 -1.29 6.02
C ALA A 89 1.33 -1.61 7.47
N CYS A 90 2.16 -2.44 8.09
CA CYS A 90 1.94 -2.82 9.47
C CYS A 90 3.24 -3.41 10.03
N THR A 91 3.22 -3.70 11.31
CA THR A 91 4.39 -4.26 11.98
C THR A 91 4.69 -5.65 11.43
N ARG A 92 5.73 -6.25 11.99
CA ARG A 92 6.13 -7.59 11.57
C ARG A 92 5.21 -8.64 12.19
N ASP A 93 4.73 -8.34 13.38
CA ASP A 93 3.84 -9.25 14.09
C ASP A 93 2.41 -9.06 13.55
N SER A 94 2.28 -8.14 12.60
CA SER A 94 0.98 -7.87 12.01
C SER A 94 1.00 -8.27 10.53
N TYR A 95 2.20 -8.48 10.02
CA TYR A 95 2.36 -8.87 8.63
C TYR A 95 1.43 -10.02 8.26
N GLU A 96 1.37 -10.99 9.16
CA GLU A 96 0.52 -12.16 8.94
C GLU A 96 -0.94 -11.80 9.20
N ALA A 97 -1.13 -10.80 10.05
CA ALA A 97 -2.47 -10.35 10.37
C ALA A 97 -3.11 -9.68 9.16
N LEU A 98 -2.28 -9.48 8.14
CA LEU A 98 -2.74 -8.84 6.92
C LEU A 98 -3.61 -9.83 6.14
N VAL A 99 -4.64 -9.28 5.50
CA VAL A 99 -5.56 -10.09 4.72
C VAL A 99 -5.75 -9.46 3.34
N PRO A 100 -5.87 -10.34 2.31
CA PRO A 100 -6.06 -9.88 0.95
C PRO A 100 -7.49 -9.37 0.74
N LEU A 101 -7.58 -8.18 0.18
CA LEU A 101 -8.88 -7.58 -0.09
C LEU A 101 -9.67 -8.49 -1.03
N PRO A 102 -11.02 -8.25 -1.06
CA PRO A 102 -11.89 -9.03 -1.91
C PRO A 102 -11.75 -8.61 -3.38
N GLU A 103 -12.75 -8.99 -4.17
CA GLU A 103 -12.75 -8.66 -5.58
C GLU A 103 -14.14 -8.25 -6.04
N GLU A 104 -14.75 -7.38 -5.24
CA GLU A 104 -16.08 -6.90 -5.54
C GLU A 104 -16.03 -5.43 -5.98
N ILE A 105 -17.21 -4.85 -6.15
CA ILE A 105 -17.31 -3.46 -6.56
C ILE A 105 -17.96 -2.65 -5.45
N GLN A 106 -17.52 -2.91 -4.23
CA GLN A 106 -18.04 -2.21 -3.07
C GLN A 106 -16.90 -1.65 -2.22
N VAL A 107 -16.83 -0.33 -2.17
CA VAL A 107 -15.80 0.33 -1.40
C VAL A 107 -14.46 -0.34 -1.67
N SER A 108 -14.10 -0.39 -2.95
CA SER A 108 -12.84 -1.01 -3.35
C SER A 108 -12.61 -0.77 -4.84
N PRO A 109 -11.46 -0.10 -5.14
CA PRO A 109 -11.10 0.19 -6.52
C PRO A 109 -10.59 -1.05 -7.23
N GLY A 110 -11.49 -1.68 -7.98
CA GLY A 110 -11.14 -2.88 -8.71
C GLY A 110 -11.64 -2.80 -10.16
N ASP A 111 -10.73 -3.08 -11.08
CA ASP A 111 -11.07 -3.04 -12.49
C ASP A 111 -12.06 -4.16 -12.81
N THR A 112 -12.61 -4.10 -14.01
CA THR A 112 -13.57 -5.10 -14.44
C THR A 112 -12.89 -6.46 -14.59
N GLU A 113 -12.97 -7.25 -13.53
CA GLU A 113 -12.37 -8.57 -13.53
C GLU A 113 -12.58 -9.25 -12.17
N ILE A 114 -12.98 -10.51 -12.24
CA ILE A 114 -13.22 -11.29 -11.03
C ILE A 114 -12.05 -12.24 -10.79
N SER A 115 -11.45 -12.67 -11.89
CA SER A 115 -10.32 -13.58 -11.82
C SER A 115 -10.70 -14.82 -11.01
N GLY A 116 -11.70 -15.53 -11.51
CA GLY A 116 -12.17 -16.73 -10.84
C GLY A 116 -13.29 -16.41 -9.86
N PRO A 117 -13.90 -17.50 -9.30
CA PRO A 117 -14.99 -17.33 -8.35
C PRO A 117 -14.46 -16.90 -6.98
N SER A 118 -13.63 -17.75 -6.40
CA SER A 118 -13.05 -17.46 -5.10
C SER A 118 -14.11 -17.60 -4.01
N SER A 119 -13.79 -18.43 -3.02
CA SER A 119 -14.70 -18.66 -1.91
C SER A 119 -15.02 -17.34 -1.20
N GLY A 120 -16.30 -17.12 -0.98
CA GLY A 120 -16.75 -15.90 -0.31
C GLY A 120 -16.99 -16.16 1.18
N GLY A 1 -0.14 18.13 -19.68
CA GLY A 1 0.36 17.09 -18.79
C GLY A 1 0.79 17.67 -17.44
N SER A 2 1.19 16.79 -16.54
CA SER A 2 1.62 17.20 -15.22
C SER A 2 2.46 18.47 -15.32
N SER A 3 2.04 19.49 -14.58
CA SER A 3 2.72 20.77 -14.57
C SER A 3 4.13 20.59 -13.99
N GLY A 4 5.07 21.31 -14.58
CA GLY A 4 6.45 21.25 -14.14
C GLY A 4 7.40 20.91 -15.30
N SER A 5 8.13 19.82 -15.12
CA SER A 5 9.07 19.38 -16.15
C SER A 5 9.30 17.87 -16.03
N SER A 6 8.55 17.13 -16.83
CA SER A 6 8.67 15.67 -16.82
C SER A 6 8.34 15.13 -15.44
N GLY A 7 7.81 13.91 -15.43
CA GLY A 7 7.43 13.27 -14.18
C GLY A 7 6.22 12.37 -14.37
N ASP A 8 6.26 11.21 -13.74
CA ASP A 8 5.18 10.25 -13.83
C ASP A 8 4.56 10.05 -12.44
N GLU A 9 3.89 11.09 -11.97
CA GLU A 9 3.26 11.05 -10.66
C GLU A 9 2.05 10.11 -10.70
N ILE A 10 1.80 9.47 -9.56
CA ILE A 10 0.69 8.54 -9.45
C ILE A 10 0.14 8.60 -8.02
N PHE A 11 -0.91 7.83 -7.80
CA PHE A 11 -1.56 7.78 -6.50
C PHE A 11 -1.44 6.37 -5.89
N CYS A 12 -0.50 6.25 -4.96
CA CYS A 12 -0.28 4.97 -4.29
C CYS A 12 -1.42 4.75 -3.30
N ARG A 13 -1.70 3.48 -3.05
CA ARG A 13 -2.77 3.11 -2.13
C ARG A 13 -2.28 2.04 -1.16
N VAL A 14 -2.19 2.42 0.11
CA VAL A 14 -1.74 1.51 1.14
C VAL A 14 -2.96 0.94 1.87
N TYR A 15 -3.32 -0.28 1.51
CA TYR A 15 -4.46 -0.94 2.12
C TYR A 15 -4.10 -1.43 3.53
N MET A 16 -4.90 -0.99 4.49
CA MET A 16 -4.68 -1.38 5.88
C MET A 16 -5.11 -2.84 6.11
N PRO A 17 -4.68 -3.38 7.28
CA PRO A 17 -5.01 -4.75 7.64
C PRO A 17 -6.47 -4.87 8.06
N ASP A 18 -7.09 -3.72 8.26
CA ASP A 18 -8.48 -3.68 8.68
C ASP A 18 -9.35 -3.22 7.50
N HIS A 19 -8.73 -3.20 6.34
CA HIS A 19 -9.43 -2.80 5.13
C HIS A 19 -9.78 -1.31 5.21
N SER A 20 -8.79 -0.48 4.89
CA SER A 20 -8.98 0.95 4.93
C SER A 20 -7.71 1.66 4.42
N TYR A 21 -7.62 1.76 3.10
CA TYR A 21 -6.48 2.40 2.47
C TYR A 21 -6.70 3.91 2.35
N VAL A 22 -5.68 4.59 1.85
CA VAL A 22 -5.75 6.03 1.68
C VAL A 22 -5.19 6.40 0.30
N THR A 23 -5.32 7.68 -0.03
CA THR A 23 -4.83 8.18 -1.31
C THR A 23 -3.63 9.10 -1.10
N ILE A 24 -2.50 8.69 -1.67
CA ILE A 24 -1.29 9.47 -1.56
C ILE A 24 -0.67 9.64 -2.95
N ARG A 25 -0.30 10.87 -3.24
CA ARG A 25 0.30 11.19 -4.53
C ARG A 25 1.83 11.08 -4.44
N SER A 26 2.36 10.07 -5.12
CA SER A 26 3.80 9.85 -5.13
C SER A 26 4.29 9.63 -6.56
N ARG A 27 5.60 9.71 -6.71
CA ARG A 27 6.21 9.53 -8.02
C ARG A 27 6.61 8.06 -8.22
N LEU A 28 7.05 7.75 -9.43
CA LEU A 28 7.46 6.40 -9.76
C LEU A 28 8.94 6.23 -9.40
N SER A 29 9.29 6.71 -8.22
CA SER A 29 10.66 6.61 -7.74
C SER A 29 10.68 6.43 -6.23
N ALA A 30 9.87 7.23 -5.55
CA ALA A 30 9.78 7.16 -4.10
C ALA A 30 9.82 5.69 -3.66
N SER A 31 10.80 5.39 -2.82
CA SER A 31 10.96 4.04 -2.31
C SER A 31 9.87 3.73 -1.29
N VAL A 32 9.84 2.47 -0.86
CA VAL A 32 8.86 2.04 0.12
C VAL A 32 8.82 3.04 1.27
N GLN A 33 10.00 3.33 1.80
CA GLN A 33 10.11 4.25 2.92
C GLN A 33 9.51 5.61 2.53
N ASP A 34 9.87 6.07 1.34
CA ASP A 34 9.37 7.34 0.86
C ASP A 34 7.85 7.37 0.97
N ILE A 35 7.22 6.40 0.29
CA ILE A 35 5.77 6.31 0.30
C ILE A 35 5.28 6.31 1.75
N LEU A 36 5.81 5.38 2.53
CA LEU A 36 5.44 5.25 3.92
C LEU A 36 5.31 6.65 4.53
N GLY A 37 6.36 7.45 4.33
CA GLY A 37 6.37 8.80 4.86
C GLY A 37 5.13 9.58 4.42
N SER A 38 4.79 9.42 3.15
CA SER A 38 3.62 10.10 2.59
C SER A 38 2.35 9.53 3.21
N VAL A 39 2.29 8.21 3.26
CA VAL A 39 1.13 7.53 3.81
C VAL A 39 1.00 7.89 5.29
N THR A 40 2.04 7.60 6.05
CA THR A 40 2.07 7.89 7.47
C THR A 40 1.39 9.23 7.74
N GLU A 41 1.59 10.15 6.81
CA GLU A 41 1.00 11.48 6.94
C GLU A 41 -0.52 11.40 6.97
N LYS A 42 -1.06 10.68 5.99
CA LYS A 42 -2.51 10.51 5.89
C LYS A 42 -3.04 9.94 7.22
N LEU A 43 -2.26 9.04 7.78
CA LEU A 43 -2.64 8.41 9.03
C LEU A 43 -2.71 9.47 10.13
N GLN A 44 -3.71 9.33 10.99
CA GLN A 44 -3.90 10.27 12.09
C GLN A 44 -2.82 10.08 13.14
N TYR A 45 -1.69 10.74 12.92
CA TYR A 45 -0.57 10.65 13.84
C TYR A 45 -0.55 11.85 14.79
N SER A 46 -1.39 11.78 15.82
CA SER A 46 -1.48 12.85 16.79
C SER A 46 -1.32 12.27 18.20
N GLU A 47 -2.42 11.73 18.71
CA GLU A 47 -2.41 11.15 20.04
C GLU A 47 -2.65 9.64 19.97
N GLU A 48 -1.69 8.95 19.37
CA GLU A 48 -1.78 7.51 19.23
C GLU A 48 -1.13 6.81 20.42
N PRO A 49 -1.59 5.55 20.68
CA PRO A 49 -1.07 4.77 21.78
C PRO A 49 0.33 4.24 21.46
N ALA A 50 0.80 4.60 20.27
CA ALA A 50 2.13 4.16 19.83
C ALA A 50 3.20 4.86 20.67
N GLY A 51 3.32 4.40 21.91
CA GLY A 51 4.30 4.95 22.82
C GLY A 51 5.72 4.71 22.31
N ARG A 52 6.02 3.44 22.09
CA ARG A 52 7.34 3.06 21.61
C ARG A 52 7.32 1.61 21.09
N GLU A 53 8.37 1.25 20.38
CA GLU A 53 8.48 -0.08 19.83
C GLU A 53 7.45 -0.30 18.73
N ASP A 54 7.64 -1.37 17.98
CA ASP A 54 6.73 -1.70 16.89
C ASP A 54 6.74 -0.57 15.86
N SER A 55 7.08 -0.95 14.64
CA SER A 55 7.15 0.02 13.55
C SER A 55 6.09 -0.29 12.50
N LEU A 56 6.44 -0.02 11.25
CA LEU A 56 5.54 -0.28 10.15
C LEU A 56 6.34 -0.70 8.91
N ILE A 57 5.89 -1.77 8.29
CA ILE A 57 6.56 -2.28 7.11
C ILE A 57 5.55 -2.43 5.97
N LEU A 58 6.04 -2.26 4.75
CA LEU A 58 5.18 -2.36 3.59
C LEU A 58 5.15 -3.82 3.11
N VAL A 59 4.02 -4.19 2.53
CA VAL A 59 3.84 -5.55 2.04
C VAL A 59 2.84 -5.53 0.87
N ALA A 60 3.07 -6.43 -0.07
CA ALA A 60 2.21 -6.53 -1.23
C ALA A 60 1.37 -7.81 -1.13
N VAL A 61 0.06 -7.62 -1.13
CA VAL A 61 -0.86 -8.74 -1.04
C VAL A 61 -1.69 -8.82 -2.32
N SER A 62 -1.81 -10.03 -2.85
CA SER A 62 -2.58 -10.25 -4.06
C SER A 62 -3.90 -10.94 -3.73
N SER A 63 -4.82 -10.90 -4.69
CA SER A 63 -6.12 -11.51 -4.51
C SER A 63 -5.97 -13.04 -4.46
N SER A 64 -5.33 -13.50 -3.39
CA SER A 64 -5.12 -14.93 -3.21
C SER A 64 -4.50 -15.20 -1.84
N GLY A 65 -3.58 -14.32 -1.47
CA GLY A 65 -2.89 -14.44 -0.19
C GLY A 65 -1.39 -14.55 -0.39
N GLU A 66 -0.89 -13.78 -1.35
CA GLU A 66 0.54 -13.78 -1.64
C GLU A 66 1.18 -12.50 -1.11
N LYS A 67 1.78 -12.63 0.06
CA LYS A 67 2.45 -11.50 0.69
C LYS A 67 3.91 -11.45 0.24
N VAL A 68 4.37 -10.23 -0.01
CA VAL A 68 5.74 -10.03 -0.45
C VAL A 68 6.35 -8.88 0.33
N LEU A 69 6.95 -9.21 1.46
CA LEU A 69 7.58 -8.21 2.32
C LEU A 69 8.51 -7.36 1.47
N LEU A 70 8.14 -6.10 1.30
CA LEU A 70 8.94 -5.18 0.52
C LEU A 70 10.04 -4.60 1.39
N GLN A 71 10.89 -3.79 0.78
CA GLN A 71 12.00 -3.17 1.49
C GLN A 71 12.03 -1.67 1.18
N PRO A 72 12.63 -0.90 2.15
CA PRO A 72 12.73 0.54 2.00
C PRO A 72 13.83 0.90 0.99
N THR A 73 14.45 -0.13 0.45
CA THR A 73 15.52 0.06 -0.52
C THR A 73 15.14 -0.57 -1.86
N GLU A 74 13.89 -0.36 -2.24
CA GLU A 74 13.39 -0.91 -3.50
C GLU A 74 13.74 0.03 -4.65
N ASP A 75 13.25 -0.34 -5.83
CA ASP A 75 13.50 0.46 -7.03
C ASP A 75 12.17 0.89 -7.63
N CYS A 76 11.41 -0.09 -8.09
CA CYS A 76 10.12 0.18 -8.69
C CYS A 76 9.07 -0.69 -7.99
N VAL A 77 8.28 -0.05 -7.14
CA VAL A 77 7.24 -0.75 -6.41
C VAL A 77 5.93 -0.64 -7.17
N PHE A 78 5.48 0.60 -7.35
CA PHE A 78 4.24 0.86 -8.06
C PHE A 78 4.10 -0.07 -9.27
N THR A 79 5.24 -0.47 -9.81
CA THR A 79 5.26 -1.34 -10.97
C THR A 79 5.25 -2.81 -10.53
N ALA A 80 6.15 -3.12 -9.60
CA ALA A 80 6.25 -4.47 -9.08
C ALA A 80 4.85 -5.01 -8.78
N LEU A 81 4.10 -4.23 -8.02
CA LEU A 81 2.75 -4.63 -7.66
C LEU A 81 2.06 -5.26 -8.88
N GLY A 82 1.36 -6.36 -8.62
CA GLY A 82 0.66 -7.06 -9.68
C GLY A 82 -0.55 -6.26 -10.15
N ILE A 83 -1.45 -6.97 -10.82
CA ILE A 83 -2.66 -6.34 -11.33
C ILE A 83 -3.66 -6.16 -10.19
N ASN A 84 -4.00 -7.27 -9.56
CA ASN A 84 -4.94 -7.26 -8.46
C ASN A 84 -4.18 -7.42 -7.14
N SER A 85 -3.19 -6.55 -6.95
CA SER A 85 -2.38 -6.59 -5.75
C SER A 85 -2.48 -5.25 -5.02
N HIS A 86 -2.61 -5.34 -3.70
CA HIS A 86 -2.71 -4.15 -2.88
C HIS A 86 -1.56 -4.13 -1.86
N LEU A 87 -1.10 -2.92 -1.57
CA LEU A 87 -0.01 -2.75 -0.62
C LEU A 87 -0.58 -2.64 0.80
N PHE A 88 0.16 -3.21 1.75
CA PHE A 88 -0.26 -3.18 3.14
C PHE A 88 0.90 -2.75 4.04
N ALA A 89 0.67 -1.65 4.76
CA ALA A 89 1.69 -1.14 5.67
C ALA A 89 1.28 -1.46 7.11
N CYS A 90 2.09 -2.30 7.73
CA CYS A 90 1.83 -2.70 9.11
C CYS A 90 3.12 -3.27 9.70
N THR A 91 3.07 -3.56 11.00
CA THR A 91 4.22 -4.11 11.68
C THR A 91 4.38 -5.60 11.37
N ARG A 92 5.52 -6.13 11.75
CA ARG A 92 5.80 -7.54 11.52
C ARG A 92 4.74 -8.42 12.17
N ASP A 93 4.35 -8.01 13.38
CA ASP A 93 3.34 -8.75 14.12
C ASP A 93 1.97 -8.55 13.46
N SER A 94 1.95 -7.64 12.48
CA SER A 94 0.73 -7.35 11.76
C SER A 94 0.79 -7.93 10.35
N TYR A 95 2.02 -8.08 9.86
CA TYR A 95 2.23 -8.63 8.53
C TYR A 95 1.41 -9.90 8.32
N GLU A 96 1.43 -10.75 9.32
CA GLU A 96 0.69 -12.00 9.26
C GLU A 96 -0.81 -11.75 9.47
N ALA A 97 -1.10 -10.60 10.06
CA ALA A 97 -2.49 -10.23 10.32
C ALA A 97 -3.05 -9.54 9.08
N LEU A 98 -2.28 -9.56 8.01
CA LEU A 98 -2.69 -8.94 6.76
C LEU A 98 -3.63 -9.89 6.01
N VAL A 99 -4.58 -9.30 5.31
CA VAL A 99 -5.54 -10.08 4.53
C VAL A 99 -5.73 -9.44 3.16
N PRO A 100 -5.88 -10.31 2.13
CA PRO A 100 -6.06 -9.84 0.77
C PRO A 100 -7.49 -9.32 0.56
N LEU A 101 -7.56 -8.14 -0.04
CA LEU A 101 -8.85 -7.51 -0.29
C LEU A 101 -9.75 -8.51 -1.02
N PRO A 102 -11.07 -8.18 -1.04
CA PRO A 102 -12.05 -9.04 -1.69
C PRO A 102 -11.96 -8.90 -3.21
N GLU A 103 -13.03 -9.33 -3.87
CA GLU A 103 -13.09 -9.28 -5.32
C GLU A 103 -14.55 -9.23 -5.78
N GLU A 104 -15.00 -8.02 -6.10
CA GLU A 104 -16.37 -7.83 -6.57
C GLU A 104 -16.39 -6.91 -7.77
N ILE A 105 -17.60 -6.49 -8.14
CA ILE A 105 -17.77 -5.60 -9.28
C ILE A 105 -17.95 -4.17 -8.77
N GLN A 106 -17.06 -3.77 -7.89
CA GLN A 106 -17.11 -2.43 -7.32
C GLN A 106 -15.70 -1.88 -7.13
N VAL A 107 -15.63 -0.69 -6.54
CA VAL A 107 -14.35 -0.04 -6.31
C VAL A 107 -13.45 -0.98 -5.50
N SER A 108 -12.65 -1.74 -6.23
CA SER A 108 -11.73 -2.69 -5.60
C SER A 108 -11.09 -3.58 -6.66
N PRO A 109 -9.73 -3.47 -6.75
CA PRO A 109 -8.99 -4.26 -7.72
C PRO A 109 -8.89 -5.73 -7.27
N GLY A 110 -10.04 -6.38 -7.25
CA GLY A 110 -10.09 -7.77 -6.84
C GLY A 110 -10.86 -8.62 -7.88
N ASP A 111 -10.11 -9.51 -8.52
CA ASP A 111 -10.70 -10.38 -9.53
C ASP A 111 -9.73 -11.51 -9.86
N THR A 112 -10.23 -12.73 -9.79
CA THR A 112 -9.42 -13.89 -10.07
C THR A 112 -10.30 -15.13 -10.23
N GLU A 113 -9.74 -16.15 -10.87
CA GLU A 113 -10.46 -17.38 -11.09
C GLU A 113 -10.04 -18.44 -10.06
N ILE A 114 -10.95 -19.36 -9.80
CA ILE A 114 -10.68 -20.42 -8.83
C ILE A 114 -10.57 -19.81 -7.43
N SER A 115 -9.43 -19.17 -7.20
CA SER A 115 -9.18 -18.55 -5.91
C SER A 115 -8.93 -19.61 -4.84
N GLY A 116 -8.14 -19.25 -3.85
CA GLY A 116 -7.82 -20.16 -2.77
C GLY A 116 -6.92 -19.49 -1.73
N PRO A 117 -7.57 -19.00 -0.64
CA PRO A 117 -6.84 -18.33 0.43
C PRO A 117 -6.08 -19.34 1.29
N SER A 118 -5.01 -18.86 1.91
CA SER A 118 -4.20 -19.71 2.76
C SER A 118 -3.58 -18.88 3.88
N SER A 119 -4.39 -18.58 4.89
CA SER A 119 -3.93 -17.79 6.02
C SER A 119 -3.23 -18.70 7.03
N GLY A 120 -2.37 -18.08 7.83
CA GLY A 120 -1.63 -18.82 8.84
C GLY A 120 -2.45 -18.95 10.12
N GLY A 1 18.26 17.39 -13.10
CA GLY A 1 17.78 18.42 -14.00
C GLY A 1 16.58 19.14 -13.40
N SER A 2 16.45 20.41 -13.77
CA SER A 2 15.36 21.23 -13.28
C SER A 2 14.19 21.19 -14.27
N SER A 3 13.05 20.72 -13.77
CA SER A 3 11.86 20.63 -14.59
C SER A 3 12.09 19.63 -15.73
N GLY A 4 11.70 18.39 -15.47
CA GLY A 4 11.85 17.33 -16.46
C GLY A 4 10.91 17.54 -17.64
N SER A 5 9.97 16.62 -17.78
CA SER A 5 9.01 16.68 -18.86
C SER A 5 7.73 15.93 -18.47
N SER A 6 6.74 16.70 -18.02
CA SER A 6 5.47 16.12 -17.61
C SER A 6 5.65 15.33 -16.31
N GLY A 7 6.42 14.26 -16.41
CA GLY A 7 6.68 13.41 -15.26
C GLY A 7 5.81 12.15 -15.29
N ASP A 8 5.98 11.32 -14.27
CA ASP A 8 5.23 10.09 -14.18
C ASP A 8 4.68 9.93 -12.76
N GLU A 9 3.84 10.87 -12.37
CA GLU A 9 3.25 10.86 -11.05
C GLU A 9 2.09 9.85 -10.99
N ILE A 10 1.84 9.35 -9.80
CA ILE A 10 0.78 8.39 -9.59
C ILE A 10 0.23 8.53 -8.17
N PHE A 11 -0.81 7.74 -7.89
CA PHE A 11 -1.43 7.78 -6.58
C PHE A 11 -1.30 6.43 -5.88
N CYS A 12 -0.35 6.37 -4.95
CA CYS A 12 -0.10 5.14 -4.21
C CYS A 12 -1.15 5.05 -3.08
N ARG A 13 -1.48 3.82 -2.74
CA ARG A 13 -2.46 3.58 -1.69
C ARG A 13 -2.00 2.43 -0.78
N VAL A 14 -1.97 2.72 0.51
CA VAL A 14 -1.56 1.73 1.49
C VAL A 14 -2.79 1.13 2.16
N TYR A 15 -3.12 -0.08 1.74
CA TYR A 15 -4.28 -0.77 2.29
C TYR A 15 -3.98 -1.30 3.69
N MET A 16 -4.78 -0.86 4.65
CA MET A 16 -4.61 -1.29 6.03
C MET A 16 -5.05 -2.74 6.21
N PRO A 17 -4.65 -3.32 7.37
CA PRO A 17 -5.00 -4.69 7.68
C PRO A 17 -6.47 -4.81 8.09
N ASP A 18 -7.08 -3.67 8.30
CA ASP A 18 -8.49 -3.63 8.68
C ASP A 18 -9.32 -3.10 7.52
N HIS A 19 -8.69 -3.05 6.36
CA HIS A 19 -9.36 -2.56 5.16
C HIS A 19 -9.65 -1.07 5.30
N SER A 20 -8.66 -0.27 4.97
CA SER A 20 -8.80 1.17 5.05
C SER A 20 -7.55 1.85 4.50
N TYR A 21 -7.51 1.97 3.18
CA TYR A 21 -6.37 2.60 2.52
C TYR A 21 -6.60 4.10 2.37
N VAL A 22 -5.60 4.76 1.79
CA VAL A 22 -5.67 6.20 1.59
C VAL A 22 -5.11 6.54 0.20
N THR A 23 -5.25 7.81 -0.16
CA THR A 23 -4.76 8.26 -1.45
C THR A 23 -3.58 9.23 -1.26
N ILE A 24 -2.45 8.84 -1.82
CA ILE A 24 -1.24 9.66 -1.72
C ILE A 24 -0.62 9.83 -3.11
N ARG A 25 -0.24 11.05 -3.41
CA ARG A 25 0.37 11.35 -4.70
C ARG A 25 1.88 11.13 -4.63
N SER A 26 2.33 10.12 -5.37
CA SER A 26 3.75 9.79 -5.40
C SER A 26 4.21 9.61 -6.85
N ARG A 27 5.52 9.59 -7.01
CA ARG A 27 6.10 9.41 -8.34
C ARG A 27 6.64 8.00 -8.50
N LEU A 28 7.06 7.69 -9.72
CA LEU A 28 7.60 6.37 -10.02
C LEU A 28 9.12 6.39 -9.82
N SER A 29 9.54 7.10 -8.79
CA SER A 29 10.96 7.21 -8.47
C SER A 29 11.18 6.94 -6.98
N ALA A 30 10.33 7.55 -6.17
CA ALA A 30 10.42 7.39 -4.72
C ALA A 30 10.53 5.90 -4.39
N SER A 31 10.68 5.62 -3.10
CA SER A 31 10.79 4.26 -2.64
C SER A 31 9.76 3.99 -1.54
N VAL A 32 9.70 2.73 -1.13
CA VAL A 32 8.75 2.32 -0.10
C VAL A 32 8.78 3.36 1.03
N GLN A 33 9.99 3.74 1.43
CA GLN A 33 10.16 4.71 2.49
C GLN A 33 9.28 5.94 2.24
N ASP A 34 9.48 6.54 1.06
CA ASP A 34 8.72 7.71 0.69
C ASP A 34 7.23 7.47 0.98
N ILE A 35 6.66 6.56 0.22
CA ILE A 35 5.25 6.22 0.38
C ILE A 35 4.93 6.14 1.87
N LEU A 36 5.60 5.23 2.55
CA LEU A 36 5.40 5.04 3.98
C LEU A 36 5.30 6.41 4.66
N GLY A 37 6.28 7.24 4.37
CA GLY A 37 6.32 8.58 4.94
C GLY A 37 5.03 9.34 4.62
N SER A 38 4.71 9.39 3.35
CA SER A 38 3.50 10.09 2.89
C SER A 38 2.27 9.45 3.53
N VAL A 39 2.15 8.14 3.33
CA VAL A 39 1.03 7.41 3.88
C VAL A 39 0.93 7.66 5.38
N THR A 40 2.00 7.32 6.08
CA THR A 40 2.05 7.51 7.52
C THR A 40 1.46 8.86 7.90
N GLU A 41 1.74 9.86 7.07
CA GLU A 41 1.25 11.20 7.31
C GLU A 41 -0.29 11.21 7.30
N LYS A 42 -0.85 10.49 6.34
CA LYS A 42 -2.28 10.41 6.19
C LYS A 42 -2.87 9.77 7.46
N LEU A 43 -2.15 8.79 7.98
CA LEU A 43 -2.59 8.10 9.18
C LEU A 43 -2.70 9.09 10.34
N GLN A 44 -3.47 8.70 11.34
CA GLN A 44 -3.66 9.54 12.50
C GLN A 44 -2.34 9.74 13.25
N TYR A 45 -1.70 10.87 12.97
CA TYR A 45 -0.43 11.18 13.61
C TYR A 45 -0.12 12.68 13.50
N SER A 46 -0.50 13.40 14.55
CA SER A 46 -0.26 14.84 14.58
C SER A 46 0.23 15.25 15.97
N GLU A 47 -0.66 15.07 16.95
CA GLU A 47 -0.33 15.42 18.33
C GLU A 47 -0.75 14.29 19.27
N GLU A 48 -0.24 13.11 18.99
CA GLU A 48 -0.55 11.94 19.80
C GLU A 48 0.63 11.61 20.72
N PRO A 49 0.34 10.79 21.76
CA PRO A 49 1.36 10.39 22.71
C PRO A 49 2.28 9.33 22.11
N ALA A 50 2.03 9.02 20.83
CA ALA A 50 2.82 8.03 20.13
C ALA A 50 3.74 8.74 19.13
N GLY A 51 4.74 9.44 19.66
CA GLY A 51 5.68 10.15 18.83
C GLY A 51 6.23 9.26 17.72
N ARG A 52 6.81 8.14 18.14
CA ARG A 52 7.37 7.20 17.19
C ARG A 52 8.04 6.03 17.94
N GLU A 53 7.41 4.87 17.81
CA GLU A 53 7.93 3.67 18.46
C GLU A 53 7.07 2.46 18.11
N ASP A 54 7.36 1.89 16.94
CA ASP A 54 6.63 0.72 16.48
C ASP A 54 7.18 0.29 15.12
N SER A 55 7.31 1.27 14.24
CA SER A 55 7.82 1.01 12.90
C SER A 55 6.89 0.05 12.16
N LEU A 56 6.45 0.47 10.99
CA LEU A 56 5.55 -0.34 10.18
C LEU A 56 6.29 -0.80 8.92
N ILE A 57 6.03 -2.04 8.53
CA ILE A 57 6.65 -2.60 7.34
C ILE A 57 5.62 -2.71 6.22
N LEU A 58 6.09 -2.52 5.00
CA LEU A 58 5.22 -2.59 3.84
C LEU A 58 5.16 -4.03 3.34
N VAL A 59 4.03 -4.36 2.72
CA VAL A 59 3.83 -5.70 2.20
C VAL A 59 2.83 -5.65 1.05
N ALA A 60 3.19 -6.31 -0.04
CA ALA A 60 2.33 -6.35 -1.21
C ALA A 60 1.47 -7.62 -1.17
N VAL A 61 0.17 -7.40 -1.18
CA VAL A 61 -0.78 -8.52 -1.15
C VAL A 61 -1.57 -8.55 -2.45
N SER A 62 -1.88 -9.76 -2.89
CA SER A 62 -2.64 -9.94 -4.12
C SER A 62 -3.92 -10.73 -3.83
N SER A 63 -4.80 -10.73 -4.81
CA SER A 63 -6.06 -11.44 -4.69
C SER A 63 -5.81 -12.96 -4.65
N SER A 64 -5.21 -13.40 -3.56
CA SER A 64 -4.91 -14.81 -3.39
C SER A 64 -4.27 -15.05 -2.03
N GLY A 65 -3.46 -14.09 -1.60
CA GLY A 65 -2.79 -14.18 -0.32
C GLY A 65 -1.26 -14.19 -0.50
N GLU A 66 -0.84 -13.75 -1.67
CA GLU A 66 0.59 -13.70 -1.98
C GLU A 66 1.21 -12.43 -1.40
N LYS A 67 1.81 -12.58 -0.24
CA LYS A 67 2.45 -11.45 0.42
C LYS A 67 3.90 -11.35 -0.03
N VAL A 68 4.37 -10.11 -0.18
CA VAL A 68 5.74 -9.88 -0.60
C VAL A 68 6.34 -8.76 0.25
N LEU A 69 6.92 -9.17 1.37
CA LEU A 69 7.54 -8.22 2.28
C LEU A 69 8.45 -7.28 1.49
N LEU A 70 8.00 -6.03 1.39
CA LEU A 70 8.77 -5.02 0.67
C LEU A 70 9.82 -4.42 1.60
N GLN A 71 10.63 -3.53 1.03
CA GLN A 71 11.67 -2.87 1.79
C GLN A 71 11.79 -1.40 1.38
N PRO A 72 12.38 -0.60 2.29
CA PRO A 72 12.56 0.82 2.05
C PRO A 72 13.70 1.06 1.05
N THR A 73 14.32 -0.03 0.64
CA THR A 73 15.43 0.04 -0.31
C THR A 73 15.10 -0.76 -1.57
N GLU A 74 13.87 -0.58 -2.04
CA GLU A 74 13.43 -1.28 -3.24
C GLU A 74 13.86 -0.52 -4.49
N ASP A 75 13.45 -1.05 -5.63
CA ASP A 75 13.80 -0.43 -6.90
C ASP A 75 12.52 0.12 -7.55
N CYS A 76 11.63 -0.80 -7.91
CA CYS A 76 10.38 -0.42 -8.54
C CYS A 76 9.25 -1.22 -7.89
N VAL A 77 8.50 -0.54 -7.03
CA VAL A 77 7.40 -1.18 -6.33
C VAL A 77 6.10 -0.93 -7.12
N PHE A 78 5.76 0.34 -7.24
CA PHE A 78 4.55 0.72 -7.95
C PHE A 78 4.35 -0.15 -9.19
N THR A 79 5.46 -0.61 -9.75
CA THR A 79 5.41 -1.45 -10.93
C THR A 79 5.29 -2.92 -10.52
N ALA A 80 6.16 -3.33 -9.61
CA ALA A 80 6.15 -4.71 -9.14
C ALA A 80 4.73 -5.10 -8.77
N LEU A 81 4.06 -4.21 -8.04
CA LEU A 81 2.70 -4.46 -7.61
C LEU A 81 1.92 -5.11 -8.76
N GLY A 82 1.36 -6.28 -8.46
CA GLY A 82 0.59 -7.02 -9.45
C GLY A 82 -0.55 -6.15 -10.00
N ILE A 83 -1.45 -6.81 -10.71
CA ILE A 83 -2.60 -6.13 -11.28
C ILE A 83 -3.60 -5.81 -10.18
N ASN A 84 -3.96 -6.83 -9.43
CA ASN A 84 -4.92 -6.67 -8.34
C ASN A 84 -4.20 -6.89 -7.01
N SER A 85 -3.10 -6.17 -6.84
CA SER A 85 -2.31 -6.26 -5.63
C SER A 85 -2.39 -4.95 -4.85
N HIS A 86 -2.53 -5.09 -3.54
CA HIS A 86 -2.61 -3.92 -2.68
C HIS A 86 -1.45 -3.94 -1.67
N LEU A 87 -0.98 -2.75 -1.34
CA LEU A 87 0.12 -2.61 -0.40
C LEU A 87 -0.44 -2.53 1.02
N PHE A 88 0.23 -3.24 1.92
CA PHE A 88 -0.18 -3.25 3.31
C PHE A 88 0.98 -2.87 4.24
N ALA A 89 0.77 -1.81 4.99
CA ALA A 89 1.80 -1.34 5.91
C ALA A 89 1.36 -1.66 7.34
N CYS A 90 2.14 -2.54 7.97
CA CYS A 90 1.85 -2.94 9.34
C CYS A 90 3.13 -3.49 9.96
N THR A 91 3.04 -3.79 11.25
CA THR A 91 4.19 -4.33 11.97
C THR A 91 4.57 -5.70 11.40
N ARG A 92 5.46 -6.38 12.12
CA ARG A 92 5.92 -7.69 11.70
C ARG A 92 4.98 -8.77 12.22
N ASP A 93 4.34 -8.46 13.34
CA ASP A 93 3.41 -9.40 13.95
C ASP A 93 2.02 -9.22 13.33
N SER A 94 1.91 -8.19 12.50
CA SER A 94 0.65 -7.90 11.83
C SER A 94 0.73 -8.33 10.36
N TYR A 95 1.95 -8.54 9.90
CA TYR A 95 2.18 -8.93 8.52
C TYR A 95 1.28 -10.12 8.14
N GLU A 96 1.17 -11.06 9.06
CA GLU A 96 0.35 -12.24 8.84
C GLU A 96 -1.14 -11.88 8.98
N ALA A 97 -1.40 -10.92 9.85
CA ALA A 97 -2.77 -10.49 10.09
C ALA A 97 -3.31 -9.81 8.83
N LEU A 98 -2.40 -9.54 7.91
CA LEU A 98 -2.77 -8.90 6.66
C LEU A 98 -3.69 -9.83 5.86
N VAL A 99 -4.69 -9.23 5.23
CA VAL A 99 -5.64 -10.00 4.44
C VAL A 99 -5.78 -9.35 3.06
N PRO A 100 -5.90 -10.22 2.02
CA PRO A 100 -6.04 -9.74 0.66
C PRO A 100 -7.45 -9.21 0.41
N LEU A 101 -7.50 -8.01 -0.16
CA LEU A 101 -8.77 -7.37 -0.46
C LEU A 101 -9.62 -8.31 -1.31
N PRO A 102 -10.94 -8.00 -1.37
CA PRO A 102 -11.87 -8.81 -2.15
C PRO A 102 -11.70 -8.54 -3.65
N GLU A 103 -12.69 -8.98 -4.41
CA GLU A 103 -12.68 -8.80 -5.85
C GLU A 103 -14.05 -8.41 -6.35
N GLU A 104 -14.17 -7.13 -6.70
CA GLU A 104 -15.43 -6.61 -7.21
C GLU A 104 -15.20 -5.31 -7.98
N ILE A 105 -16.29 -4.67 -8.36
CA ILE A 105 -16.22 -3.43 -9.09
C ILE A 105 -16.39 -2.25 -8.13
N GLN A 106 -15.68 -2.35 -7.01
CA GLN A 106 -15.74 -1.30 -6.00
C GLN A 106 -14.34 -0.73 -5.74
N VAL A 107 -14.18 -0.15 -4.56
CA VAL A 107 -12.91 0.43 -4.18
C VAL A 107 -11.79 -0.60 -4.39
N SER A 108 -11.19 -0.54 -5.56
CA SER A 108 -10.11 -1.46 -5.90
C SER A 108 -9.45 -1.03 -7.21
N PRO A 109 -8.12 -1.27 -7.29
CA PRO A 109 -7.36 -0.92 -8.47
C PRO A 109 -7.63 -1.90 -9.61
N GLY A 110 -8.72 -1.64 -10.32
CA GLY A 110 -9.11 -2.49 -11.43
C GLY A 110 -8.24 -2.21 -12.67
N ASP A 111 -8.39 -3.07 -13.67
CA ASP A 111 -7.64 -2.92 -14.90
C ASP A 111 -8.08 -4.00 -15.89
N THR A 112 -9.08 -3.67 -16.68
CA THR A 112 -9.60 -4.60 -17.66
C THR A 112 -10.18 -5.84 -16.98
N GLU A 113 -11.45 -6.09 -17.27
CA GLU A 113 -12.14 -7.23 -16.69
C GLU A 113 -11.44 -8.53 -17.10
N ILE A 114 -11.85 -9.61 -16.44
CA ILE A 114 -11.28 -10.91 -16.72
C ILE A 114 -9.81 -10.92 -16.30
N SER A 115 -9.59 -11.29 -15.05
CA SER A 115 -8.24 -11.34 -14.51
C SER A 115 -7.88 -12.78 -14.14
N GLY A 116 -8.64 -13.33 -13.21
CA GLY A 116 -8.40 -14.69 -12.76
C GLY A 116 -9.45 -15.12 -11.72
N PRO A 117 -9.64 -16.46 -11.60
CA PRO A 117 -10.60 -17.00 -10.65
C PRO A 117 -10.05 -16.91 -9.22
N SER A 118 -10.23 -15.75 -8.62
CA SER A 118 -9.77 -15.52 -7.27
C SER A 118 -10.85 -15.95 -6.27
N SER A 119 -10.43 -16.13 -5.02
CA SER A 119 -11.34 -16.54 -3.97
C SER A 119 -11.73 -15.33 -3.12
N GLY A 120 -13.02 -15.20 -2.86
CA GLY A 120 -13.52 -14.10 -2.07
C GLY A 120 -14.17 -14.61 -0.77
N GLY A 1 7.13 29.76 -3.31
CA GLY A 1 7.09 28.32 -3.51
C GLY A 1 7.23 27.97 -4.98
N SER A 2 6.30 27.16 -5.45
CA SER A 2 6.31 26.73 -6.84
C SER A 2 7.70 26.18 -7.22
N SER A 3 7.82 24.87 -7.14
CA SER A 3 9.08 24.22 -7.46
C SER A 3 8.85 23.13 -8.53
N GLY A 4 9.14 23.51 -9.76
CA GLY A 4 8.97 22.59 -10.88
C GLY A 4 9.70 21.27 -10.62
N SER A 5 9.48 20.32 -11.51
CA SER A 5 10.10 19.01 -11.39
C SER A 5 9.83 18.18 -12.64
N SER A 6 8.55 17.91 -12.87
CA SER A 6 8.15 17.14 -14.03
C SER A 6 8.70 15.71 -13.92
N GLY A 7 7.79 14.77 -13.71
CA GLY A 7 8.17 13.37 -13.58
C GLY A 7 6.98 12.45 -13.86
N ASP A 8 6.95 11.35 -13.12
CA ASP A 8 5.88 10.38 -13.28
C ASP A 8 5.14 10.23 -11.95
N GLU A 9 4.31 11.22 -11.64
CA GLU A 9 3.55 11.21 -10.40
C GLU A 9 2.41 10.19 -10.50
N ILE A 10 2.12 9.58 -9.36
CA ILE A 10 1.06 8.59 -9.30
C ILE A 10 0.40 8.65 -7.92
N PHE A 11 -0.68 7.88 -7.78
CA PHE A 11 -1.40 7.83 -6.52
C PHE A 11 -1.35 6.42 -5.91
N CYS A 12 -0.47 6.28 -4.93
CA CYS A 12 -0.32 5.00 -4.26
C CYS A 12 -1.33 4.94 -3.12
N ARG A 13 -1.71 3.71 -2.77
CA ARG A 13 -2.67 3.49 -1.70
C ARG A 13 -2.21 2.34 -0.80
N VAL A 14 -2.02 2.66 0.46
CA VAL A 14 -1.58 1.66 1.43
C VAL A 14 -2.81 1.03 2.09
N TYR A 15 -3.15 -0.16 1.63
CA TYR A 15 -4.29 -0.87 2.18
C TYR A 15 -4.01 -1.38 3.59
N MET A 16 -4.82 -0.90 4.53
CA MET A 16 -4.66 -1.29 5.92
C MET A 16 -5.13 -2.73 6.14
N PRO A 17 -4.75 -3.28 7.32
CA PRO A 17 -5.13 -4.64 7.66
C PRO A 17 -6.60 -4.72 8.07
N ASP A 18 -7.19 -3.55 8.27
CA ASP A 18 -8.59 -3.47 8.66
C ASP A 18 -9.41 -3.00 7.46
N HIS A 19 -8.77 -2.98 6.30
CA HIS A 19 -9.44 -2.56 5.08
C HIS A 19 -9.75 -1.07 5.16
N SER A 20 -8.75 -0.26 4.86
CA SER A 20 -8.90 1.18 4.89
C SER A 20 -7.63 1.86 4.40
N TYR A 21 -7.51 1.97 3.09
CA TYR A 21 -6.34 2.60 2.49
C TYR A 21 -6.52 4.11 2.40
N VAL A 22 -5.48 4.75 1.89
CA VAL A 22 -5.51 6.21 1.73
C VAL A 22 -4.86 6.59 0.41
N THR A 23 -5.24 7.76 -0.08
CA THR A 23 -4.70 8.25 -1.35
C THR A 23 -3.48 9.14 -1.09
N ILE A 24 -2.39 8.80 -1.74
CA ILE A 24 -1.16 9.56 -1.60
C ILE A 24 -0.51 9.75 -2.97
N ARG A 25 -0.11 10.98 -3.24
CA ARG A 25 0.51 11.31 -4.51
C ARG A 25 2.02 11.11 -4.42
N SER A 26 2.49 10.05 -5.07
CA SER A 26 3.91 9.72 -5.07
C SER A 26 4.37 9.44 -6.51
N ARG A 27 5.69 9.53 -6.69
CA ARG A 27 6.27 9.27 -8.00
C ARG A 27 6.75 7.83 -8.09
N LEU A 28 6.71 7.30 -9.31
CA LEU A 28 7.14 5.93 -9.55
C LEU A 28 8.59 5.78 -9.10
N SER A 29 9.31 6.88 -9.13
CA SER A 29 10.71 6.87 -8.73
C SER A 29 10.83 6.61 -7.23
N ALA A 30 9.98 7.31 -6.47
CA ALA A 30 9.99 7.16 -5.03
C ALA A 30 10.07 5.68 -4.68
N SER A 31 10.42 5.41 -3.42
CA SER A 31 10.54 4.05 -2.94
C SER A 31 9.54 3.80 -1.81
N VAL A 32 9.41 2.54 -1.45
CA VAL A 32 8.50 2.15 -0.39
C VAL A 32 8.57 3.19 0.74
N GLN A 33 9.79 3.52 1.12
CA GLN A 33 10.01 4.50 2.17
C GLN A 33 9.14 5.74 1.95
N ASP A 34 9.40 6.39 0.83
CA ASP A 34 8.66 7.60 0.47
C ASP A 34 7.18 7.39 0.80
N ILE A 35 6.57 6.45 0.08
CA ILE A 35 5.17 6.14 0.29
C ILE A 35 4.87 6.12 1.79
N LEU A 36 5.58 5.24 2.49
CA LEU A 36 5.41 5.11 3.92
C LEU A 36 5.29 6.50 4.55
N GLY A 37 6.36 7.27 4.42
CA GLY A 37 6.38 8.62 4.96
C GLY A 37 5.13 9.40 4.54
N SER A 38 4.78 9.24 3.28
CA SER A 38 3.61 9.93 2.74
C SER A 38 2.34 9.44 3.45
N VAL A 39 2.12 8.13 3.36
CA VAL A 39 0.96 7.53 3.98
C VAL A 39 0.90 7.93 5.45
N THR A 40 2.04 7.83 6.11
CA THR A 40 2.13 8.18 7.52
C THR A 40 1.35 9.47 7.79
N GLU A 41 1.50 10.42 6.89
CA GLU A 41 0.81 11.69 7.02
C GLU A 41 -0.70 11.49 7.00
N LYS A 42 -1.14 10.62 6.11
CA LYS A 42 -2.56 10.32 5.97
C LYS A 42 -3.07 9.72 7.28
N LEU A 43 -2.22 8.89 7.88
CA LEU A 43 -2.57 8.24 9.14
C LEU A 43 -2.89 9.30 10.18
N GLN A 44 -3.95 9.06 10.94
CA GLN A 44 -4.37 9.98 11.98
C GLN A 44 -3.41 9.89 13.17
N TYR A 45 -2.23 10.47 12.99
CA TYR A 45 -1.23 10.46 14.04
C TYR A 45 -0.68 11.88 14.28
N SER A 46 -1.21 12.51 15.32
CA SER A 46 -0.77 13.86 15.67
C SER A 46 0.32 13.81 16.73
N GLU A 47 0.88 14.97 17.02
CA GLU A 47 1.94 15.06 18.01
C GLU A 47 1.39 14.79 19.41
N GLU A 48 1.15 13.51 19.67
CA GLU A 48 0.62 13.10 20.96
C GLU A 48 1.47 11.97 21.54
N PRO A 49 1.31 11.75 22.88
CA PRO A 49 2.04 10.71 23.56
C PRO A 49 1.47 9.33 23.25
N ALA A 50 0.46 9.33 22.39
CA ALA A 50 -0.20 8.09 21.99
C ALA A 50 0.35 7.65 20.63
N GLY A 51 -0.17 6.52 20.17
CA GLY A 51 0.26 5.98 18.88
C GLY A 51 1.54 5.16 19.03
N ARG A 52 2.55 5.79 19.63
CA ARG A 52 3.82 5.13 19.84
C ARG A 52 4.59 5.04 18.51
N GLU A 53 4.00 4.32 17.57
CA GLU A 53 4.61 4.15 16.27
C GLU A 53 6.06 3.69 16.42
N ASP A 54 6.24 2.38 16.37
CA ASP A 54 7.57 1.80 16.51
C ASP A 54 8.22 1.69 15.13
N SER A 55 7.58 0.93 14.25
CA SER A 55 8.08 0.74 12.90
C SER A 55 7.04 0.02 12.06
N LEU A 56 6.72 0.62 10.93
CA LEU A 56 5.73 0.05 10.02
C LEU A 56 6.46 -0.46 8.76
N ILE A 57 6.16 -1.71 8.42
CA ILE A 57 6.76 -2.32 7.25
C ILE A 57 5.71 -2.48 6.15
N LEU A 58 6.15 -2.35 4.91
CA LEU A 58 5.26 -2.47 3.77
C LEU A 58 5.17 -3.94 3.35
N VAL A 59 4.09 -4.26 2.68
CA VAL A 59 3.87 -5.62 2.20
C VAL A 59 2.90 -5.61 1.03
N ALA A 60 3.17 -6.48 0.07
CA ALA A 60 2.34 -6.57 -1.12
C ALA A 60 1.50 -7.85 -1.04
N VAL A 61 0.19 -7.67 -1.08
CA VAL A 61 -0.73 -8.79 -1.02
C VAL A 61 -1.58 -8.83 -2.29
N SER A 62 -1.64 -10.01 -2.89
CA SER A 62 -2.40 -10.20 -4.11
C SER A 62 -3.72 -10.90 -3.80
N SER A 63 -4.61 -10.89 -4.79
CA SER A 63 -5.91 -11.52 -4.63
C SER A 63 -5.74 -13.04 -4.61
N SER A 64 -5.16 -13.52 -3.52
CA SER A 64 -4.95 -14.95 -3.34
C SER A 64 -4.38 -15.23 -1.95
N GLY A 65 -3.50 -14.34 -1.52
CA GLY A 65 -2.87 -14.49 -0.21
C GLY A 65 -1.35 -14.59 -0.33
N GLU A 66 -0.82 -13.85 -1.29
CA GLU A 66 0.62 -13.86 -1.53
C GLU A 66 1.25 -12.57 -0.99
N LYS A 67 1.88 -12.69 0.16
CA LYS A 67 2.52 -11.55 0.79
C LYS A 67 3.99 -11.51 0.37
N VAL A 68 4.44 -10.30 0.02
CA VAL A 68 5.82 -10.12 -0.40
C VAL A 68 6.42 -8.94 0.35
N LEU A 69 6.98 -9.24 1.52
CA LEU A 69 7.59 -8.22 2.35
C LEU A 69 8.50 -7.34 1.49
N LEU A 70 8.05 -6.11 1.28
CA LEU A 70 8.80 -5.17 0.47
C LEU A 70 9.84 -4.47 1.36
N GLN A 71 10.66 -3.64 0.72
CA GLN A 71 11.69 -2.91 1.44
C GLN A 71 11.70 -1.44 1.00
N PRO A 72 12.24 -0.58 1.90
CA PRO A 72 12.31 0.85 1.63
C PRO A 72 13.42 1.15 0.62
N THR A 73 14.17 0.12 0.28
CA THR A 73 15.26 0.25 -0.68
C THR A 73 14.96 -0.54 -1.95
N GLU A 74 13.72 -0.42 -2.41
CA GLU A 74 13.30 -1.11 -3.61
C GLU A 74 13.65 -0.30 -4.85
N ASP A 75 13.22 -0.81 -5.99
CA ASP A 75 13.48 -0.13 -7.26
C ASP A 75 12.15 0.28 -7.90
N CYS A 76 11.45 -0.72 -8.42
CA CYS A 76 10.17 -0.48 -9.06
C CYS A 76 9.09 -1.20 -8.25
N VAL A 77 8.37 -0.43 -7.46
CA VAL A 77 7.30 -0.99 -6.65
C VAL A 77 5.97 -0.84 -7.37
N PHE A 78 5.54 0.41 -7.51
CA PHE A 78 4.29 0.70 -8.18
C PHE A 78 4.08 -0.22 -9.37
N THR A 79 5.18 -0.60 -10.00
CA THR A 79 5.13 -1.49 -11.15
C THR A 79 5.15 -2.95 -10.69
N ALA A 80 6.12 -3.26 -9.86
CA ALA A 80 6.25 -4.62 -9.35
C ALA A 80 4.88 -5.17 -8.97
N LEU A 81 4.14 -4.35 -8.22
CA LEU A 81 2.81 -4.73 -7.78
C LEU A 81 2.09 -5.44 -8.93
N GLY A 82 1.47 -6.57 -8.60
CA GLY A 82 0.74 -7.34 -9.59
C GLY A 82 -0.41 -6.52 -10.19
N ILE A 83 -1.38 -7.25 -10.74
CA ILE A 83 -2.53 -6.60 -11.34
C ILE A 83 -3.53 -6.22 -10.24
N ASN A 84 -3.87 -7.20 -9.42
CA ASN A 84 -4.81 -6.98 -8.34
C ASN A 84 -4.09 -7.16 -7.00
N SER A 85 -3.02 -6.39 -6.83
CA SER A 85 -2.24 -6.45 -5.60
C SER A 85 -2.40 -5.15 -4.81
N HIS A 86 -2.45 -5.31 -3.50
CA HIS A 86 -2.61 -4.16 -2.61
C HIS A 86 -1.43 -4.10 -1.63
N LEU A 87 -0.96 -2.90 -1.40
CA LEU A 87 0.17 -2.70 -0.49
C LEU A 87 -0.38 -2.52 0.94
N PHE A 88 0.17 -3.32 1.85
CA PHE A 88 -0.24 -3.27 3.23
C PHE A 88 0.94 -2.90 4.15
N ALA A 89 0.79 -1.78 4.83
CA ALA A 89 1.83 -1.30 5.73
C ALA A 89 1.36 -1.49 7.17
N CYS A 90 2.06 -2.38 7.87
CA CYS A 90 1.74 -2.65 9.26
C CYS A 90 2.99 -3.21 9.95
N THR A 91 2.87 -3.40 11.26
CA THR A 91 3.98 -3.91 12.04
C THR A 91 4.33 -5.33 11.58
N ARG A 92 5.39 -5.87 12.18
CA ARG A 92 5.84 -7.21 11.84
C ARG A 92 4.91 -8.25 12.46
N ASP A 93 4.14 -7.80 13.44
CA ASP A 93 3.20 -8.69 14.12
C ASP A 93 1.84 -8.59 13.46
N SER A 94 1.73 -7.65 12.52
CA SER A 94 0.49 -7.45 11.81
C SER A 94 0.63 -7.94 10.37
N TYR A 95 1.87 -8.12 9.95
CA TYR A 95 2.15 -8.60 8.61
C TYR A 95 1.30 -9.82 8.26
N GLU A 96 1.18 -10.71 9.24
CA GLU A 96 0.41 -11.92 9.05
C GLU A 96 -1.09 -11.63 9.26
N ALA A 97 -1.35 -10.52 9.93
CA ALA A 97 -2.73 -10.11 10.20
C ALA A 97 -3.32 -9.46 8.95
N LEU A 98 -2.50 -9.41 7.90
CA LEU A 98 -2.92 -8.83 6.65
C LEU A 98 -3.81 -9.81 5.89
N VAL A 99 -4.73 -9.26 5.10
CA VAL A 99 -5.64 -10.09 4.33
C VAL A 99 -5.81 -9.48 2.94
N PRO A 100 -5.93 -10.37 1.93
CA PRO A 100 -6.11 -9.92 0.55
C PRO A 100 -7.53 -9.42 0.31
N LEU A 101 -7.62 -8.20 -0.20
CA LEU A 101 -8.90 -7.59 -0.48
C LEU A 101 -9.73 -8.53 -1.35
N PRO A 102 -11.07 -8.25 -1.38
CA PRO A 102 -11.98 -9.07 -2.16
C PRO A 102 -11.84 -8.78 -3.65
N GLU A 103 -12.85 -9.19 -4.40
CA GLU A 103 -12.86 -8.98 -5.84
C GLU A 103 -14.27 -8.65 -6.33
N GLU A 104 -14.78 -7.51 -5.88
CA GLU A 104 -16.11 -7.08 -6.26
C GLU A 104 -16.06 -5.64 -6.77
N ILE A 105 -17.25 -5.10 -7.03
CA ILE A 105 -17.36 -3.74 -7.52
C ILE A 105 -17.90 -2.83 -6.40
N GLN A 106 -17.32 -3.02 -5.22
CA GLN A 106 -17.74 -2.23 -4.06
C GLN A 106 -16.71 -1.13 -3.79
N VAL A 107 -16.86 -0.51 -2.63
CA VAL A 107 -15.96 0.56 -2.23
C VAL A 107 -14.86 -0.02 -1.33
N SER A 108 -13.83 -0.55 -1.98
CA SER A 108 -12.72 -1.14 -1.26
C SER A 108 -11.85 -1.96 -2.22
N PRO A 109 -12.51 -2.91 -2.93
CA PRO A 109 -11.81 -3.76 -3.87
C PRO A 109 -11.47 -2.99 -5.15
N GLY A 110 -10.98 -3.74 -6.14
CA GLY A 110 -10.61 -3.14 -7.41
C GLY A 110 -10.88 -4.10 -8.56
N ASP A 111 -10.94 -3.53 -9.76
CA ASP A 111 -11.19 -4.32 -10.95
C ASP A 111 -12.52 -5.07 -10.79
N THR A 112 -12.90 -5.77 -11.85
CA THR A 112 -14.14 -6.53 -11.84
C THR A 112 -13.86 -8.03 -11.88
N GLU A 113 -14.68 -8.78 -11.17
CA GLU A 113 -14.53 -10.23 -11.13
C GLU A 113 -15.67 -10.86 -10.32
N ILE A 114 -15.83 -12.15 -10.50
CA ILE A 114 -16.88 -12.89 -9.81
C ILE A 114 -16.33 -14.24 -9.35
N SER A 115 -17.17 -14.97 -8.63
CA SER A 115 -16.78 -16.28 -8.14
C SER A 115 -15.56 -16.16 -7.22
N GLY A 116 -15.83 -16.14 -5.93
CA GLY A 116 -14.77 -16.03 -4.95
C GLY A 116 -14.92 -17.09 -3.85
N PRO A 117 -13.77 -17.38 -3.17
CA PRO A 117 -13.77 -18.36 -2.11
C PRO A 117 -14.40 -17.79 -0.83
N SER A 118 -14.56 -18.67 0.15
CA SER A 118 -15.15 -18.26 1.42
C SER A 118 -14.07 -17.77 2.36
N SER A 119 -14.36 -16.64 3.01
CA SER A 119 -13.42 -16.04 3.94
C SER A 119 -13.20 -16.98 5.13
N GLY A 120 -12.00 -16.91 5.69
CA GLY A 120 -11.66 -17.73 6.83
C GLY A 120 -12.29 -17.19 8.11
N GLY A 1 21.24 24.01 -14.01
CA GLY A 1 20.27 23.11 -14.60
C GLY A 1 18.94 23.15 -13.86
N SER A 2 17.95 22.49 -14.43
CA SER A 2 16.63 22.44 -13.83
C SER A 2 15.78 21.36 -14.51
N SER A 3 15.22 20.49 -13.69
CA SER A 3 14.39 19.41 -14.19
C SER A 3 15.24 18.44 -15.03
N GLY A 4 15.17 17.18 -14.64
CA GLY A 4 15.92 16.15 -15.35
C GLY A 4 15.00 15.31 -16.24
N SER A 5 15.14 14.00 -16.10
CA SER A 5 14.34 13.07 -16.88
C SER A 5 13.62 12.09 -15.95
N SER A 6 12.45 12.52 -15.48
CA SER A 6 11.67 11.69 -14.58
C SER A 6 10.38 12.42 -14.19
N GLY A 7 9.39 11.64 -13.80
CA GLY A 7 8.10 12.20 -13.40
C GLY A 7 7.06 11.10 -13.20
N ASP A 8 6.16 11.00 -14.18
CA ASP A 8 5.11 10.01 -14.13
C ASP A 8 4.55 9.92 -12.71
N GLU A 9 3.71 10.90 -12.39
CA GLU A 9 3.10 10.95 -11.07
C GLU A 9 1.96 9.94 -10.97
N ILE A 10 1.77 9.41 -9.77
CA ILE A 10 0.72 8.44 -9.53
C ILE A 10 0.23 8.57 -8.09
N PHE A 11 -0.82 7.82 -7.79
CA PHE A 11 -1.39 7.84 -6.45
C PHE A 11 -1.27 6.45 -5.79
N CYS A 12 -0.29 6.34 -4.91
CA CYS A 12 -0.07 5.09 -4.21
C CYS A 12 -1.13 4.96 -3.10
N ARG A 13 -1.56 3.73 -2.88
CA ARG A 13 -2.56 3.45 -1.87
C ARG A 13 -2.08 2.36 -0.92
N VAL A 14 -1.97 2.73 0.35
CA VAL A 14 -1.52 1.79 1.37
C VAL A 14 -2.74 1.19 2.07
N TYR A 15 -3.09 -0.01 1.64
CA TYR A 15 -4.24 -0.70 2.22
C TYR A 15 -3.91 -1.19 3.63
N MET A 16 -4.79 -0.84 4.56
CA MET A 16 -4.61 -1.22 5.95
C MET A 16 -5.03 -2.68 6.17
N PRO A 17 -4.64 -3.22 7.35
CA PRO A 17 -4.97 -4.59 7.68
C PRO A 17 -6.45 -4.72 8.09
N ASP A 18 -7.07 -3.56 8.29
CA ASP A 18 -8.47 -3.52 8.67
C ASP A 18 -9.30 -3.04 7.49
N HIS A 19 -8.68 -3.04 6.32
CA HIS A 19 -9.35 -2.61 5.10
C HIS A 19 -9.66 -1.12 5.20
N SER A 20 -8.66 -0.31 4.87
CA SER A 20 -8.80 1.13 4.91
C SER A 20 -7.54 1.81 4.39
N TYR A 21 -7.47 1.95 3.08
CA TYR A 21 -6.32 2.57 2.45
C TYR A 21 -6.49 4.09 2.38
N VAL A 22 -5.47 4.74 1.85
CA VAL A 22 -5.49 6.19 1.72
C VAL A 22 -4.89 6.58 0.37
N THR A 23 -5.14 7.82 -0.02
CA THR A 23 -4.64 8.34 -1.28
C THR A 23 -3.43 9.23 -1.04
N ILE A 24 -2.32 8.87 -1.67
CA ILE A 24 -1.09 9.63 -1.54
C ILE A 24 -0.48 9.86 -2.92
N ARG A 25 -0.01 11.07 -3.13
CA ARG A 25 0.60 11.43 -4.41
C ARG A 25 2.08 11.06 -4.40
N SER A 26 2.40 10.05 -5.20
CA SER A 26 3.78 9.60 -5.31
C SER A 26 4.17 9.44 -6.78
N ARG A 27 5.48 9.40 -7.01
CA ARG A 27 6.00 9.25 -8.35
C ARG A 27 6.61 7.87 -8.54
N LEU A 28 6.98 7.58 -9.79
CA LEU A 28 7.57 6.30 -10.11
C LEU A 28 9.09 6.38 -9.91
N SER A 29 9.47 6.98 -8.80
CA SER A 29 10.88 7.14 -8.47
C SER A 29 11.11 6.87 -6.99
N ALA A 30 10.24 7.46 -6.18
CA ALA A 30 10.33 7.31 -4.74
C ALA A 30 10.46 5.82 -4.40
N SER A 31 10.53 5.54 -3.11
CA SER A 31 10.65 4.17 -2.64
C SER A 31 9.65 3.93 -1.50
N VAL A 32 9.55 2.66 -1.12
CA VAL A 32 8.64 2.27 -0.05
C VAL A 32 8.68 3.32 1.05
N GLN A 33 9.89 3.63 1.49
CA GLN A 33 10.08 4.62 2.54
C GLN A 33 9.22 5.84 2.28
N ASP A 34 9.50 6.50 1.16
CA ASP A 34 8.75 7.69 0.79
C ASP A 34 7.26 7.45 1.05
N ILE A 35 6.69 6.55 0.26
CA ILE A 35 5.28 6.23 0.39
C ILE A 35 4.92 6.12 1.88
N LEU A 36 5.58 5.17 2.54
CA LEU A 36 5.34 4.96 3.96
C LEU A 36 5.21 6.31 4.67
N GLY A 37 6.13 7.20 4.35
CA GLY A 37 6.12 8.53 4.94
C GLY A 37 4.89 9.32 4.51
N SER A 38 4.74 9.45 3.20
CA SER A 38 3.61 10.18 2.65
C SER A 38 2.30 9.62 3.21
N VAL A 39 2.29 8.30 3.38
CA VAL A 39 1.11 7.63 3.91
C VAL A 39 1.00 7.91 5.40
N THR A 40 2.02 7.50 6.14
CA THR A 40 2.05 7.69 7.58
C THR A 40 1.46 9.06 7.94
N GLU A 41 1.61 10.00 7.02
CA GLU A 41 1.10 11.34 7.22
C GLU A 41 -0.43 11.32 7.24
N LYS A 42 -1.00 10.69 6.22
CA LYS A 42 -2.44 10.59 6.11
C LYS A 42 -3.01 10.03 7.41
N LEU A 43 -2.27 9.10 8.00
CA LEU A 43 -2.69 8.47 9.23
C LEU A 43 -2.86 9.54 10.31
N GLN A 44 -3.56 9.16 11.37
CA GLN A 44 -3.81 10.08 12.48
C GLN A 44 -2.98 9.67 13.69
N TYR A 45 -1.91 10.42 13.93
CA TYR A 45 -1.03 10.15 15.05
C TYR A 45 -1.00 11.33 16.02
N SER A 46 -1.32 11.03 17.27
CA SER A 46 -1.33 12.06 18.30
C SER A 46 -0.57 11.58 19.54
N GLU A 47 -0.20 12.54 20.38
CA GLU A 47 0.55 12.22 21.59
C GLU A 47 -0.39 11.61 22.63
N GLU A 48 -0.76 10.36 22.38
CA GLU A 48 -1.65 9.64 23.28
C GLU A 48 -0.98 8.36 23.79
N PRO A 49 -1.51 7.84 24.92
CA PRO A 49 -0.98 6.63 25.52
C PRO A 49 -1.39 5.39 24.71
N ALA A 50 -2.10 5.64 23.63
CA ALA A 50 -2.56 4.57 22.77
C ALA A 50 -1.93 4.72 21.38
N GLY A 51 -2.21 3.74 20.53
CA GLY A 51 -1.67 3.76 19.18
C GLY A 51 -0.51 2.76 19.04
N ARG A 52 0.49 2.96 19.88
CA ARG A 52 1.66 2.09 19.87
C ARG A 52 2.37 2.18 18.52
N GLU A 53 3.52 2.84 18.53
CA GLU A 53 4.30 3.01 17.33
C GLU A 53 5.73 2.49 17.53
N ASP A 54 6.27 1.90 16.48
CA ASP A 54 7.62 1.36 16.53
C ASP A 54 8.22 1.35 15.13
N SER A 55 7.47 0.79 14.19
CA SER A 55 7.91 0.71 12.81
C SER A 55 6.90 -0.10 11.99
N LEU A 56 6.56 0.46 10.83
CA LEU A 56 5.62 -0.21 9.93
C LEU A 56 6.36 -0.67 8.68
N ILE A 57 6.07 -1.91 8.29
CA ILE A 57 6.69 -2.49 7.11
C ILE A 57 5.65 -2.62 6.01
N LEU A 58 6.11 -2.46 4.78
CA LEU A 58 5.23 -2.55 3.62
C LEU A 58 5.17 -4.02 3.16
N VAL A 59 4.04 -4.36 2.55
CA VAL A 59 3.85 -5.71 2.06
C VAL A 59 2.84 -5.70 0.91
N ALA A 60 3.17 -6.41 -0.15
CA ALA A 60 2.31 -6.48 -1.31
C ALA A 60 1.42 -7.71 -1.21
N VAL A 61 0.12 -7.47 -1.21
CA VAL A 61 -0.84 -8.57 -1.12
C VAL A 61 -1.64 -8.65 -2.43
N SER A 62 -1.84 -9.87 -2.89
CA SER A 62 -2.57 -10.11 -4.12
C SER A 62 -3.83 -10.93 -3.83
N SER A 63 -4.69 -11.01 -4.84
CA SER A 63 -5.92 -11.76 -4.70
C SER A 63 -5.62 -13.23 -4.42
N SER A 64 -4.36 -13.59 -4.65
CA SER A 64 -3.92 -14.97 -4.44
C SER A 64 -3.16 -15.06 -3.11
N GLY A 65 -3.54 -14.20 -2.18
CA GLY A 65 -2.91 -14.19 -0.87
C GLY A 65 -1.38 -14.28 -1.00
N GLU A 66 -0.85 -13.46 -1.90
CA GLU A 66 0.58 -13.44 -2.13
C GLU A 66 1.21 -12.25 -1.42
N LYS A 67 1.78 -12.51 -0.26
CA LYS A 67 2.44 -11.47 0.52
C LYS A 67 3.92 -11.39 0.15
N VAL A 68 4.37 -10.18 -0.11
CA VAL A 68 5.75 -9.96 -0.49
C VAL A 68 6.32 -8.82 0.36
N LEU A 69 7.00 -9.20 1.43
CA LEU A 69 7.59 -8.22 2.33
C LEU A 69 8.51 -7.30 1.53
N LEU A 70 8.07 -6.06 1.38
CA LEU A 70 8.84 -5.07 0.64
C LEU A 70 9.87 -4.43 1.56
N GLN A 71 10.70 -3.59 0.98
CA GLN A 71 11.73 -2.91 1.74
C GLN A 71 11.77 -1.43 1.38
N PRO A 72 12.32 -0.61 2.32
CA PRO A 72 12.43 0.82 2.11
C PRO A 72 13.54 1.16 1.12
N THR A 73 14.19 0.10 0.64
CA THR A 73 15.28 0.28 -0.31
C THR A 73 14.99 -0.52 -1.59
N GLU A 74 13.77 -0.38 -2.08
CA GLU A 74 13.35 -1.08 -3.28
C GLU A 74 13.75 -0.27 -4.52
N ASP A 75 13.36 -0.79 -5.68
CA ASP A 75 13.66 -0.12 -6.94
C ASP A 75 12.36 0.27 -7.63
N CYS A 76 11.63 -0.73 -8.08
CA CYS A 76 10.37 -0.51 -8.76
C CYS A 76 9.27 -1.23 -7.98
N VAL A 77 8.54 -0.45 -7.19
CA VAL A 77 7.45 -0.99 -6.40
C VAL A 77 6.13 -0.83 -7.14
N PHE A 78 5.74 0.42 -7.31
CA PHE A 78 4.49 0.72 -8.02
C PHE A 78 4.30 -0.21 -9.21
N THR A 79 5.42 -0.60 -9.80
CA THR A 79 5.38 -1.49 -10.95
C THR A 79 5.35 -2.95 -10.50
N ALA A 80 6.24 -3.27 -9.57
CA ALA A 80 6.32 -4.63 -9.04
C ALA A 80 4.91 -5.14 -8.76
N LEU A 81 4.14 -4.33 -8.05
CA LEU A 81 2.77 -4.68 -7.70
C LEU A 81 2.12 -5.37 -8.90
N GLY A 82 1.38 -6.43 -8.60
CA GLY A 82 0.69 -7.18 -9.63
C GLY A 82 -0.48 -6.40 -10.20
N ILE A 83 -1.38 -7.12 -10.85
CA ILE A 83 -2.56 -6.50 -11.44
C ILE A 83 -3.56 -6.17 -10.33
N ASN A 84 -3.92 -7.20 -9.57
CA ASN A 84 -4.86 -7.03 -8.49
C ASN A 84 -4.14 -7.21 -7.15
N SER A 85 -3.10 -6.41 -6.96
CA SER A 85 -2.33 -6.46 -5.74
C SER A 85 -2.40 -5.13 -4.99
N HIS A 86 -2.47 -5.23 -3.67
CA HIS A 86 -2.55 -4.04 -2.84
C HIS A 86 -1.41 -4.04 -1.84
N LEU A 87 -0.94 -2.84 -1.53
CA LEU A 87 0.17 -2.68 -0.59
C LEU A 87 -0.40 -2.57 0.83
N PHE A 88 0.27 -3.25 1.75
CA PHE A 88 -0.16 -3.23 3.15
C PHE A 88 1.00 -2.83 4.07
N ALA A 89 0.77 -1.79 4.84
CA ALA A 89 1.77 -1.30 5.77
C ALA A 89 1.35 -1.64 7.20
N CYS A 90 2.14 -2.50 7.83
CA CYS A 90 1.87 -2.91 9.19
C CYS A 90 3.15 -3.50 9.79
N THR A 91 3.09 -3.80 11.08
CA THR A 91 4.23 -4.36 11.77
C THR A 91 4.54 -5.76 11.24
N ARG A 92 5.39 -6.46 11.97
CA ARG A 92 5.77 -7.81 11.58
C ARG A 92 4.77 -8.83 12.14
N ASP A 93 4.26 -8.52 13.32
CA ASP A 93 3.29 -9.39 13.97
C ASP A 93 1.93 -9.21 13.31
N SER A 94 1.85 -8.21 12.44
CA SER A 94 0.62 -7.92 11.73
C SER A 94 0.73 -8.37 10.27
N TYR A 95 1.96 -8.43 9.80
CA TYR A 95 2.22 -8.82 8.42
C TYR A 95 1.37 -10.02 8.03
N GLU A 96 1.25 -10.95 8.96
CA GLU A 96 0.46 -12.15 8.71
C GLU A 96 -1.03 -11.85 8.91
N ALA A 97 -1.31 -10.91 9.81
CA ALA A 97 -2.67 -10.53 10.10
C ALA A 97 -3.27 -9.83 8.87
N LEU A 98 -2.40 -9.53 7.91
CA LEU A 98 -2.83 -8.87 6.69
C LEU A 98 -3.75 -9.81 5.91
N VAL A 99 -4.67 -9.20 5.18
CA VAL A 99 -5.62 -9.96 4.38
C VAL A 99 -5.75 -9.32 3.00
N PRO A 100 -5.90 -10.20 1.97
CA PRO A 100 -6.03 -9.74 0.60
C PRO A 100 -7.43 -9.16 0.35
N LEU A 101 -7.45 -7.95 -0.17
CA LEU A 101 -8.69 -7.27 -0.47
C LEU A 101 -9.58 -8.19 -1.30
N PRO A 102 -10.89 -7.82 -1.37
CA PRO A 102 -11.85 -8.61 -2.14
C PRO A 102 -11.67 -8.38 -3.63
N GLU A 103 -12.70 -8.75 -4.39
CA GLU A 103 -12.67 -8.60 -5.83
C GLU A 103 -14.09 -8.65 -6.40
N GLU A 104 -14.89 -7.68 -5.98
CA GLU A 104 -16.27 -7.61 -6.44
C GLU A 104 -16.73 -6.16 -6.51
N ILE A 105 -18.01 -5.99 -6.82
CA ILE A 105 -18.58 -4.65 -6.92
C ILE A 105 -19.46 -4.39 -5.70
N GLN A 106 -18.96 -4.80 -4.54
CA GLN A 106 -19.70 -4.60 -3.30
C GLN A 106 -18.80 -3.95 -2.25
N VAL A 107 -18.86 -2.62 -2.23
CA VAL A 107 -18.06 -1.86 -1.28
C VAL A 107 -16.58 -2.13 -1.54
N SER A 108 -16.04 -1.43 -2.53
CA SER A 108 -14.64 -1.58 -2.89
C SER A 108 -14.23 -0.49 -3.88
N PRO A 109 -12.89 -0.36 -4.07
CA PRO A 109 -12.35 0.64 -4.97
C PRO A 109 -12.56 0.23 -6.43
N GLY A 110 -13.10 1.15 -7.20
CA GLY A 110 -13.36 0.89 -8.61
C GLY A 110 -14.26 -0.32 -8.79
N ASP A 111 -14.78 -0.45 -10.01
CA ASP A 111 -15.67 -1.56 -10.32
C ASP A 111 -14.92 -2.58 -11.19
N THR A 112 -14.80 -3.79 -10.66
CA THR A 112 -14.10 -4.85 -11.37
C THR A 112 -14.79 -5.13 -12.71
N GLU A 113 -14.15 -4.67 -13.77
CA GLU A 113 -14.68 -4.87 -15.11
C GLU A 113 -14.81 -6.36 -15.42
N ILE A 114 -15.94 -6.72 -16.00
CA ILE A 114 -16.19 -8.12 -16.35
C ILE A 114 -15.69 -9.02 -15.22
N SER A 115 -16.29 -8.85 -14.06
CA SER A 115 -15.91 -9.65 -12.90
C SER A 115 -16.85 -10.86 -12.77
N GLY A 116 -16.26 -11.96 -12.35
CA GLY A 116 -17.03 -13.19 -12.18
C GLY A 116 -17.24 -13.51 -10.70
N PRO A 117 -18.29 -14.32 -10.43
CA PRO A 117 -18.61 -14.70 -9.06
C PRO A 117 -17.62 -15.76 -8.54
N SER A 118 -17.16 -15.53 -7.32
CA SER A 118 -16.21 -16.44 -6.70
C SER A 118 -16.74 -16.90 -5.35
N SER A 119 -16.99 -15.93 -4.48
CA SER A 119 -17.50 -16.23 -3.15
C SER A 119 -18.58 -15.21 -2.77
N GLY A 120 -19.81 -15.54 -3.14
CA GLY A 120 -20.94 -14.66 -2.85
C GLY A 120 -20.89 -14.19 -1.39
N GLY A 1 6.61 17.80 0.53
CA GLY A 1 7.58 17.82 -0.55
C GLY A 1 7.03 18.56 -1.78
N SER A 2 6.34 17.82 -2.63
CA SER A 2 5.76 18.39 -3.82
C SER A 2 6.85 19.09 -4.65
N SER A 3 7.51 18.31 -5.49
CA SER A 3 8.55 18.84 -6.33
C SER A 3 8.88 17.85 -7.46
N GLY A 4 8.20 18.03 -8.58
CA GLY A 4 8.41 17.16 -9.73
C GLY A 4 8.05 17.88 -11.03
N SER A 5 6.83 18.39 -11.07
CA SER A 5 6.36 19.10 -12.24
C SER A 5 6.17 18.13 -13.41
N SER A 6 7.29 17.61 -13.90
CA SER A 6 7.26 16.67 -15.00
C SER A 6 7.69 15.28 -14.51
N GLY A 7 7.09 14.26 -15.12
CA GLY A 7 7.40 12.89 -14.76
C GLY A 7 6.16 12.00 -14.87
N ASP A 8 6.15 10.94 -14.08
CA ASP A 8 5.03 10.01 -14.08
C ASP A 8 4.44 9.92 -12.68
N GLU A 9 3.60 10.89 -12.36
CA GLU A 9 2.96 10.94 -11.06
C GLU A 9 1.83 9.90 -10.99
N ILE A 10 1.67 9.33 -9.81
CA ILE A 10 0.64 8.33 -9.59
C ILE A 10 0.15 8.41 -8.15
N PHE A 11 -1.03 7.83 -7.91
CA PHE A 11 -1.61 7.82 -6.58
C PHE A 11 -1.46 6.46 -5.92
N CYS A 12 -0.48 6.37 -5.02
CA CYS A 12 -0.23 5.13 -4.32
C CYS A 12 -1.27 4.98 -3.21
N ARG A 13 -1.54 3.73 -2.86
CA ARG A 13 -2.51 3.44 -1.82
C ARG A 13 -1.99 2.34 -0.90
N VAL A 14 -1.84 2.70 0.38
CA VAL A 14 -1.36 1.75 1.36
C VAL A 14 -2.53 1.22 2.19
N TYR A 15 -2.93 0.00 1.85
CA TYR A 15 -4.05 -0.63 2.54
C TYR A 15 -3.65 -1.06 3.95
N MET A 16 -4.42 -0.59 4.93
CA MET A 16 -4.15 -0.92 6.31
C MET A 16 -4.48 -2.38 6.61
N PRO A 17 -3.94 -2.87 7.76
CA PRO A 17 -4.17 -4.25 8.17
C PRO A 17 -5.59 -4.44 8.70
N ASP A 18 -6.37 -3.37 8.61
CA ASP A 18 -7.75 -3.41 9.08
C ASP A 18 -8.68 -2.95 7.94
N HIS A 19 -8.13 -2.94 6.74
CA HIS A 19 -8.90 -2.54 5.58
C HIS A 19 -9.25 -1.06 5.67
N SER A 20 -8.29 -0.23 5.29
CA SER A 20 -8.49 1.21 5.34
C SER A 20 -7.27 1.92 4.75
N TYR A 21 -7.24 1.99 3.42
CA TYR A 21 -6.15 2.64 2.72
C TYR A 21 -6.40 4.14 2.57
N VAL A 22 -5.44 4.82 1.97
CA VAL A 22 -5.55 6.25 1.76
C VAL A 22 -5.03 6.59 0.37
N THR A 23 -5.20 7.86 0.01
CA THR A 23 -4.75 8.33 -1.30
C THR A 23 -3.55 9.27 -1.14
N ILE A 24 -2.42 8.81 -1.66
CA ILE A 24 -1.20 9.60 -1.59
C ILE A 24 -0.61 9.75 -2.99
N ARG A 25 -0.22 10.97 -3.31
CA ARG A 25 0.37 11.26 -4.62
C ARG A 25 1.88 11.05 -4.58
N SER A 26 2.31 10.02 -5.29
CA SER A 26 3.73 9.69 -5.35
C SER A 26 4.16 9.48 -6.81
N ARG A 27 5.46 9.60 -7.02
CA ARG A 27 6.01 9.43 -8.36
C ARG A 27 6.59 8.02 -8.52
N LEU A 28 7.01 7.72 -9.74
CA LEU A 28 7.58 6.42 -10.03
C LEU A 28 9.09 6.47 -9.81
N SER A 29 9.48 7.15 -8.74
CA SER A 29 10.88 7.29 -8.41
C SER A 29 11.10 6.98 -6.92
N ALA A 30 10.22 7.54 -6.10
CA ALA A 30 10.31 7.33 -4.67
C ALA A 30 10.42 5.84 -4.37
N SER A 31 10.49 5.52 -3.09
CA SER A 31 10.59 4.13 -2.66
C SER A 31 9.59 3.86 -1.53
N VAL A 32 9.55 2.60 -1.13
CA VAL A 32 8.65 2.19 -0.07
C VAL A 32 8.68 3.22 1.06
N GLN A 33 9.90 3.62 1.42
CA GLN A 33 10.09 4.60 2.47
C GLN A 33 9.21 5.82 2.23
N ASP A 34 9.45 6.47 1.10
CA ASP A 34 8.68 7.65 0.73
C ASP A 34 7.21 7.43 1.07
N ILE A 35 6.60 6.51 0.35
CA ILE A 35 5.20 6.18 0.57
C ILE A 35 4.93 6.11 2.07
N LEU A 36 5.57 5.14 2.71
CA LEU A 36 5.40 4.96 4.14
C LEU A 36 5.34 6.33 4.83
N GLY A 37 6.26 7.20 4.42
CA GLY A 37 6.34 8.54 4.98
C GLY A 37 5.10 9.36 4.58
N SER A 38 4.80 9.33 3.29
CA SER A 38 3.66 10.07 2.77
C SER A 38 2.38 9.58 3.45
N VAL A 39 2.25 8.27 3.52
CA VAL A 39 1.08 7.66 4.12
C VAL A 39 1.03 8.04 5.61
N THR A 40 2.15 7.82 6.28
CA THR A 40 2.24 8.13 7.70
C THR A 40 1.55 9.45 8.00
N GLU A 41 1.70 10.39 7.07
CA GLU A 41 1.08 11.70 7.23
C GLU A 41 -0.44 11.58 7.22
N LYS A 42 -0.94 10.81 6.25
CA LYS A 42 -2.38 10.61 6.13
C LYS A 42 -2.92 10.03 7.43
N LEU A 43 -2.13 9.12 8.01
CA LEU A 43 -2.53 8.48 9.25
C LEU A 43 -2.78 9.55 10.31
N GLN A 44 -3.83 9.31 11.10
CA GLN A 44 -4.19 10.25 12.15
C GLN A 44 -2.95 10.67 12.94
N TYR A 45 -2.14 9.68 13.30
CA TYR A 45 -0.93 9.94 14.05
C TYR A 45 -1.13 11.08 15.05
N SER A 46 -1.63 10.72 16.21
CA SER A 46 -1.88 11.70 17.26
C SER A 46 -2.31 10.99 18.55
N GLU A 47 -3.51 10.41 18.49
CA GLU A 47 -4.05 9.70 19.64
C GLU A 47 -4.32 8.24 19.28
N GLU A 48 -3.34 7.64 18.61
CA GLU A 48 -3.46 6.25 18.20
C GLU A 48 -3.10 5.32 19.38
N PRO A 49 -3.69 4.10 19.33
CA PRO A 49 -3.44 3.12 20.37
C PRO A 49 -2.04 2.50 20.22
N ALA A 50 -1.33 2.98 19.22
CA ALA A 50 0.02 2.48 18.96
C ALA A 50 0.81 2.46 20.27
N GLY A 51 1.79 1.56 20.32
CA GLY A 51 2.62 1.43 21.50
C GLY A 51 3.64 0.30 21.32
N ARG A 52 3.20 -0.76 20.66
CA ARG A 52 4.06 -1.90 20.42
C ARG A 52 4.30 -2.07 18.92
N GLU A 53 5.08 -1.14 18.37
CA GLU A 53 5.41 -1.19 16.95
C GLU A 53 6.87 -0.80 16.73
N ASP A 54 7.31 -0.98 15.50
CA ASP A 54 8.68 -0.66 15.13
C ASP A 54 8.68 0.56 14.21
N SER A 55 8.58 0.28 12.92
CA SER A 55 8.58 1.35 11.93
C SER A 55 7.61 1.00 10.80
N LEU A 56 6.76 0.02 11.07
CA LEU A 56 5.79 -0.42 10.08
C LEU A 56 6.52 -0.98 8.86
N ILE A 57 6.07 -2.14 8.43
CA ILE A 57 6.68 -2.79 7.26
C ILE A 57 5.65 -2.87 6.14
N LEU A 58 6.14 -2.69 4.92
CA LEU A 58 5.27 -2.74 3.76
C LEU A 58 5.21 -4.18 3.24
N VAL A 59 4.07 -4.51 2.64
CA VAL A 59 3.87 -5.85 2.10
C VAL A 59 2.85 -5.78 0.97
N ALA A 60 3.16 -6.49 -0.11
CA ALA A 60 2.29 -6.52 -1.27
C ALA A 60 1.40 -7.77 -1.20
N VAL A 61 0.09 -7.53 -1.19
CA VAL A 61 -0.86 -8.62 -1.13
C VAL A 61 -1.70 -8.63 -2.41
N SER A 62 -1.95 -9.83 -2.90
CA SER A 62 -2.74 -9.99 -4.12
C SER A 62 -4.05 -10.71 -3.80
N SER A 63 -4.96 -10.68 -4.77
CA SER A 63 -6.25 -11.34 -4.61
C SER A 63 -6.08 -12.85 -4.58
N SER A 64 -5.46 -13.33 -3.51
CA SER A 64 -5.23 -14.76 -3.37
C SER A 64 -4.58 -15.04 -2.01
N GLY A 65 -3.70 -14.14 -1.60
CA GLY A 65 -3.01 -14.28 -0.34
C GLY A 65 -1.50 -14.37 -0.55
N GLU A 66 -1.03 -13.68 -1.59
CA GLU A 66 0.38 -13.67 -1.90
C GLU A 66 1.04 -12.42 -1.33
N LYS A 67 1.63 -12.59 -0.14
CA LYS A 67 2.31 -11.49 0.52
C LYS A 67 3.75 -11.43 0.04
N VAL A 68 4.25 -10.20 -0.04
CA VAL A 68 5.63 -9.98 -0.48
C VAL A 68 6.25 -8.86 0.34
N LEU A 69 6.90 -9.23 1.42
CA LEU A 69 7.54 -8.27 2.30
C LEU A 69 8.46 -7.37 1.47
N LEU A 70 8.04 -6.12 1.35
CA LEU A 70 8.81 -5.15 0.59
C LEU A 70 9.90 -4.54 1.49
N GLN A 71 10.69 -3.66 0.89
CA GLN A 71 11.76 -3.01 1.62
C GLN A 71 11.80 -1.51 1.30
N PRO A 72 12.35 -0.73 2.25
CA PRO A 72 12.45 0.72 2.08
C PRO A 72 13.57 1.07 1.09
N THR A 73 14.31 0.05 0.69
CA THR A 73 15.40 0.24 -0.24
C THR A 73 15.12 -0.50 -1.55
N GLU A 74 13.91 -0.29 -2.07
CA GLU A 74 13.51 -0.92 -3.30
C GLU A 74 13.94 -0.08 -4.50
N ASP A 75 13.63 -0.59 -5.68
CA ASP A 75 13.97 0.10 -6.91
C ASP A 75 12.69 0.57 -7.61
N CYS A 76 11.80 -0.38 -7.86
CA CYS A 76 10.54 -0.07 -8.50
C CYS A 76 9.45 -0.92 -7.86
N VAL A 77 8.65 -0.26 -7.03
CA VAL A 77 7.56 -0.93 -6.34
C VAL A 77 6.28 -0.78 -7.16
N PHE A 78 5.89 0.46 -7.38
CA PHE A 78 4.69 0.76 -8.14
C PHE A 78 4.57 -0.17 -9.36
N THR A 79 5.73 -0.52 -9.90
CA THR A 79 5.78 -1.39 -11.06
C THR A 79 5.67 -2.86 -10.63
N ALA A 80 6.64 -3.27 -9.83
CA ALA A 80 6.68 -4.64 -9.34
C ALA A 80 5.27 -5.06 -8.93
N LEU A 81 4.61 -4.17 -8.20
CA LEU A 81 3.26 -4.44 -7.73
C LEU A 81 2.47 -5.16 -8.83
N GLY A 82 1.82 -6.23 -8.44
CA GLY A 82 1.03 -7.01 -9.38
C GLY A 82 -0.06 -6.15 -10.03
N ILE A 83 -1.01 -6.83 -10.64
CA ILE A 83 -2.11 -6.13 -11.30
C ILE A 83 -3.22 -5.84 -10.28
N ASN A 84 -3.52 -6.86 -9.49
CA ASN A 84 -4.55 -6.72 -8.47
C ASN A 84 -3.93 -6.91 -7.09
N SER A 85 -2.80 -6.26 -6.89
CA SER A 85 -2.09 -6.35 -5.63
C SER A 85 -2.18 -5.01 -4.88
N HIS A 86 -2.37 -5.11 -3.57
CA HIS A 86 -2.48 -3.93 -2.74
C HIS A 86 -1.29 -3.88 -1.77
N LEU A 87 -0.88 -2.66 -1.47
CA LEU A 87 0.24 -2.45 -0.56
C LEU A 87 -0.27 -2.40 0.88
N PHE A 88 0.31 -3.26 1.71
CA PHE A 88 -0.09 -3.33 3.10
C PHE A 88 1.07 -2.91 4.01
N ALA A 89 0.76 -2.01 4.93
CA ALA A 89 1.75 -1.52 5.87
C ALA A 89 1.30 -1.83 7.30
N CYS A 90 2.06 -2.70 7.94
CA CYS A 90 1.75 -3.10 9.31
C CYS A 90 3.05 -3.57 9.97
N THR A 91 2.95 -3.85 11.26
CA THR A 91 4.10 -4.32 12.02
C THR A 91 4.58 -5.67 11.49
N ARG A 92 5.54 -6.23 12.20
CA ARG A 92 6.10 -7.51 11.82
C ARG A 92 5.25 -8.65 12.39
N ASP A 93 4.44 -8.31 13.37
CA ASP A 93 3.58 -9.28 14.01
C ASP A 93 2.16 -9.15 13.43
N SER A 94 2.03 -8.25 12.47
CA SER A 94 0.75 -8.03 11.83
C SER A 94 0.81 -8.46 10.36
N TYR A 95 2.03 -8.63 9.88
CA TYR A 95 2.24 -9.03 8.50
C TYR A 95 1.37 -10.24 8.14
N GLU A 96 1.24 -11.14 9.10
CA GLU A 96 0.43 -12.33 8.89
C GLU A 96 -1.05 -12.01 9.09
N ALA A 97 -1.30 -10.97 9.87
CA ALA A 97 -2.66 -10.53 10.13
C ALA A 97 -3.23 -9.83 8.90
N LEU A 98 -2.36 -9.63 7.92
CA LEU A 98 -2.75 -8.96 6.69
C LEU A 98 -3.70 -9.88 5.91
N VAL A 99 -4.64 -9.24 5.22
CA VAL A 99 -5.62 -9.97 4.44
C VAL A 99 -5.73 -9.34 3.06
N PRO A 100 -5.90 -10.23 2.03
CA PRO A 100 -6.03 -9.77 0.66
C PRO A 100 -7.40 -9.16 0.40
N LEU A 101 -7.39 -7.94 -0.13
CA LEU A 101 -8.63 -7.24 -0.41
C LEU A 101 -9.47 -8.07 -1.39
N PRO A 102 -10.77 -7.71 -1.47
CA PRO A 102 -11.69 -8.42 -2.36
C PRO A 102 -11.45 -8.03 -3.82
N GLU A 103 -12.45 -8.31 -4.63
CA GLU A 103 -12.36 -8.00 -6.05
C GLU A 103 -13.76 -7.73 -6.62
N GLU A 104 -13.94 -6.50 -7.07
CA GLU A 104 -15.22 -6.10 -7.63
C GLU A 104 -15.03 -4.91 -8.59
N ILE A 105 -16.15 -4.35 -9.02
CA ILE A 105 -16.11 -3.22 -9.93
C ILE A 105 -16.80 -2.02 -9.26
N GLN A 106 -16.44 -1.79 -8.00
CA GLN A 106 -17.00 -0.69 -7.26
C GLN A 106 -16.13 -0.36 -6.04
N VAL A 107 -15.19 0.56 -6.25
CA VAL A 107 -14.29 0.96 -5.20
C VAL A 107 -13.47 -0.25 -4.74
N SER A 108 -12.76 -0.83 -5.69
CA SER A 108 -11.92 -1.99 -5.39
C SER A 108 -11.07 -2.34 -6.61
N PRO A 109 -9.77 -1.91 -6.55
CA PRO A 109 -8.84 -2.17 -7.63
C PRO A 109 -8.39 -3.63 -7.63
N GLY A 110 -9.27 -4.49 -8.11
CA GLY A 110 -8.99 -5.91 -8.17
C GLY A 110 -9.50 -6.52 -9.48
N ASP A 111 -9.00 -7.71 -9.78
CA ASP A 111 -9.40 -8.41 -10.98
C ASP A 111 -10.57 -9.35 -10.66
N THR A 112 -11.76 -8.88 -10.99
CA THR A 112 -12.97 -9.65 -10.75
C THR A 112 -12.97 -10.92 -11.60
N GLU A 113 -13.26 -12.04 -10.94
CA GLU A 113 -13.29 -13.33 -11.62
C GLU A 113 -11.89 -13.70 -12.12
N ILE A 114 -11.62 -15.00 -12.14
CA ILE A 114 -10.34 -15.48 -12.60
C ILE A 114 -10.53 -16.36 -13.84
N SER A 115 -10.98 -15.71 -14.90
CA SER A 115 -11.22 -16.42 -16.15
C SER A 115 -12.19 -17.57 -15.93
N GLY A 116 -13.47 -17.26 -16.03
CA GLY A 116 -14.50 -18.27 -15.83
C GLY A 116 -14.90 -18.36 -14.36
N PRO A 117 -15.71 -19.41 -14.04
CA PRO A 117 -16.17 -19.62 -12.68
C PRO A 117 -15.04 -20.18 -11.80
N SER A 118 -14.48 -19.31 -11.00
CA SER A 118 -13.39 -19.69 -10.12
C SER A 118 -13.91 -20.66 -9.04
N SER A 119 -13.14 -21.69 -8.80
CA SER A 119 -13.51 -22.69 -7.80
C SER A 119 -12.30 -23.06 -6.96
N GLY A 120 -12.50 -23.02 -5.65
CA GLY A 120 -11.43 -23.34 -4.72
C GLY A 120 -11.51 -22.47 -3.46
N GLY A 1 21.25 24.40 -10.65
CA GLY A 1 20.34 25.25 -11.40
C GLY A 1 19.26 24.42 -12.09
N SER A 2 18.26 25.12 -12.60
CA SER A 2 17.16 24.46 -13.30
C SER A 2 16.40 23.57 -12.33
N SER A 3 15.19 24.00 -11.99
CA SER A 3 14.35 23.25 -11.08
C SER A 3 13.06 22.84 -11.78
N GLY A 4 13.12 21.70 -12.46
CA GLY A 4 11.96 21.19 -13.17
C GLY A 4 11.69 19.73 -12.80
N SER A 5 10.94 19.57 -11.71
CA SER A 5 10.59 18.24 -11.23
C SER A 5 9.59 17.58 -12.19
N SER A 6 10.12 16.82 -13.13
CA SER A 6 9.28 16.13 -14.09
C SER A 6 9.47 14.61 -13.97
N GLY A 7 8.35 13.92 -13.84
CA GLY A 7 8.38 12.47 -13.72
C GLY A 7 7.03 11.86 -14.06
N ASP A 8 6.76 10.72 -13.44
CA ASP A 8 5.50 10.03 -13.68
C ASP A 8 4.75 9.89 -12.35
N GLU A 9 4.05 10.95 -11.98
CA GLU A 9 3.29 10.96 -10.75
C GLU A 9 2.12 9.98 -10.85
N ILE A 10 1.77 9.39 -9.70
CA ILE A 10 0.68 8.45 -9.65
C ILE A 10 0.05 8.49 -8.25
N PHE A 11 -1.06 7.77 -8.12
CA PHE A 11 -1.76 7.71 -6.84
C PHE A 11 -1.73 6.30 -6.26
N CYS A 12 -0.86 6.11 -5.27
CA CYS A 12 -0.72 4.82 -4.63
C CYS A 12 -1.45 4.88 -3.29
N ARG A 13 -1.97 3.73 -2.89
CA ARG A 13 -2.69 3.63 -1.62
C ARG A 13 -2.10 2.51 -0.77
N VAL A 14 -2.01 2.79 0.53
CA VAL A 14 -1.48 1.82 1.47
C VAL A 14 -2.61 1.26 2.33
N TYR A 15 -3.05 0.07 1.99
CA TYR A 15 -4.11 -0.58 2.72
C TYR A 15 -3.66 -0.97 4.13
N MET A 16 -4.62 -0.97 5.04
CA MET A 16 -4.33 -1.33 6.42
C MET A 16 -4.77 -2.76 6.72
N PRO A 17 -4.26 -3.29 7.86
CA PRO A 17 -4.59 -4.64 8.28
C PRO A 17 -6.01 -4.72 8.84
N ASP A 18 -6.70 -3.59 8.77
CA ASP A 18 -8.06 -3.51 9.26
C ASP A 18 -8.99 -3.11 8.11
N HIS A 19 -8.47 -3.22 6.90
CA HIS A 19 -9.24 -2.87 5.71
C HIS A 19 -9.49 -1.36 5.70
N SER A 20 -8.45 -0.62 5.34
CA SER A 20 -8.54 0.83 5.29
C SER A 20 -7.26 1.42 4.69
N TYR A 21 -7.41 1.93 3.48
CA TYR A 21 -6.27 2.52 2.78
C TYR A 21 -6.47 4.03 2.57
N VAL A 22 -5.42 4.67 2.10
CA VAL A 22 -5.48 6.11 1.85
C VAL A 22 -4.91 6.40 0.46
N THR A 23 -5.20 7.60 -0.02
CA THR A 23 -4.72 8.02 -1.32
C THR A 23 -3.54 8.97 -1.18
N ILE A 24 -2.41 8.55 -1.75
CA ILE A 24 -1.20 9.35 -1.68
C ILE A 24 -0.65 9.55 -3.10
N ARG A 25 -0.15 10.74 -3.35
CA ARG A 25 0.40 11.07 -4.66
C ARG A 25 1.93 10.98 -4.62
N SER A 26 2.44 9.96 -5.30
CA SER A 26 3.88 9.75 -5.37
C SER A 26 4.32 9.53 -6.81
N ARG A 27 5.63 9.55 -7.01
CA ARG A 27 6.19 9.34 -8.33
C ARG A 27 6.66 7.89 -8.49
N LEU A 28 7.07 7.57 -9.71
CA LEU A 28 7.54 6.23 -10.00
C LEU A 28 9.02 6.11 -9.62
N SER A 29 9.32 6.57 -8.40
CA SER A 29 10.68 6.52 -7.91
C SER A 29 10.67 6.35 -6.39
N ALA A 30 9.83 7.13 -5.74
CA ALA A 30 9.71 7.08 -4.30
C ALA A 30 9.79 5.62 -3.83
N SER A 31 10.68 5.39 -2.87
CA SER A 31 10.86 4.05 -2.33
C SER A 31 9.81 3.77 -1.26
N VAL A 32 9.70 2.49 -0.91
CA VAL A 32 8.75 2.08 0.11
C VAL A 32 8.73 3.12 1.24
N GLN A 33 9.92 3.48 1.68
CA GLN A 33 10.06 4.45 2.76
C GLN A 33 9.29 5.72 2.42
N ASP A 34 9.63 6.29 1.27
CA ASP A 34 8.98 7.52 0.82
C ASP A 34 7.47 7.40 1.06
N ILE A 35 6.88 6.40 0.41
CA ILE A 35 5.45 6.17 0.54
C ILE A 35 5.07 6.16 2.03
N LEU A 36 5.69 5.24 2.75
CA LEU A 36 5.43 5.11 4.18
C LEU A 36 5.29 6.51 4.79
N GLY A 37 6.20 7.38 4.39
CA GLY A 37 6.19 8.75 4.89
C GLY A 37 4.92 9.49 4.45
N SER A 38 4.65 9.40 3.16
CA SER A 38 3.48 10.05 2.60
C SER A 38 2.20 9.54 3.28
N VAL A 39 2.19 8.23 3.49
CA VAL A 39 1.04 7.60 4.13
C VAL A 39 1.03 7.97 5.62
N THR A 40 2.14 7.69 6.28
CA THR A 40 2.26 7.99 7.69
C THR A 40 1.59 9.32 8.03
N GLU A 41 1.75 10.27 7.12
CA GLU A 41 1.18 11.59 7.29
C GLU A 41 -0.35 11.49 7.34
N LYS A 42 -0.90 10.80 6.35
CA LYS A 42 -2.35 10.64 6.26
C LYS A 42 -2.86 10.04 7.58
N LEU A 43 -2.08 9.11 8.12
CA LEU A 43 -2.45 8.47 9.37
C LEU A 43 -2.56 9.53 10.46
N GLN A 44 -2.75 9.05 11.69
CA GLN A 44 -2.88 9.93 12.83
C GLN A 44 -1.88 9.55 13.93
N TYR A 45 -0.76 10.25 13.94
CA TYR A 45 0.28 9.99 14.92
C TYR A 45 0.92 11.30 15.40
N SER A 46 1.85 11.14 16.33
CA SER A 46 2.55 12.30 16.88
C SER A 46 3.95 12.42 16.26
N GLU A 47 4.57 13.56 16.51
CA GLU A 47 5.91 13.81 15.99
C GLU A 47 6.94 13.67 17.11
N GLU A 48 7.16 12.44 17.52
CA GLU A 48 8.12 12.17 18.58
C GLU A 48 9.41 11.59 18.00
N PRO A 49 10.51 11.69 18.80
CA PRO A 49 11.80 11.18 18.37
C PRO A 49 11.83 9.66 18.45
N ALA A 50 11.17 9.03 17.49
CA ALA A 50 11.12 7.58 17.44
C ALA A 50 10.95 7.02 18.86
N GLY A 51 9.82 7.35 19.45
CA GLY A 51 9.52 6.89 20.80
C GLY A 51 8.99 5.46 20.80
N ARG A 52 7.99 5.23 19.96
CA ARG A 52 7.40 3.91 19.84
C ARG A 52 8.47 2.85 19.62
N GLU A 53 9.29 3.10 18.62
CA GLU A 53 10.37 2.17 18.29
C GLU A 53 9.80 0.83 17.84
N ASP A 54 9.31 0.80 16.60
CA ASP A 54 8.74 -0.41 16.05
C ASP A 54 9.01 -0.45 14.55
N SER A 55 8.76 0.67 13.90
CA SER A 55 8.98 0.77 12.46
C SER A 55 7.93 -0.06 11.72
N LEU A 56 7.35 0.56 10.70
CA LEU A 56 6.33 -0.10 9.90
C LEU A 56 7.00 -0.76 8.70
N ILE A 57 6.38 -1.84 8.23
CA ILE A 57 6.89 -2.57 7.09
C ILE A 57 5.80 -2.67 6.01
N LEU A 58 6.22 -2.50 4.77
CA LEU A 58 5.29 -2.58 3.65
C LEU A 58 5.20 -4.02 3.16
N VAL A 59 4.05 -4.35 2.62
CA VAL A 59 3.82 -5.69 2.10
C VAL A 59 2.82 -5.63 0.94
N ALA A 60 3.05 -6.49 -0.05
CA ALA A 60 2.18 -6.53 -1.22
C ALA A 60 1.30 -7.78 -1.13
N VAL A 61 0.00 -7.54 -1.12
CA VAL A 61 -0.97 -8.63 -1.05
C VAL A 61 -1.79 -8.66 -2.33
N SER A 62 -1.84 -9.83 -2.95
CA SER A 62 -2.58 -10.00 -4.17
C SER A 62 -3.93 -10.67 -3.88
N SER A 63 -4.72 -10.83 -4.93
CA SER A 63 -6.02 -11.45 -4.79
C SER A 63 -5.87 -12.94 -4.45
N SER A 64 -4.63 -13.40 -4.53
CA SER A 64 -4.34 -14.79 -4.23
C SER A 64 -3.76 -14.90 -2.80
N GLY A 65 -3.66 -13.76 -2.15
CA GLY A 65 -3.14 -13.72 -0.79
C GLY A 65 -1.61 -13.89 -0.79
N GLU A 66 -1.00 -13.38 -1.85
CA GLU A 66 0.45 -13.47 -1.99
C GLU A 66 1.12 -12.27 -1.31
N LYS A 67 1.61 -12.51 -0.11
CA LYS A 67 2.27 -11.46 0.66
C LYS A 67 3.75 -11.42 0.27
N VAL A 68 4.24 -10.20 0.08
CA VAL A 68 5.63 -10.01 -0.30
C VAL A 68 6.21 -8.84 0.49
N LEU A 69 6.92 -9.18 1.55
CA LEU A 69 7.54 -8.16 2.40
C LEU A 69 8.48 -7.30 1.56
N LEU A 70 8.07 -6.05 1.36
CA LEU A 70 8.88 -5.12 0.58
C LEU A 70 9.97 -4.53 1.47
N GLN A 71 10.81 -3.72 0.85
CA GLN A 71 11.91 -3.08 1.56
C GLN A 71 11.95 -1.58 1.25
N PRO A 72 12.53 -0.81 2.21
CA PRO A 72 12.64 0.63 2.05
C PRO A 72 13.73 0.98 1.05
N THR A 73 14.38 -0.05 0.53
CA THR A 73 15.44 0.14 -0.44
C THR A 73 15.07 -0.51 -1.77
N GLU A 74 13.82 -0.33 -2.17
CA GLU A 74 13.34 -0.89 -3.42
C GLU A 74 13.64 0.06 -4.58
N ASP A 75 13.19 -0.35 -5.76
CA ASP A 75 13.40 0.46 -6.95
C ASP A 75 12.07 0.66 -7.67
N CYS A 76 11.62 -0.41 -8.31
CA CYS A 76 10.35 -0.36 -9.04
C CYS A 76 9.28 -1.04 -8.19
N VAL A 77 8.58 -0.24 -7.42
CA VAL A 77 7.52 -0.75 -6.56
C VAL A 77 6.18 -0.62 -7.27
N PHE A 78 5.77 0.63 -7.48
CA PHE A 78 4.52 0.90 -8.15
C PHE A 78 4.36 0.04 -9.41
N THR A 79 5.49 -0.37 -9.94
CA THR A 79 5.50 -1.20 -11.13
C THR A 79 5.47 -2.69 -10.76
N ALA A 80 6.42 -3.07 -9.91
CA ALA A 80 6.51 -4.45 -9.47
C ALA A 80 5.12 -4.94 -9.07
N LEU A 81 4.48 -4.15 -8.22
CA LEU A 81 3.14 -4.49 -7.75
C LEU A 81 2.33 -5.09 -8.90
N GLY A 82 1.56 -6.11 -8.57
CA GLY A 82 0.74 -6.78 -9.57
C GLY A 82 -0.41 -5.87 -10.02
N ILE A 83 -1.39 -6.48 -10.67
CA ILE A 83 -2.54 -5.75 -11.16
C ILE A 83 -3.52 -5.50 -10.01
N ASN A 84 -3.95 -6.60 -9.40
CA ASN A 84 -4.89 -6.52 -8.29
C ASN A 84 -4.15 -6.81 -6.99
N SER A 85 -3.09 -6.05 -6.77
CA SER A 85 -2.29 -6.22 -5.57
C SER A 85 -2.35 -4.96 -4.71
N HIS A 86 -2.71 -5.15 -3.46
CA HIS A 86 -2.83 -4.04 -2.52
C HIS A 86 -1.63 -4.05 -1.57
N LEU A 87 -1.12 -2.85 -1.29
CA LEU A 87 0.01 -2.72 -0.39
C LEU A 87 -0.49 -2.60 1.05
N PHE A 88 0.15 -3.36 1.93
CA PHE A 88 -0.22 -3.35 3.33
C PHE A 88 0.97 -2.98 4.21
N ALA A 89 0.82 -1.87 4.91
CA ALA A 89 1.87 -1.38 5.80
C ALA A 89 1.41 -1.50 7.25
N CYS A 90 2.07 -2.36 7.98
CA CYS A 90 1.74 -2.58 9.38
C CYS A 90 2.94 -3.24 10.07
N THR A 91 2.80 -3.42 11.37
CA THR A 91 3.86 -4.04 12.16
C THR A 91 4.14 -5.45 11.65
N ARG A 92 5.31 -5.95 12.01
CA ARG A 92 5.71 -7.30 11.61
C ARG A 92 4.86 -8.34 12.33
N ASP A 93 4.14 -7.88 13.34
CA ASP A 93 3.29 -8.76 14.12
C ASP A 93 1.88 -8.76 13.52
N SER A 94 1.71 -7.94 12.50
CA SER A 94 0.42 -7.83 11.83
C SER A 94 0.56 -8.27 10.37
N TYR A 95 1.79 -8.48 9.96
CA TYR A 95 2.07 -8.90 8.59
C TYR A 95 1.31 -10.18 8.25
N GLU A 96 1.24 -11.07 9.24
CA GLU A 96 0.55 -12.34 9.06
C GLU A 96 -0.95 -12.17 9.30
N ALA A 97 -1.30 -10.97 9.75
CA ALA A 97 -2.70 -10.67 10.03
C ALA A 97 -3.28 -9.84 8.89
N LEU A 98 -2.54 -9.82 7.78
CA LEU A 98 -2.97 -9.07 6.61
C LEU A 98 -3.92 -9.93 5.78
N VAL A 99 -4.91 -9.28 5.20
CA VAL A 99 -5.89 -9.97 4.38
C VAL A 99 -6.05 -9.23 3.05
N PRO A 100 -6.20 -10.02 1.96
CA PRO A 100 -6.36 -9.46 0.63
C PRO A 100 -7.77 -8.89 0.45
N LEU A 101 -7.81 -7.65 -0.01
CA LEU A 101 -9.09 -6.99 -0.23
C LEU A 101 -9.92 -7.80 -1.22
N PRO A 102 -11.25 -7.51 -1.23
CA PRO A 102 -12.16 -8.21 -2.12
C PRO A 102 -12.01 -7.72 -3.56
N GLU A 103 -13.02 -8.02 -4.37
CA GLU A 103 -13.02 -7.61 -5.76
C GLU A 103 -14.43 -7.32 -6.24
N GLU A 104 -15.06 -6.37 -5.56
CA GLU A 104 -16.42 -5.99 -5.91
C GLU A 104 -16.50 -4.47 -6.10
N ILE A 105 -17.73 -3.99 -6.20
CA ILE A 105 -17.97 -2.57 -6.39
C ILE A 105 -18.41 -1.94 -5.07
N GLN A 106 -17.66 -2.27 -4.01
CA GLN A 106 -17.97 -1.75 -2.70
C GLN A 106 -16.70 -1.17 -2.05
N VAL A 107 -16.24 -0.06 -2.63
CA VAL A 107 -15.05 0.60 -2.12
C VAL A 107 -13.88 -0.38 -2.17
N SER A 108 -13.51 -0.76 -3.38
CA SER A 108 -12.40 -1.68 -3.58
C SER A 108 -12.21 -1.95 -5.06
N PRO A 109 -11.06 -1.46 -5.60
CA PRO A 109 -10.75 -1.64 -7.00
C PRO A 109 -10.29 -3.07 -7.28
N GLY A 110 -11.25 -3.90 -7.66
CA GLY A 110 -10.96 -5.30 -7.95
C GLY A 110 -12.06 -5.92 -8.83
N ASP A 111 -11.64 -6.90 -9.62
CA ASP A 111 -12.57 -7.58 -10.52
C ASP A 111 -11.93 -8.86 -11.03
N THR A 112 -12.79 -9.82 -11.36
CA THR A 112 -12.32 -11.10 -11.86
C THR A 112 -11.17 -11.63 -11.00
N GLU A 113 -11.53 -12.47 -10.06
CA GLU A 113 -10.55 -13.06 -9.15
C GLU A 113 -10.20 -14.48 -9.60
N ILE A 114 -9.21 -15.04 -8.93
CA ILE A 114 -8.77 -16.40 -9.24
C ILE A 114 -9.15 -17.33 -8.09
N SER A 115 -8.56 -17.06 -6.94
CA SER A 115 -8.83 -17.87 -5.75
C SER A 115 -9.23 -16.97 -4.58
N GLY A 116 -9.68 -17.61 -3.52
CA GLY A 116 -10.11 -16.89 -2.34
C GLY A 116 -9.76 -17.65 -1.06
N PRO A 117 -10.44 -17.26 0.05
CA PRO A 117 -10.20 -17.90 1.33
C PRO A 117 -10.85 -19.29 1.38
N SER A 118 -12.14 -19.32 1.08
CA SER A 118 -12.88 -20.57 1.09
C SER A 118 -13.78 -20.64 -0.15
N SER A 119 -14.66 -19.66 -0.27
CA SER A 119 -15.58 -19.60 -1.40
C SER A 119 -16.48 -20.84 -1.39
N GLY A 120 -17.57 -20.74 -0.64
CA GLY A 120 -18.52 -21.83 -0.54
C GLY A 120 -19.78 -21.40 0.20
N GLY A 1 4.34 24.52 -7.79
CA GLY A 1 4.97 23.63 -8.74
C GLY A 1 5.74 24.42 -9.81
N SER A 2 7.02 24.64 -9.51
CA SER A 2 7.87 25.39 -10.43
C SER A 2 9.13 24.57 -10.75
N SER A 3 9.12 23.99 -11.95
CA SER A 3 10.24 23.19 -12.39
C SER A 3 10.03 22.76 -13.85
N GLY A 4 8.93 22.06 -14.08
CA GLY A 4 8.61 21.58 -15.41
C GLY A 4 8.00 20.18 -15.36
N SER A 5 7.48 19.76 -16.50
CA SER A 5 6.86 18.44 -16.59
C SER A 5 7.92 17.40 -16.98
N SER A 6 8.10 16.43 -16.09
CA SER A 6 9.07 15.38 -16.32
C SER A 6 8.92 14.30 -15.24
N GLY A 7 8.20 13.24 -15.59
CA GLY A 7 7.98 12.14 -14.67
C GLY A 7 6.60 11.52 -14.88
N ASP A 8 6.30 10.53 -14.05
CA ASP A 8 5.03 9.85 -14.13
C ASP A 8 4.40 9.76 -12.74
N GLU A 9 3.77 10.87 -12.35
CA GLU A 9 3.14 10.94 -11.04
C GLU A 9 1.96 9.97 -10.98
N ILE A 10 1.75 9.42 -9.78
CA ILE A 10 0.67 8.47 -9.57
C ILE A 10 0.20 8.56 -8.12
N PHE A 11 -0.91 7.87 -7.85
CA PHE A 11 -1.46 7.86 -6.50
C PHE A 11 -1.34 6.47 -5.87
N CYS A 12 -0.33 6.33 -5.02
CA CYS A 12 -0.10 5.06 -4.35
C CYS A 12 -1.18 4.87 -3.28
N ARG A 13 -1.57 3.61 -3.11
CA ARG A 13 -2.60 3.28 -2.14
C ARG A 13 -2.08 2.24 -1.15
N VAL A 14 -2.06 2.64 0.12
CA VAL A 14 -1.58 1.75 1.18
C VAL A 14 -2.78 1.16 1.92
N TYR A 15 -3.14 -0.06 1.55
CA TYR A 15 -4.25 -0.74 2.18
C TYR A 15 -3.92 -1.14 3.61
N MET A 16 -4.89 -0.98 4.49
CA MET A 16 -4.72 -1.33 5.89
C MET A 16 -5.09 -2.79 6.14
N PRO A 17 -4.68 -3.29 7.33
CA PRO A 17 -4.97 -4.67 7.71
C PRO A 17 -6.43 -4.83 8.10
N ASP A 18 -7.10 -3.70 8.28
CA ASP A 18 -8.51 -3.70 8.66
C ASP A 18 -9.35 -3.30 7.45
N HIS A 19 -8.73 -3.36 6.27
CA HIS A 19 -9.41 -3.01 5.05
C HIS A 19 -9.74 -1.52 5.06
N SER A 20 -8.73 -0.71 4.76
CA SER A 20 -8.90 0.73 4.73
C SER A 20 -7.60 1.39 4.26
N TYR A 21 -7.55 1.69 2.97
CA TYR A 21 -6.38 2.33 2.40
C TYR A 21 -6.56 3.85 2.34
N VAL A 22 -5.51 4.52 1.85
CA VAL A 22 -5.53 5.96 1.74
C VAL A 22 -4.99 6.37 0.37
N THR A 23 -5.16 7.64 0.06
CA THR A 23 -4.68 8.18 -1.20
C THR A 23 -3.49 9.12 -0.98
N ILE A 24 -2.39 8.78 -1.65
CA ILE A 24 -1.19 9.58 -1.53
C ILE A 24 -0.56 9.76 -2.92
N ARG A 25 -0.30 11.02 -3.26
CA ARG A 25 0.29 11.34 -4.54
C ARG A 25 1.80 11.13 -4.50
N SER A 26 2.26 10.13 -5.25
CA SER A 26 3.67 9.82 -5.30
C SER A 26 4.11 9.64 -6.75
N ARG A 27 5.41 9.58 -6.94
CA ARG A 27 5.98 9.41 -8.27
C ARG A 27 6.43 7.96 -8.48
N LEU A 28 6.92 7.70 -9.68
CA LEU A 28 7.39 6.36 -10.02
C LEU A 28 8.87 6.25 -9.70
N SER A 29 9.26 6.87 -8.60
CA SER A 29 10.65 6.85 -8.17
C SER A 29 10.73 6.59 -6.66
N ALA A 30 9.88 7.30 -5.93
CA ALA A 30 9.85 7.15 -4.48
C ALA A 30 9.94 5.67 -4.12
N SER A 31 10.58 5.41 -2.99
CA SER A 31 10.75 4.05 -2.52
C SER A 31 9.72 3.74 -1.42
N VAL A 32 9.69 2.48 -1.01
CA VAL A 32 8.76 2.05 0.01
C VAL A 32 8.81 3.04 1.17
N GLN A 33 10.02 3.35 1.60
CA GLN A 33 10.21 4.28 2.70
C GLN A 33 9.48 5.60 2.42
N ASP A 34 9.86 6.21 1.30
CA ASP A 34 9.26 7.47 0.90
C ASP A 34 7.74 7.40 1.12
N ILE A 35 7.12 6.49 0.39
CA ILE A 35 5.68 6.31 0.49
C ILE A 35 5.29 6.24 1.97
N LEU A 36 5.88 5.28 2.67
CA LEU A 36 5.60 5.10 4.08
C LEU A 36 5.50 6.46 4.76
N GLY A 37 6.43 7.34 4.40
CA GLY A 37 6.45 8.68 4.97
C GLY A 37 5.18 9.44 4.61
N SER A 38 4.88 9.46 3.32
CA SER A 38 3.71 10.16 2.83
C SER A 38 2.45 9.57 3.47
N VAL A 39 2.29 8.27 3.31
CA VAL A 39 1.14 7.57 3.88
C VAL A 39 0.97 7.99 5.35
N THR A 40 2.02 7.76 6.11
CA THR A 40 2.00 8.10 7.52
C THR A 40 1.14 9.35 7.76
N GLU A 41 1.49 10.41 7.04
CA GLU A 41 0.76 11.66 7.17
C GLU A 41 -0.75 11.40 7.21
N LYS A 42 -1.23 10.75 6.16
CA LYS A 42 -2.64 10.43 6.06
C LYS A 42 -3.13 9.86 7.40
N LEU A 43 -2.30 9.00 7.97
CA LEU A 43 -2.62 8.37 9.24
C LEU A 43 -2.60 9.43 10.34
N GLN A 44 -3.00 9.00 11.54
CA GLN A 44 -3.03 9.90 12.67
C GLN A 44 -2.36 9.23 13.88
N TYR A 45 -1.17 9.71 14.20
CA TYR A 45 -0.42 9.18 15.32
C TYR A 45 -0.19 10.26 16.38
N SER A 46 -0.81 10.05 17.53
CA SER A 46 -0.67 10.99 18.64
C SER A 46 0.78 11.41 18.79
N GLU A 47 0.98 12.51 19.51
CA GLU A 47 2.32 13.02 19.75
C GLU A 47 2.86 12.50 21.08
N GLU A 48 3.13 11.20 21.11
CA GLU A 48 3.64 10.56 22.30
C GLU A 48 5.14 10.28 22.14
N PRO A 49 5.82 10.06 23.30
CA PRO A 49 7.23 9.77 23.31
C PRO A 49 7.51 8.35 22.84
N ALA A 50 6.44 7.65 22.48
CA ALA A 50 6.54 6.28 22.01
C ALA A 50 7.17 6.28 20.60
N GLY A 51 8.43 6.69 20.55
CA GLY A 51 9.14 6.73 19.29
C GLY A 51 10.48 5.98 19.39
N ARG A 52 10.38 4.72 19.76
CA ARG A 52 11.57 3.89 19.91
C ARG A 52 12.02 3.38 18.54
N GLU A 53 11.23 2.46 18.00
CA GLU A 53 11.53 1.88 16.69
C GLU A 53 10.29 1.21 16.11
N ASP A 54 9.67 1.91 15.17
CA ASP A 54 8.47 1.39 14.52
C ASP A 54 8.01 2.38 13.44
N SER A 55 8.04 1.90 12.21
CA SER A 55 7.63 2.73 11.09
C SER A 55 6.74 1.93 10.15
N LEU A 56 6.29 0.78 10.63
CA LEU A 56 5.43 -0.09 9.85
C LEU A 56 6.17 -0.54 8.59
N ILE A 57 5.90 -1.77 8.19
CA ILE A 57 6.53 -2.33 7.01
C ILE A 57 5.48 -2.51 5.91
N LEU A 58 5.93 -2.34 4.67
CA LEU A 58 5.04 -2.49 3.53
C LEU A 58 5.03 -3.95 3.09
N VAL A 59 3.92 -4.34 2.48
CA VAL A 59 3.78 -5.71 1.99
C VAL A 59 2.77 -5.73 0.84
N ALA A 60 3.11 -6.48 -0.19
CA ALA A 60 2.25 -6.61 -1.35
C ALA A 60 1.37 -7.84 -1.20
N VAL A 61 0.07 -7.61 -1.22
CA VAL A 61 -0.89 -8.70 -1.09
C VAL A 61 -1.71 -8.82 -2.39
N SER A 62 -1.89 -10.06 -2.82
CA SER A 62 -2.65 -10.31 -4.03
C SER A 62 -3.89 -11.14 -3.71
N SER A 63 -4.75 -11.26 -4.70
CA SER A 63 -5.98 -12.04 -4.53
C SER A 63 -5.65 -13.49 -4.24
N SER A 64 -4.39 -13.84 -4.47
CA SER A 64 -3.93 -15.20 -4.25
C SER A 64 -3.17 -15.28 -2.92
N GLY A 65 -3.53 -14.38 -2.01
CA GLY A 65 -2.89 -14.33 -0.71
C GLY A 65 -1.36 -14.44 -0.85
N GLU A 66 -0.82 -13.65 -1.76
CA GLU A 66 0.61 -13.65 -2.00
C GLU A 66 1.26 -12.43 -1.35
N LYS A 67 1.77 -12.65 -0.15
CA LYS A 67 2.41 -11.58 0.60
C LYS A 67 3.89 -11.50 0.20
N VAL A 68 4.36 -10.27 0.02
CA VAL A 68 5.74 -10.05 -0.36
C VAL A 68 6.30 -8.87 0.43
N LEU A 69 7.02 -9.18 1.50
CA LEU A 69 7.61 -8.16 2.33
C LEU A 69 8.59 -7.33 1.51
N LEU A 70 8.14 -6.13 1.16
CA LEU A 70 8.98 -5.22 0.37
C LEU A 70 10.05 -4.61 1.27
N GLN A 71 10.90 -3.80 0.64
CA GLN A 71 11.98 -3.16 1.37
C GLN A 71 11.98 -1.65 1.09
N PRO A 72 12.54 -0.89 2.06
CA PRO A 72 12.61 0.56 1.93
C PRO A 72 13.69 0.97 0.93
N THR A 73 14.42 -0.03 0.45
CA THR A 73 15.47 0.22 -0.52
C THR A 73 15.12 -0.41 -1.87
N GLU A 74 13.89 -0.19 -2.28
CA GLU A 74 13.41 -0.73 -3.54
C GLU A 74 13.76 0.24 -4.69
N ASP A 75 13.34 -0.15 -5.89
CA ASP A 75 13.60 0.67 -7.05
C ASP A 75 12.27 0.93 -7.78
N CYS A 76 11.58 -0.14 -8.12
CA CYS A 76 10.32 -0.03 -8.82
C CYS A 76 9.27 -0.83 -8.03
N VAL A 77 8.51 -0.11 -7.22
CA VAL A 77 7.49 -0.74 -6.40
C VAL A 77 6.14 -0.63 -7.14
N PHE A 78 5.70 0.60 -7.32
CA PHE A 78 4.43 0.84 -8.00
C PHE A 78 4.27 -0.08 -9.21
N THR A 79 5.40 -0.48 -9.76
CA THR A 79 5.40 -1.37 -10.92
C THR A 79 5.36 -2.82 -10.46
N ALA A 80 6.16 -3.13 -9.47
CA ALA A 80 6.23 -4.48 -8.94
C ALA A 80 4.82 -4.96 -8.60
N LEU A 81 4.04 -4.05 -8.02
CA LEU A 81 2.67 -4.37 -7.64
C LEU A 81 2.03 -5.22 -8.74
N GLY A 82 1.52 -6.37 -8.33
CA GLY A 82 0.88 -7.28 -9.26
C GLY A 82 -0.29 -6.59 -9.98
N ILE A 83 -1.10 -7.42 -10.64
CA ILE A 83 -2.25 -6.90 -11.36
C ILE A 83 -3.35 -6.51 -10.36
N ASN A 84 -3.63 -7.43 -9.46
CA ASN A 84 -4.65 -7.20 -8.44
C ASN A 84 -4.02 -7.32 -7.06
N SER A 85 -2.90 -6.65 -6.88
CA SER A 85 -2.19 -6.68 -5.62
C SER A 85 -2.35 -5.33 -4.90
N HIS A 86 -2.36 -5.40 -3.58
CA HIS A 86 -2.50 -4.20 -2.78
C HIS A 86 -1.33 -4.12 -1.77
N LEU A 87 -0.91 -2.89 -1.53
CA LEU A 87 0.19 -2.66 -0.61
C LEU A 87 -0.36 -2.52 0.81
N PHE A 88 0.22 -3.28 1.72
CA PHE A 88 -0.21 -3.26 3.11
C PHE A 88 0.94 -2.80 4.02
N ALA A 89 0.64 -1.76 4.80
CA ALA A 89 1.64 -1.22 5.72
C ALA A 89 1.23 -1.57 7.15
N CYS A 90 2.07 -2.39 7.78
CA CYS A 90 1.81 -2.80 9.15
C CYS A 90 3.13 -3.34 9.73
N THR A 91 3.08 -3.62 11.03
CA THR A 91 4.25 -4.14 11.72
C THR A 91 4.49 -5.60 11.33
N ARG A 92 5.55 -6.16 11.91
CA ARG A 92 5.91 -7.54 11.63
C ARG A 92 4.91 -8.49 12.30
N ASP A 93 4.26 -7.98 13.33
CA ASP A 93 3.28 -8.77 14.06
C ASP A 93 1.92 -8.63 13.38
N SER A 94 1.85 -7.72 12.42
CA SER A 94 0.62 -7.48 11.70
C SER A 94 0.73 -8.02 10.27
N TYR A 95 1.96 -8.13 9.81
CA TYR A 95 2.22 -8.63 8.47
C TYR A 95 1.37 -9.88 8.18
N GLU A 96 1.32 -10.75 9.17
CA GLU A 96 0.55 -11.98 9.04
C GLU A 96 -0.94 -11.70 9.25
N ALA A 97 -1.22 -10.62 9.96
CA ALA A 97 -2.59 -10.23 10.24
C ALA A 97 -3.19 -9.56 9.01
N LEU A 98 -2.35 -9.44 7.97
CA LEU A 98 -2.79 -8.82 6.73
C LEU A 98 -3.71 -9.78 5.99
N VAL A 99 -4.66 -9.19 5.26
CA VAL A 99 -5.61 -9.98 4.50
C VAL A 99 -5.75 -9.39 3.10
N PRO A 100 -5.89 -10.30 2.09
CA PRO A 100 -6.04 -9.88 0.71
C PRO A 100 -7.44 -9.32 0.45
N LEU A 101 -7.47 -8.15 -0.16
CA LEU A 101 -8.73 -7.50 -0.48
C LEU A 101 -9.57 -8.42 -1.35
N PRO A 102 -10.88 -8.10 -1.43
CA PRO A 102 -11.80 -8.89 -2.23
C PRO A 102 -11.61 -8.61 -3.72
N GLU A 103 -12.62 -8.99 -4.50
CA GLU A 103 -12.58 -8.79 -5.94
C GLU A 103 -13.96 -8.36 -6.46
N GLU A 104 -14.16 -7.05 -6.50
CA GLU A 104 -15.42 -6.51 -6.97
C GLU A 104 -15.16 -5.32 -7.90
N ILE A 105 -16.24 -4.61 -8.20
CA ILE A 105 -16.16 -3.45 -9.08
C ILE A 105 -16.45 -2.19 -8.27
N GLN A 106 -15.83 -2.11 -7.09
CA GLN A 106 -16.02 -0.97 -6.22
C GLN A 106 -15.16 -1.11 -4.96
N VAL A 107 -13.97 -1.67 -5.16
CA VAL A 107 -13.05 -1.86 -4.05
C VAL A 107 -11.69 -2.30 -4.61
N SER A 108 -11.14 -1.46 -5.46
CA SER A 108 -9.84 -1.75 -6.07
C SER A 108 -9.38 -0.55 -6.90
N PRO A 109 -8.06 -0.55 -7.20
CA PRO A 109 -7.47 0.52 -7.99
C PRO A 109 -7.83 0.39 -9.46
N GLY A 110 -9.02 0.87 -9.79
CA GLY A 110 -9.50 0.81 -11.16
C GLY A 110 -11.00 0.52 -11.21
N ASP A 111 -11.55 0.60 -12.41
CA ASP A 111 -12.97 0.34 -12.60
C ASP A 111 -13.17 -0.50 -13.86
N THR A 112 -14.32 -1.16 -13.93
CA THR A 112 -14.64 -1.98 -15.07
C THR A 112 -13.61 -3.11 -15.21
N GLU A 113 -14.04 -4.31 -14.83
CA GLU A 113 -13.17 -5.48 -14.91
C GLU A 113 -13.97 -6.75 -14.66
N ILE A 114 -13.97 -7.62 -15.67
CA ILE A 114 -14.69 -8.88 -15.57
C ILE A 114 -13.72 -9.99 -15.21
N SER A 115 -13.68 -10.30 -13.92
CA SER A 115 -12.79 -11.34 -13.42
C SER A 115 -13.07 -11.60 -11.94
N GLY A 116 -13.38 -12.85 -11.65
CA GLY A 116 -13.68 -13.26 -10.28
C GLY A 116 -15.18 -13.45 -10.07
N PRO A 117 -15.52 -14.49 -9.26
CA PRO A 117 -16.91 -14.80 -8.97
C PRO A 117 -17.50 -13.79 -7.99
N SER A 118 -18.74 -14.05 -7.61
CA SER A 118 -19.43 -13.18 -6.67
C SER A 118 -20.00 -14.00 -5.51
N SER A 119 -19.82 -13.47 -4.31
CA SER A 119 -20.31 -14.14 -3.11
C SER A 119 -20.83 -13.10 -2.12
N GLY A 120 -22.13 -13.18 -1.84
CA GLY A 120 -22.76 -12.28 -0.91
C GLY A 120 -22.01 -12.26 0.43
N GLY A 1 20.31 4.06 -13.78
CA GLY A 1 19.66 5.32 -13.51
C GLY A 1 18.18 5.11 -13.18
N SER A 2 17.39 4.88 -14.22
CA SER A 2 15.97 4.66 -14.06
C SER A 2 15.44 3.77 -15.18
N SER A 3 15.62 4.25 -16.40
CA SER A 3 15.17 3.51 -17.57
C SER A 3 13.64 3.47 -17.61
N GLY A 4 13.09 3.81 -18.77
CA GLY A 4 11.65 3.82 -18.95
C GLY A 4 10.96 4.41 -17.73
N SER A 5 11.38 5.62 -17.37
CA SER A 5 10.79 6.31 -16.23
C SER A 5 11.37 7.72 -16.13
N SER A 6 10.60 8.67 -16.61
CA SER A 6 11.02 10.07 -16.56
C SER A 6 9.85 10.96 -16.14
N GLY A 7 9.71 11.13 -14.84
CA GLY A 7 8.65 11.96 -14.30
C GLY A 7 7.28 11.34 -14.59
N ASP A 8 6.91 10.38 -13.75
CA ASP A 8 5.64 9.70 -13.90
C ASP A 8 4.95 9.62 -12.53
N GLU A 9 4.43 10.75 -12.10
CA GLU A 9 3.74 10.82 -10.82
C GLU A 9 2.43 10.03 -10.88
N ILE A 10 2.13 9.37 -9.76
CA ILE A 10 0.92 8.57 -9.67
C ILE A 10 0.37 8.64 -8.24
N PHE A 11 -0.76 7.98 -8.05
CA PHE A 11 -1.40 7.96 -6.75
C PHE A 11 -1.33 6.56 -6.13
N CYS A 12 -0.39 6.40 -5.21
CA CYS A 12 -0.21 5.13 -4.53
C CYS A 12 -1.21 5.04 -3.37
N ARG A 13 -1.58 3.82 -3.04
CA ARG A 13 -2.52 3.59 -1.96
C ARG A 13 -2.01 2.50 -1.03
N VAL A 14 -1.93 2.84 0.26
CA VAL A 14 -1.46 1.90 1.25
C VAL A 14 -2.66 1.29 1.98
N TYR A 15 -2.94 0.04 1.64
CA TYR A 15 -4.06 -0.67 2.24
C TYR A 15 -3.74 -1.06 3.68
N MET A 16 -4.79 -1.12 4.50
CA MET A 16 -4.63 -1.48 5.89
C MET A 16 -5.08 -2.92 6.15
N PRO A 17 -4.69 -3.45 7.34
CA PRO A 17 -5.04 -4.81 7.71
C PRO A 17 -6.51 -4.91 8.11
N ASP A 18 -7.12 -3.74 8.30
CA ASP A 18 -8.51 -3.68 8.68
C ASP A 18 -9.35 -3.25 7.47
N HIS A 19 -8.73 -3.33 6.30
CA HIS A 19 -9.41 -2.96 5.07
C HIS A 19 -9.68 -1.46 5.07
N SER A 20 -8.65 -0.70 4.73
CA SER A 20 -8.78 0.74 4.68
C SER A 20 -7.46 1.37 4.21
N TYR A 21 -7.49 1.90 3.00
CA TYR A 21 -6.32 2.52 2.42
C TYR A 21 -6.50 4.03 2.31
N VAL A 22 -5.44 4.69 1.85
CA VAL A 22 -5.47 6.14 1.70
C VAL A 22 -4.91 6.51 0.32
N THR A 23 -5.09 7.77 -0.03
CA THR A 23 -4.60 8.26 -1.31
C THR A 23 -3.42 9.21 -1.10
N ILE A 24 -2.32 8.90 -1.77
CA ILE A 24 -1.12 9.71 -1.66
C ILE A 24 -0.47 9.82 -3.05
N ARG A 25 -0.04 11.04 -3.36
CA ARG A 25 0.60 11.30 -4.63
C ARG A 25 2.10 11.03 -4.55
N SER A 26 2.53 10.01 -5.27
CA SER A 26 3.93 9.63 -5.29
C SER A 26 4.41 9.43 -6.72
N ARG A 27 5.72 9.33 -6.88
CA ARG A 27 6.32 9.15 -8.19
C ARG A 27 6.99 7.78 -8.27
N LEU A 28 6.90 7.19 -9.45
CA LEU A 28 7.49 5.88 -9.69
C LEU A 28 8.93 5.90 -9.20
N SER A 29 9.52 7.08 -9.19
CA SER A 29 10.90 7.24 -8.75
C SER A 29 10.99 7.03 -7.24
N ALA A 30 9.94 7.46 -6.55
CA ALA A 30 9.89 7.32 -5.11
C ALA A 30 10.05 5.84 -4.73
N SER A 31 10.17 5.61 -3.43
CA SER A 31 10.33 4.25 -2.93
C SER A 31 9.37 4.02 -1.76
N VAL A 32 9.32 2.77 -1.33
CA VAL A 32 8.45 2.38 -0.23
C VAL A 32 8.54 3.44 0.88
N GLN A 33 9.77 3.81 1.19
CA GLN A 33 10.02 4.81 2.22
C GLN A 33 9.13 6.04 1.99
N ASP A 34 9.21 6.57 0.78
CA ASP A 34 8.43 7.75 0.43
C ASP A 34 6.97 7.49 0.79
N ILE A 35 6.36 6.54 0.08
CA ILE A 35 4.98 6.20 0.32
C ILE A 35 4.72 6.14 1.83
N LEU A 36 5.47 5.27 2.49
CA LEU A 36 5.33 5.11 3.92
C LEU A 36 5.29 6.49 4.59
N GLY A 37 6.40 7.20 4.45
CA GLY A 37 6.50 8.53 5.03
C GLY A 37 5.23 9.35 4.76
N SER A 38 4.83 9.35 3.50
CA SER A 38 3.64 10.09 3.09
C SER A 38 2.41 9.54 3.83
N VAL A 39 2.07 8.29 3.50
CA VAL A 39 0.93 7.65 4.11
C VAL A 39 0.93 7.94 5.62
N THR A 40 2.07 7.66 6.24
CA THR A 40 2.21 7.88 7.68
C THR A 40 1.48 9.17 8.09
N GLU A 41 1.62 10.18 7.25
CA GLU A 41 0.97 11.46 7.52
C GLU A 41 -0.54 11.29 7.58
N LYS A 42 -1.08 10.65 6.55
CA LYS A 42 -2.51 10.42 6.48
C LYS A 42 -2.98 9.73 7.76
N LEU A 43 -2.16 8.81 8.24
CA LEU A 43 -2.47 8.08 9.45
C LEU A 43 -2.63 9.07 10.61
N GLN A 44 -3.29 8.60 11.65
CA GLN A 44 -3.51 9.43 12.83
C GLN A 44 -2.34 9.30 13.80
N TYR A 45 -1.22 9.94 13.43
CA TYR A 45 -0.03 9.89 14.25
C TYR A 45 0.66 11.26 14.28
N SER A 46 1.76 11.32 15.01
CA SER A 46 2.52 12.54 15.13
C SER A 46 3.66 12.56 14.10
N GLU A 47 4.29 13.71 13.98
CA GLU A 47 5.39 13.86 13.05
C GLU A 47 6.73 13.68 13.77
N GLU A 48 6.75 12.73 14.68
CA GLU A 48 7.96 12.45 15.45
C GLU A 48 8.24 10.94 15.46
N PRO A 49 9.20 10.53 14.59
CA PRO A 49 9.56 9.13 14.49
C PRO A 49 10.41 8.70 15.70
N ALA A 50 9.75 8.54 16.83
CA ALA A 50 10.42 8.14 18.05
C ALA A 50 9.41 8.09 19.19
N GLY A 51 8.47 7.17 19.08
CA GLY A 51 7.44 7.01 20.10
C GLY A 51 6.70 5.68 19.94
N ARG A 52 7.49 4.62 19.79
CA ARG A 52 6.93 3.29 19.63
C ARG A 52 8.05 2.27 19.41
N GLU A 53 9.07 2.70 18.69
CA GLU A 53 10.20 1.83 18.40
C GLU A 53 9.72 0.48 17.87
N ASP A 54 9.33 0.47 16.61
CA ASP A 54 8.85 -0.75 15.98
C ASP A 54 9.06 -0.66 14.47
N SER A 55 8.70 0.48 13.92
CA SER A 55 8.85 0.71 12.49
C SER A 55 7.82 -0.11 11.72
N LEU A 56 7.14 0.56 10.79
CA LEU A 56 6.13 -0.10 9.99
C LEU A 56 6.79 -0.73 8.76
N ILE A 57 6.24 -1.85 8.35
CA ILE A 57 6.76 -2.57 7.19
C ILE A 57 5.64 -2.74 6.16
N LEU A 58 6.01 -2.55 4.90
CA LEU A 58 5.07 -2.67 3.81
C LEU A 58 5.05 -4.12 3.31
N VAL A 59 3.90 -4.53 2.82
CA VAL A 59 3.74 -5.88 2.31
C VAL A 59 2.70 -5.88 1.17
N ALA A 60 3.09 -6.51 0.08
CA ALA A 60 2.20 -6.59 -1.08
C ALA A 60 1.42 -7.89 -1.03
N VAL A 61 0.10 -7.76 -1.02
CA VAL A 61 -0.77 -8.92 -0.97
C VAL A 61 -1.59 -8.99 -2.26
N SER A 62 -1.60 -10.17 -2.86
CA SER A 62 -2.32 -10.39 -4.09
C SER A 62 -3.46 -11.39 -3.86
N SER A 63 -4.36 -11.44 -4.83
CA SER A 63 -5.50 -12.34 -4.74
C SER A 63 -5.03 -13.75 -4.37
N SER A 64 -3.78 -14.01 -4.70
CA SER A 64 -3.18 -15.31 -4.41
C SER A 64 -2.51 -15.29 -3.04
N GLY A 65 -3.04 -14.44 -2.17
CA GLY A 65 -2.49 -14.31 -0.83
C GLY A 65 -0.96 -14.34 -0.85
N GLU A 66 -0.41 -13.82 -1.94
CA GLU A 66 1.04 -13.78 -2.11
C GLU A 66 1.61 -12.53 -1.41
N LYS A 67 2.10 -12.75 -0.20
CA LYS A 67 2.67 -11.66 0.57
C LYS A 67 4.12 -11.45 0.15
N VAL A 68 4.49 -10.19 -0.03
CA VAL A 68 5.85 -9.84 -0.43
C VAL A 68 6.35 -8.69 0.44
N LEU A 69 7.15 -9.05 1.44
CA LEU A 69 7.71 -8.06 2.34
C LEU A 69 8.60 -7.11 1.56
N LEU A 70 8.03 -5.95 1.23
CA LEU A 70 8.76 -4.94 0.48
C LEU A 70 9.79 -4.27 1.40
N GLN A 71 10.60 -3.41 0.81
CA GLN A 71 11.62 -2.70 1.56
C GLN A 71 11.65 -1.23 1.14
N PRO A 72 12.22 -0.39 2.05
CA PRO A 72 12.31 1.04 1.79
C PRO A 72 13.41 1.34 0.79
N THR A 73 14.07 0.28 0.33
CA THR A 73 15.15 0.41 -0.63
C THR A 73 14.82 -0.35 -1.91
N GLU A 74 13.58 -0.18 -2.37
CA GLU A 74 13.13 -0.85 -3.57
C GLU A 74 13.46 0.01 -4.80
N ASP A 75 13.07 -0.51 -5.96
CA ASP A 75 13.33 0.18 -7.21
C ASP A 75 12.00 0.70 -7.77
N CYS A 76 11.18 -0.24 -8.23
CA CYS A 76 9.88 0.11 -8.79
C CYS A 76 8.83 -0.80 -8.16
N VAL A 77 8.12 -0.24 -7.18
CA VAL A 77 7.09 -0.98 -6.50
C VAL A 77 5.77 -0.82 -7.24
N PHE A 78 5.37 0.43 -7.41
CA PHE A 78 4.13 0.74 -8.11
C PHE A 78 3.98 -0.14 -9.36
N THR A 79 5.11 -0.55 -9.90
CA THR A 79 5.11 -1.38 -11.09
C THR A 79 5.07 -2.86 -10.69
N ALA A 80 6.06 -3.26 -9.91
CA ALA A 80 6.16 -4.64 -9.46
C ALA A 80 4.77 -5.13 -9.04
N LEU A 81 4.10 -4.30 -8.26
CA LEU A 81 2.77 -4.64 -7.79
C LEU A 81 1.97 -5.31 -8.92
N GLY A 82 1.38 -6.45 -8.60
CA GLY A 82 0.60 -7.19 -9.57
C GLY A 82 -0.60 -6.37 -10.05
N ILE A 83 -1.58 -7.08 -10.59
CA ILE A 83 -2.78 -6.43 -11.08
C ILE A 83 -3.83 -6.39 -9.96
N ASN A 84 -3.86 -7.46 -9.17
CA ASN A 84 -4.80 -7.56 -8.08
C ASN A 84 -4.03 -7.64 -6.76
N SER A 85 -3.07 -6.73 -6.60
CA SER A 85 -2.26 -6.70 -5.40
C SER A 85 -2.46 -5.37 -4.67
N HIS A 86 -2.31 -5.42 -3.36
CA HIS A 86 -2.46 -4.23 -2.55
C HIS A 86 -1.29 -4.11 -1.57
N LEU A 87 -0.91 -2.87 -1.31
CA LEU A 87 0.20 -2.61 -0.40
C LEU A 87 -0.33 -2.51 1.04
N PHE A 88 0.21 -3.37 1.89
CA PHE A 88 -0.21 -3.40 3.29
C PHE A 88 0.95 -2.99 4.20
N ALA A 89 0.70 -1.95 4.98
CA ALA A 89 1.71 -1.45 5.91
C ALA A 89 1.25 -1.71 7.35
N CYS A 90 2.01 -2.55 8.03
CA CYS A 90 1.70 -2.89 9.41
C CYS A 90 2.95 -3.48 10.06
N THR A 91 2.86 -3.72 11.35
CA THR A 91 3.96 -4.27 12.10
C THR A 91 4.22 -5.73 11.68
N ARG A 92 5.34 -6.25 12.15
CA ARG A 92 5.72 -7.63 11.83
C ARG A 92 4.76 -8.60 12.52
N ASP A 93 4.07 -8.09 13.53
CA ASP A 93 3.13 -8.91 14.28
C ASP A 93 1.75 -8.82 13.62
N SER A 94 1.67 -7.96 12.61
CA SER A 94 0.42 -7.76 11.89
C SER A 94 0.58 -8.17 10.42
N TYR A 95 1.83 -8.49 10.07
CA TYR A 95 2.13 -8.89 8.71
C TYR A 95 1.32 -10.12 8.30
N GLU A 96 1.21 -11.04 9.24
CA GLU A 96 0.47 -12.27 8.99
C GLU A 96 -1.03 -12.03 9.19
N ALA A 97 -1.34 -10.89 9.77
CA ALA A 97 -2.73 -10.53 10.03
C ALA A 97 -3.27 -9.76 8.82
N LEU A 98 -2.48 -9.72 7.78
CA LEU A 98 -2.87 -9.02 6.55
C LEU A 98 -3.75 -9.93 5.71
N VAL A 99 -4.79 -9.34 5.14
CA VAL A 99 -5.71 -10.08 4.31
C VAL A 99 -5.84 -9.40 2.94
N PRO A 100 -5.92 -10.25 1.88
CA PRO A 100 -6.04 -9.74 0.53
C PRO A 100 -7.45 -9.21 0.26
N LEU A 101 -7.51 -8.02 -0.32
CA LEU A 101 -8.78 -7.40 -0.63
C LEU A 101 -9.53 -8.25 -1.64
N PRO A 102 -10.86 -8.01 -1.74
CA PRO A 102 -11.71 -8.75 -2.66
C PRO A 102 -11.49 -8.28 -4.10
N GLU A 103 -12.44 -8.62 -4.95
CA GLU A 103 -12.37 -8.25 -6.35
C GLU A 103 -13.77 -8.15 -6.95
N GLU A 104 -14.18 -6.91 -7.20
CA GLU A 104 -15.50 -6.66 -7.77
C GLU A 104 -15.42 -5.55 -8.82
N ILE A 105 -16.58 -5.17 -9.31
CA ILE A 105 -16.67 -4.12 -10.32
C ILE A 105 -17.18 -2.83 -9.66
N GLN A 106 -16.66 -2.56 -8.47
CA GLN A 106 -17.05 -1.37 -7.74
C GLN A 106 -16.20 -1.21 -6.48
N VAL A 107 -15.44 -0.13 -6.44
CA VAL A 107 -14.59 0.15 -5.30
C VAL A 107 -13.53 -0.96 -5.19
N SER A 108 -12.29 -0.53 -5.00
CA SER A 108 -11.19 -1.46 -4.86
C SER A 108 -10.86 -2.06 -6.23
N PRO A 109 -9.52 -2.22 -6.48
CA PRO A 109 -9.06 -2.78 -7.74
C PRO A 109 -9.29 -4.30 -7.78
N GLY A 110 -9.73 -4.77 -8.93
CA GLY A 110 -10.00 -6.18 -9.12
C GLY A 110 -11.10 -6.42 -10.16
N ASP A 111 -10.99 -7.54 -10.85
CA ASP A 111 -11.97 -7.87 -11.87
C ASP A 111 -12.31 -9.37 -11.76
N THR A 112 -13.30 -9.77 -12.53
CA THR A 112 -13.73 -11.16 -12.53
C THR A 112 -14.24 -11.56 -11.15
N GLU A 113 -14.97 -12.66 -11.12
CA GLU A 113 -15.52 -13.17 -9.86
C GLU A 113 -16.38 -12.09 -9.20
N ILE A 114 -17.68 -12.19 -9.42
CA ILE A 114 -18.61 -11.24 -8.84
C ILE A 114 -19.36 -11.90 -7.68
N SER A 115 -20.24 -11.13 -7.07
CA SER A 115 -21.02 -11.61 -5.95
C SER A 115 -20.09 -12.14 -4.85
N GLY A 116 -20.00 -11.38 -3.77
CA GLY A 116 -19.16 -11.77 -2.66
C GLY A 116 -19.86 -11.50 -1.32
N PRO A 117 -20.84 -12.37 -1.00
CA PRO A 117 -21.60 -12.24 0.23
C PRO A 117 -20.76 -12.69 1.43
N SER A 118 -20.31 -11.71 2.19
CA SER A 118 -19.50 -11.99 3.37
C SER A 118 -18.25 -12.78 2.97
N SER A 119 -18.41 -14.10 2.95
CA SER A 119 -17.31 -14.97 2.58
C SER A 119 -16.21 -14.92 3.65
N GLY A 120 -16.36 -15.78 4.65
CA GLY A 120 -15.39 -15.84 5.73
C GLY A 120 -16.06 -16.25 7.04
N GLY A 1 3.27 28.41 -16.99
CA GLY A 1 3.57 27.08 -17.53
C GLY A 1 2.30 26.42 -18.08
N SER A 2 2.51 25.41 -18.90
CA SER A 2 1.40 24.68 -19.49
C SER A 2 1.58 23.18 -19.29
N SER A 3 0.70 22.63 -18.46
CA SER A 3 0.74 21.21 -18.17
C SER A 3 2.15 20.81 -17.75
N GLY A 4 2.35 20.76 -16.43
CA GLY A 4 3.64 20.40 -15.88
C GLY A 4 3.96 18.92 -16.15
N SER A 5 5.19 18.68 -16.59
CA SER A 5 5.63 17.34 -16.89
C SER A 5 7.11 17.18 -16.55
N SER A 6 7.45 16.04 -15.97
CA SER A 6 8.83 15.76 -15.60
C SER A 6 9.01 14.26 -15.36
N GLY A 7 8.16 13.72 -14.50
CA GLY A 7 8.22 12.30 -14.18
C GLY A 7 6.87 11.63 -14.44
N ASP A 8 6.59 10.60 -13.64
CA ASP A 8 5.34 9.87 -13.77
C ASP A 8 4.65 9.81 -12.41
N GLU A 9 3.94 10.89 -12.09
CA GLU A 9 3.22 10.97 -10.83
C GLU A 9 2.05 9.98 -10.82
N ILE A 10 1.82 9.39 -9.66
CA ILE A 10 0.74 8.44 -9.51
C ILE A 10 0.17 8.55 -8.09
N PHE A 11 -0.87 7.77 -7.85
CA PHE A 11 -1.53 7.76 -6.55
C PHE A 11 -1.39 6.40 -5.87
N CYS A 12 -0.46 6.34 -4.93
CA CYS A 12 -0.23 5.10 -4.20
C CYS A 12 -1.31 4.96 -3.13
N ARG A 13 -1.61 3.71 -2.79
CA ARG A 13 -2.62 3.43 -1.79
C ARG A 13 -2.14 2.30 -0.87
N VAL A 14 -2.04 2.64 0.41
CA VAL A 14 -1.60 1.67 1.40
C VAL A 14 -2.83 1.11 2.13
N TYR A 15 -3.16 -0.13 1.77
CA TYR A 15 -4.31 -0.79 2.37
C TYR A 15 -3.98 -1.25 3.79
N MET A 16 -4.78 -0.79 4.74
CA MET A 16 -4.58 -1.15 6.13
C MET A 16 -5.02 -2.60 6.38
N PRO A 17 -4.61 -3.13 7.58
CA PRO A 17 -4.95 -4.49 7.95
C PRO A 17 -6.41 -4.58 8.38
N ASP A 18 -7.02 -3.43 8.56
CA ASP A 18 -8.41 -3.37 8.97
C ASP A 18 -9.27 -2.93 7.78
N HIS A 19 -8.66 -2.98 6.61
CA HIS A 19 -9.35 -2.60 5.38
C HIS A 19 -9.68 -1.10 5.43
N SER A 20 -8.69 -0.31 5.07
CA SER A 20 -8.86 1.14 5.07
C SER A 20 -7.59 1.81 4.53
N TYR A 21 -7.54 1.95 3.21
CA TYR A 21 -6.40 2.57 2.57
C TYR A 21 -6.60 4.07 2.41
N VAL A 22 -5.60 4.73 1.85
CA VAL A 22 -5.65 6.17 1.65
C VAL A 22 -5.07 6.50 0.27
N THR A 23 -5.20 7.76 -0.10
CA THR A 23 -4.69 8.22 -1.39
C THR A 23 -3.50 9.15 -1.18
N ILE A 24 -2.36 8.74 -1.73
CA ILE A 24 -1.14 9.53 -1.60
C ILE A 24 -0.53 9.71 -2.98
N ARG A 25 0.00 10.91 -3.21
CA ARG A 25 0.62 11.23 -4.49
C ARG A 25 2.12 10.91 -4.43
N SER A 26 2.50 9.89 -5.21
CA SER A 26 3.89 9.48 -5.26
C SER A 26 4.33 9.30 -6.71
N ARG A 27 5.62 9.46 -6.93
CA ARG A 27 6.18 9.32 -8.26
C ARG A 27 6.69 7.90 -8.49
N LEU A 28 7.14 7.65 -9.71
CA LEU A 28 7.66 6.34 -10.05
C LEU A 28 9.17 6.30 -9.80
N SER A 29 9.56 6.95 -8.71
CA SER A 29 10.97 7.00 -8.35
C SER A 29 11.13 6.76 -6.85
N ALA A 30 10.28 7.43 -6.08
CA ALA A 30 10.31 7.29 -4.64
C ALA A 30 10.45 5.82 -4.26
N SER A 31 10.74 5.58 -2.99
CA SER A 31 10.90 4.22 -2.50
C SER A 31 9.86 3.93 -1.42
N VAL A 32 9.78 2.66 -1.03
CA VAL A 32 8.83 2.24 -0.03
C VAL A 32 8.82 3.27 1.11
N GLN A 33 10.02 3.60 1.57
CA GLN A 33 10.16 4.56 2.65
C GLN A 33 9.29 5.79 2.39
N ASP A 34 9.50 6.38 1.22
CA ASP A 34 8.74 7.57 0.84
C ASP A 34 7.26 7.32 1.10
N ILE A 35 6.69 6.42 0.33
CA ILE A 35 5.29 6.09 0.46
C ILE A 35 4.92 6.04 1.95
N LEU A 36 5.67 5.22 2.68
CA LEU A 36 5.43 5.08 4.11
C LEU A 36 5.25 6.46 4.73
N GLY A 37 6.21 7.33 4.45
CA GLY A 37 6.16 8.69 4.98
C GLY A 37 4.86 9.39 4.57
N SER A 38 4.66 9.47 3.27
CA SER A 38 3.48 10.11 2.73
C SER A 38 2.22 9.48 3.34
N VAL A 39 2.17 8.16 3.27
CA VAL A 39 1.03 7.43 3.81
C VAL A 39 0.89 7.74 5.30
N THR A 40 1.96 7.49 6.04
CA THR A 40 1.98 7.74 7.46
C THR A 40 1.34 9.09 7.77
N GLU A 41 1.66 10.07 6.93
CA GLU A 41 1.14 11.41 7.10
C GLU A 41 -0.40 11.39 7.02
N LYS A 42 -0.90 10.55 6.13
CA LYS A 42 -2.33 10.43 5.95
C LYS A 42 -2.96 9.83 7.20
N LEU A 43 -2.23 8.90 7.81
CA LEU A 43 -2.69 8.25 9.02
C LEU A 43 -2.89 9.29 10.12
N GLN A 44 -3.44 8.84 11.23
CA GLN A 44 -3.69 9.72 12.36
C GLN A 44 -2.67 9.46 13.46
N TYR A 45 -1.47 9.97 13.26
CA TYR A 45 -0.40 9.80 14.22
C TYR A 45 0.43 11.09 14.37
N SER A 46 1.36 11.05 15.30
CA SER A 46 2.21 12.20 15.55
C SER A 46 3.67 11.82 15.40
N GLU A 47 4.54 12.82 15.46
CA GLU A 47 5.96 12.59 15.32
C GLU A 47 6.48 11.74 16.49
N GLU A 48 5.70 11.72 17.55
CA GLU A 48 6.05 10.93 18.73
C GLU A 48 7.41 11.40 19.27
N PRO A 49 7.61 11.18 20.59
CA PRO A 49 8.84 11.57 21.25
C PRO A 49 9.98 10.61 20.89
N ALA A 50 9.64 9.63 20.05
CA ALA A 50 10.61 8.64 19.63
C ALA A 50 10.21 8.09 18.25
N GLY A 51 10.36 8.94 17.24
CA GLY A 51 10.02 8.56 15.88
C GLY A 51 10.49 7.14 15.58
N ARG A 52 11.75 6.88 15.90
CA ARG A 52 12.33 5.56 15.67
C ARG A 52 11.83 4.58 16.72
N GLU A 53 10.86 3.76 16.32
CA GLU A 53 10.29 2.77 17.22
C GLU A 53 9.36 1.83 16.45
N ASP A 54 9.67 0.55 16.52
CA ASP A 54 8.87 -0.45 15.85
C ASP A 54 9.08 -0.33 14.34
N SER A 55 8.55 0.75 13.79
CA SER A 55 8.67 1.00 12.36
C SER A 55 7.68 0.13 11.59
N LEU A 56 6.98 0.76 10.67
CA LEU A 56 6.00 0.07 9.85
C LEU A 56 6.69 -0.51 8.61
N ILE A 57 6.28 -1.73 8.26
CA ILE A 57 6.84 -2.39 7.09
C ILE A 57 5.77 -2.53 6.02
N LEU A 58 6.21 -2.39 4.77
CA LEU A 58 5.30 -2.49 3.65
C LEU A 58 5.20 -3.96 3.20
N VAL A 59 4.07 -4.29 2.61
CA VAL A 59 3.83 -5.65 2.15
C VAL A 59 2.82 -5.63 1.00
N ALA A 60 3.12 -6.40 -0.04
CA ALA A 60 2.25 -6.47 -1.20
C ALA A 60 1.35 -7.70 -1.07
N VAL A 61 0.04 -7.44 -1.07
CA VAL A 61 -0.93 -8.50 -0.95
C VAL A 61 -1.75 -8.58 -2.25
N SER A 62 -1.83 -9.80 -2.78
CA SER A 62 -2.58 -10.02 -4.01
C SER A 62 -3.85 -10.82 -3.71
N SER A 63 -4.73 -10.86 -4.70
CA SER A 63 -5.98 -11.58 -4.56
C SER A 63 -5.71 -13.08 -4.46
N SER A 64 -5.11 -13.47 -3.34
CA SER A 64 -4.80 -14.87 -3.12
C SER A 64 -4.19 -15.05 -1.72
N GLY A 65 -3.39 -14.06 -1.33
CA GLY A 65 -2.74 -14.09 -0.03
C GLY A 65 -1.22 -14.10 -0.18
N GLU A 66 -0.77 -13.78 -1.39
CA GLU A 66 0.65 -13.75 -1.68
C GLU A 66 1.28 -12.47 -1.11
N LYS A 67 1.83 -12.59 0.08
CA LYS A 67 2.46 -11.46 0.73
C LYS A 67 3.94 -11.40 0.34
N VAL A 68 4.39 -10.21 -0.01
CA VAL A 68 5.77 -10.00 -0.41
C VAL A 68 6.36 -8.84 0.39
N LEU A 69 6.93 -9.17 1.53
CA LEU A 69 7.54 -8.16 2.39
C LEU A 69 8.45 -7.26 1.56
N LEU A 70 8.02 -6.02 1.39
CA LEU A 70 8.79 -5.06 0.62
C LEU A 70 9.90 -4.48 1.49
N GLN A 71 10.71 -3.63 0.88
CA GLN A 71 11.81 -3.01 1.58
C GLN A 71 11.91 -1.52 1.21
N PRO A 72 12.56 -0.74 2.12
CA PRO A 72 12.72 0.68 1.90
C PRO A 72 13.80 0.96 0.85
N THR A 73 14.44 -0.12 0.41
CA THR A 73 15.49 -0.02 -0.58
C THR A 73 15.11 -0.79 -1.85
N GLU A 74 13.88 -0.57 -2.29
CA GLU A 74 13.38 -1.23 -3.48
C GLU A 74 13.77 -0.44 -4.73
N ASP A 75 13.35 -0.96 -5.87
CA ASP A 75 13.64 -0.31 -7.14
C ASP A 75 12.33 0.16 -7.79
N CYS A 76 11.56 -0.81 -8.28
CA CYS A 76 10.30 -0.51 -8.92
C CYS A 76 9.19 -1.25 -8.15
N VAL A 77 8.49 -0.49 -7.31
CA VAL A 77 7.42 -1.05 -6.52
C VAL A 77 6.09 -0.83 -7.25
N PHE A 78 5.70 0.43 -7.36
CA PHE A 78 4.46 0.79 -8.03
C PHE A 78 4.25 -0.09 -9.27
N THR A 79 5.33 -0.36 -9.97
CA THR A 79 5.28 -1.18 -11.16
C THR A 79 5.22 -2.66 -10.79
N ALA A 80 6.17 -3.07 -9.97
CA ALA A 80 6.24 -4.46 -9.55
C ALA A 80 4.82 -4.98 -9.27
N LEU A 81 4.12 -4.26 -8.41
CA LEU A 81 2.77 -4.63 -8.05
C LEU A 81 1.99 -4.99 -9.32
N GLY A 82 1.28 -6.10 -9.25
CA GLY A 82 0.49 -6.56 -10.38
C GLY A 82 -0.69 -5.63 -10.64
N ILE A 83 -1.84 -6.23 -10.90
CA ILE A 83 -3.04 -5.47 -11.17
C ILE A 83 -3.96 -5.54 -9.96
N ASN A 84 -4.20 -6.76 -9.51
CA ASN A 84 -5.06 -6.98 -8.35
C ASN A 84 -4.20 -7.23 -7.12
N SER A 85 -3.42 -6.22 -6.76
CA SER A 85 -2.54 -6.32 -5.60
C SER A 85 -2.62 -5.05 -4.77
N HIS A 86 -2.81 -5.23 -3.47
CA HIS A 86 -2.91 -4.09 -2.56
C HIS A 86 -1.72 -4.10 -1.61
N LEU A 87 -1.20 -2.91 -1.35
CA LEU A 87 -0.06 -2.77 -0.47
C LEU A 87 -0.55 -2.61 0.97
N PHE A 88 0.16 -3.27 1.88
CA PHE A 88 -0.19 -3.21 3.29
C PHE A 88 1.00 -2.80 4.15
N ALA A 89 0.82 -1.73 4.91
CA ALA A 89 1.88 -1.23 5.77
C ALA A 89 1.47 -1.44 7.23
N CYS A 90 2.23 -2.30 7.91
CA CYS A 90 1.95 -2.60 9.30
C CYS A 90 3.22 -3.23 9.91
N THR A 91 3.16 -3.43 11.21
CA THR A 91 4.28 -4.02 11.93
C THR A 91 4.58 -5.43 11.38
N ARG A 92 5.48 -6.11 12.08
CA ARG A 92 5.86 -7.45 11.68
C ARG A 92 4.88 -8.48 12.26
N ASP A 93 4.28 -8.11 13.37
CA ASP A 93 3.32 -8.99 14.04
C ASP A 93 1.96 -8.83 13.38
N SER A 94 1.85 -7.79 12.56
CA SER A 94 0.60 -7.51 11.86
C SER A 94 0.69 -8.01 10.42
N TYR A 95 1.93 -8.14 9.95
CA TYR A 95 2.16 -8.61 8.59
C TYR A 95 1.28 -9.81 8.26
N GLU A 96 1.15 -10.70 9.24
CA GLU A 96 0.34 -11.90 9.06
C GLU A 96 -1.14 -11.57 9.27
N ALA A 97 -1.37 -10.51 10.02
CA ALA A 97 -2.73 -10.08 10.30
C ALA A 97 -3.33 -9.43 9.05
N LEU A 98 -2.48 -9.30 8.03
CA LEU A 98 -2.90 -8.69 6.77
C LEU A 98 -3.78 -9.68 6.02
N VAL A 99 -4.76 -9.12 5.31
CA VAL A 99 -5.68 -9.94 4.53
C VAL A 99 -5.86 -9.31 3.15
N PRO A 100 -5.97 -10.20 2.12
CA PRO A 100 -6.14 -9.74 0.75
C PRO A 100 -7.58 -9.25 0.52
N LEU A 101 -7.68 -8.04 -0.02
CA LEU A 101 -8.97 -7.45 -0.28
C LEU A 101 -9.77 -8.38 -1.20
N PRO A 102 -11.11 -8.15 -1.25
CA PRO A 102 -11.98 -8.95 -2.08
C PRO A 102 -11.84 -8.58 -3.56
N GLU A 103 -12.84 -8.98 -4.33
CA GLU A 103 -12.83 -8.70 -5.76
C GLU A 103 -14.25 -8.41 -6.24
N GLU A 104 -14.93 -7.55 -5.51
CA GLU A 104 -16.30 -7.19 -5.85
C GLU A 104 -16.39 -5.68 -6.13
N ILE A 105 -17.62 -5.22 -6.33
CA ILE A 105 -17.86 -3.82 -6.60
C ILE A 105 -18.60 -3.19 -5.43
N GLN A 106 -18.11 -3.48 -4.23
CA GLN A 106 -18.72 -2.95 -3.02
C GLN A 106 -17.69 -2.18 -2.20
N VAL A 107 -17.78 -0.87 -2.25
CA VAL A 107 -16.87 -0.02 -1.51
C VAL A 107 -15.45 -0.58 -1.62
N SER A 108 -15.05 -0.85 -2.86
CA SER A 108 -13.73 -1.39 -3.12
C SER A 108 -13.40 -1.29 -4.60
N PRO A 109 -12.92 -0.08 -5.01
CA PRO A 109 -12.55 0.16 -6.39
C PRO A 109 -11.24 -0.51 -6.74
N GLY A 110 -10.28 -0.38 -5.84
CA GLY A 110 -8.97 -0.98 -6.04
C GLY A 110 -8.52 -0.83 -7.50
N ASP A 111 -8.31 0.42 -7.89
CA ASP A 111 -7.88 0.71 -9.26
C ASP A 111 -8.92 0.15 -10.24
N THR A 112 -9.83 1.02 -10.64
CA THR A 112 -10.87 0.64 -11.57
C THR A 112 -10.43 0.93 -13.01
N GLU A 113 -10.98 0.15 -13.94
CA GLU A 113 -10.66 0.31 -15.34
C GLU A 113 -11.40 -0.72 -16.18
N ILE A 114 -11.53 -1.91 -15.61
CA ILE A 114 -12.21 -3.00 -16.29
C ILE A 114 -13.37 -3.50 -15.43
N SER A 115 -14.52 -3.67 -16.07
CA SER A 115 -15.70 -4.13 -15.38
C SER A 115 -15.92 -5.62 -15.65
N GLY A 116 -15.99 -6.39 -14.56
CA GLY A 116 -16.19 -7.82 -14.66
C GLY A 116 -15.98 -8.50 -13.32
N PRO A 117 -17.13 -8.77 -12.63
CA PRO A 117 -17.09 -9.42 -11.34
C PRO A 117 -16.78 -10.91 -11.47
N SER A 118 -17.35 -11.52 -12.51
CA SER A 118 -17.15 -12.93 -12.76
C SER A 118 -15.66 -13.20 -13.03
N SER A 119 -15.21 -14.35 -12.56
CA SER A 119 -13.82 -14.74 -12.75
C SER A 119 -13.73 -16.25 -12.98
N GLY A 120 -12.79 -16.62 -13.85
CA GLY A 120 -12.59 -18.03 -14.17
C GLY A 120 -11.76 -18.18 -15.44
N GLY A 1 4.86 28.19 -3.99
CA GLY A 1 5.56 28.77 -5.13
C GLY A 1 6.52 27.76 -5.76
N SER A 2 6.08 27.20 -6.88
CA SER A 2 6.89 26.22 -7.58
C SER A 2 6.73 26.40 -9.09
N SER A 3 7.76 25.98 -9.81
CA SER A 3 7.75 26.09 -11.27
C SER A 3 8.70 25.07 -11.88
N GLY A 4 8.18 24.30 -12.82
CA GLY A 4 8.97 23.28 -13.48
C GLY A 4 8.96 21.96 -12.70
N SER A 5 8.33 20.96 -13.30
CA SER A 5 8.23 19.66 -12.67
C SER A 5 7.57 18.66 -13.62
N SER A 6 8.34 17.67 -14.04
CA SER A 6 7.83 16.66 -14.94
C SER A 6 8.11 15.26 -14.36
N GLY A 7 7.52 14.26 -15.01
CA GLY A 7 7.69 12.89 -14.58
C GLY A 7 6.40 12.09 -14.75
N ASP A 8 6.30 11.02 -13.98
CA ASP A 8 5.12 10.16 -14.03
C ASP A 8 4.54 10.02 -12.62
N GLU A 9 3.77 11.02 -12.22
CA GLU A 9 3.16 11.02 -10.91
C GLU A 9 2.02 10.00 -10.86
N ILE A 10 1.80 9.45 -9.67
CA ILE A 10 0.75 8.47 -9.48
C ILE A 10 0.20 8.59 -8.06
N PHE A 11 -0.82 7.80 -7.78
CA PHE A 11 -1.45 7.79 -6.47
C PHE A 11 -1.36 6.41 -5.82
N CYS A 12 -0.42 6.28 -4.90
CA CYS A 12 -0.24 5.02 -4.21
C CYS A 12 -1.28 4.92 -3.08
N ARG A 13 -1.61 3.69 -2.73
CA ARG A 13 -2.59 3.46 -1.68
C ARG A 13 -2.11 2.32 -0.76
N VAL A 14 -2.04 2.64 0.52
CA VAL A 14 -1.61 1.66 1.51
C VAL A 14 -2.84 1.05 2.18
N TYR A 15 -3.19 -0.15 1.71
CA TYR A 15 -4.34 -0.86 2.25
C TYR A 15 -4.06 -1.37 3.66
N MET A 16 -4.91 -0.95 4.59
CA MET A 16 -4.76 -1.36 5.98
C MET A 16 -5.20 -2.82 6.17
N PRO A 17 -4.82 -3.38 7.35
CA PRO A 17 -5.18 -4.76 7.67
C PRO A 17 -6.65 -4.86 8.05
N ASP A 18 -7.27 -3.71 8.25
CA ASP A 18 -8.67 -3.66 8.63
C ASP A 18 -9.49 -3.16 7.43
N HIS A 19 -8.85 -3.16 6.28
CA HIS A 19 -9.51 -2.71 5.06
C HIS A 19 -9.81 -1.21 5.16
N SER A 20 -8.79 -0.41 4.86
CA SER A 20 -8.94 1.03 4.91
C SER A 20 -7.65 1.71 4.41
N TYR A 21 -7.58 1.86 3.10
CA TYR A 21 -6.43 2.48 2.48
C TYR A 21 -6.61 4.00 2.37
N VAL A 22 -5.59 4.65 1.85
CA VAL A 22 -5.62 6.10 1.68
C VAL A 22 -5.05 6.46 0.31
N THR A 23 -5.18 7.74 -0.03
CA THR A 23 -4.68 8.23 -1.30
C THR A 23 -3.47 9.14 -1.08
N ILE A 24 -2.37 8.77 -1.71
CA ILE A 24 -1.14 9.54 -1.59
C ILE A 24 -0.54 9.75 -2.99
N ARG A 25 -0.23 11.00 -3.28
CA ARG A 25 0.34 11.36 -4.56
C ARG A 25 1.86 11.17 -4.53
N SER A 26 2.32 10.17 -5.26
CA SER A 26 3.74 9.86 -5.32
C SER A 26 4.18 9.67 -6.77
N ARG A 27 5.48 9.72 -6.98
CA ARG A 27 6.04 9.55 -8.31
C ARG A 27 6.68 8.17 -8.45
N LEU A 28 6.96 7.81 -9.69
CA LEU A 28 7.58 6.51 -9.97
C LEU A 28 9.10 6.63 -9.80
N SER A 29 9.49 7.22 -8.69
CA SER A 29 10.90 7.40 -8.39
C SER A 29 11.17 7.11 -6.91
N ALA A 30 10.31 7.66 -6.08
CA ALA A 30 10.44 7.48 -4.63
C ALA A 30 10.57 5.98 -4.34
N SER A 31 10.67 5.68 -3.04
CA SER A 31 10.81 4.30 -2.60
C SER A 31 9.79 4.00 -1.50
N VAL A 32 9.71 2.73 -1.15
CA VAL A 32 8.78 2.30 -0.11
C VAL A 32 8.79 3.31 1.04
N GLN A 33 10.00 3.64 1.48
CA GLN A 33 10.16 4.60 2.56
C GLN A 33 9.28 5.83 2.32
N ASP A 34 9.51 6.45 1.17
CA ASP A 34 8.75 7.64 0.80
C ASP A 34 7.26 7.38 1.03
N ILE A 35 6.73 6.45 0.24
CA ILE A 35 5.32 6.10 0.36
C ILE A 35 4.94 6.00 1.83
N LEU A 36 5.68 5.16 2.54
CA LEU A 36 5.42 4.96 3.96
C LEU A 36 5.30 6.32 4.65
N GLY A 37 6.28 7.17 4.40
CA GLY A 37 6.29 8.50 4.98
C GLY A 37 5.07 9.31 4.53
N SER A 38 4.82 9.26 3.23
CA SER A 38 3.70 9.98 2.66
C SER A 38 2.39 9.46 3.26
N VAL A 39 2.24 8.14 3.22
CA VAL A 39 1.04 7.51 3.76
C VAL A 39 0.96 7.77 5.26
N THR A 40 1.99 7.33 5.97
CA THR A 40 2.04 7.52 7.40
C THR A 40 1.46 8.88 7.79
N GLU A 41 1.62 9.83 6.88
CA GLU A 41 1.13 11.18 7.11
C GLU A 41 -0.40 11.19 7.15
N LYS A 42 -1.00 10.57 6.13
CA LYS A 42 -2.45 10.49 6.05
C LYS A 42 -3.00 9.92 7.35
N LEU A 43 -2.26 8.97 7.91
CA LEU A 43 -2.66 8.33 9.15
C LEU A 43 -2.76 9.39 10.25
N GLN A 44 -3.59 9.09 11.24
CA GLN A 44 -3.77 10.00 12.35
C GLN A 44 -2.97 9.53 13.58
N TYR A 45 -1.85 10.20 13.79
CA TYR A 45 -0.98 9.86 14.91
C TYR A 45 -0.88 11.02 15.89
N SER A 46 -0.48 12.17 15.35
CA SER A 46 -0.33 13.37 16.17
C SER A 46 0.18 14.52 15.31
N GLU A 47 0.43 15.65 15.97
CA GLU A 47 0.91 16.83 15.28
C GLU A 47 2.43 16.94 15.44
N GLU A 48 3.13 16.01 14.81
CA GLU A 48 4.58 16.00 14.87
C GLU A 48 5.17 15.40 13.60
N PRO A 49 6.23 16.07 13.08
CA PRO A 49 6.88 15.61 11.86
C PRO A 49 7.74 14.38 12.13
N ALA A 50 7.73 13.95 13.39
CA ALA A 50 8.50 12.79 13.79
C ALA A 50 8.15 12.42 15.23
N GLY A 51 8.44 11.17 15.57
CA GLY A 51 8.16 10.67 16.90
C GLY A 51 7.10 9.57 16.87
N ARG A 52 5.98 9.89 16.24
CA ARG A 52 4.89 8.93 16.12
C ARG A 52 5.17 7.93 14.99
N GLU A 53 5.98 6.94 15.32
CA GLU A 53 6.34 5.92 14.35
C GLU A 53 7.27 4.87 14.99
N ASP A 54 6.64 3.88 15.60
CA ASP A 54 7.38 2.81 16.26
C ASP A 54 8.14 2.00 15.20
N SER A 55 7.38 1.40 14.30
CA SER A 55 7.96 0.59 13.24
C SER A 55 6.86 -0.01 12.37
N LEU A 56 7.00 0.23 11.07
CA LEU A 56 6.02 -0.29 10.11
C LEU A 56 6.76 -0.82 8.88
N ILE A 57 6.25 -1.92 8.36
CA ILE A 57 6.84 -2.55 7.19
C ILE A 57 5.80 -2.61 6.08
N LEU A 58 6.27 -2.48 4.84
CA LEU A 58 5.39 -2.53 3.69
C LEU A 58 5.26 -3.98 3.22
N VAL A 59 4.11 -4.26 2.60
CA VAL A 59 3.85 -5.60 2.10
C VAL A 59 2.89 -5.52 0.91
N ALA A 60 3.09 -6.42 -0.03
CA ALA A 60 2.25 -6.45 -1.23
C ALA A 60 1.34 -7.68 -1.16
N VAL A 61 0.04 -7.41 -1.19
CA VAL A 61 -0.94 -8.48 -1.15
C VAL A 61 -1.73 -8.51 -2.46
N SER A 62 -1.86 -9.71 -3.00
CA SER A 62 -2.58 -9.89 -4.25
C SER A 62 -3.90 -10.62 -3.99
N SER A 63 -4.76 -10.59 -5.00
CA SER A 63 -6.05 -11.24 -4.89
C SER A 63 -5.87 -12.76 -4.83
N SER A 64 -5.32 -13.22 -3.72
CA SER A 64 -5.09 -14.64 -3.52
C SER A 64 -4.51 -14.89 -2.13
N GLY A 65 -3.67 -13.97 -1.69
CA GLY A 65 -3.05 -14.08 -0.38
C GLY A 65 -1.52 -14.16 -0.51
N GLU A 66 -1.01 -13.55 -1.56
CA GLU A 66 0.42 -13.56 -1.81
C GLU A 66 1.06 -12.30 -1.20
N LYS A 67 1.58 -12.47 0.00
CA LYS A 67 2.22 -11.36 0.69
C LYS A 67 3.70 -11.32 0.32
N VAL A 68 4.22 -10.11 0.19
CA VAL A 68 5.61 -9.92 -0.16
C VAL A 68 6.18 -8.75 0.63
N LEU A 69 6.88 -9.08 1.70
CA LEU A 69 7.48 -8.07 2.56
C LEU A 69 8.42 -7.19 1.72
N LEU A 70 7.98 -5.97 1.48
CA LEU A 70 8.77 -5.03 0.70
C LEU A 70 9.84 -4.41 1.59
N GLN A 71 10.68 -3.60 0.97
CA GLN A 71 11.77 -2.94 1.69
C GLN A 71 11.84 -1.47 1.30
N PRO A 72 12.44 -0.66 2.22
CA PRO A 72 12.58 0.77 1.99
C PRO A 72 13.69 1.05 0.97
N THR A 73 14.30 -0.03 0.50
CA THR A 73 15.37 0.09 -0.49
C THR A 73 15.03 -0.72 -1.74
N GLU A 74 13.82 -0.51 -2.22
CA GLU A 74 13.35 -1.21 -3.41
C GLU A 74 13.79 -0.46 -4.67
N ASP A 75 13.39 -1.00 -5.81
CA ASP A 75 13.73 -0.38 -7.08
C ASP A 75 12.45 0.11 -7.77
N CYS A 76 11.59 -0.84 -8.09
CA CYS A 76 10.33 -0.52 -8.75
C CYS A 76 9.21 -1.26 -8.03
N VAL A 77 8.49 -0.52 -7.20
CA VAL A 77 7.38 -1.10 -6.45
C VAL A 77 6.08 -0.89 -7.21
N PHE A 78 5.74 0.37 -7.41
CA PHE A 78 4.52 0.72 -8.13
C PHE A 78 4.33 -0.20 -9.34
N THR A 79 5.44 -0.65 -9.89
CA THR A 79 5.41 -1.52 -11.05
C THR A 79 5.37 -2.98 -10.61
N ALA A 80 6.30 -3.33 -9.73
CA ALA A 80 6.39 -4.68 -9.22
C ALA A 80 4.98 -5.19 -8.89
N LEU A 81 4.27 -4.40 -8.10
CA LEU A 81 2.92 -4.75 -7.70
C LEU A 81 2.19 -5.38 -8.90
N GLY A 82 1.41 -6.41 -8.60
CA GLY A 82 0.65 -7.10 -9.63
C GLY A 82 -0.42 -6.19 -10.22
N ILE A 83 -1.36 -6.81 -10.92
CA ILE A 83 -2.44 -6.06 -11.54
C ILE A 83 -3.47 -5.68 -10.48
N ASN A 84 -3.92 -6.68 -9.74
CA ASN A 84 -4.90 -6.45 -8.69
C ASN A 84 -4.26 -6.70 -7.33
N SER A 85 -3.12 -6.06 -7.13
CA SER A 85 -2.39 -6.20 -5.88
C SER A 85 -2.53 -4.93 -5.04
N HIS A 86 -2.54 -5.11 -3.73
CA HIS A 86 -2.68 -4.00 -2.81
C HIS A 86 -1.51 -4.02 -1.81
N LEU A 87 -1.05 -2.83 -1.46
CA LEU A 87 0.05 -2.70 -0.53
C LEU A 87 -0.51 -2.60 0.89
N PHE A 88 0.16 -3.29 1.81
CA PHE A 88 -0.25 -3.30 3.20
C PHE A 88 0.91 -2.95 4.12
N ALA A 89 0.74 -1.86 4.86
CA ALA A 89 1.78 -1.42 5.78
C ALA A 89 1.31 -1.66 7.22
N CYS A 90 2.03 -2.54 7.90
CA CYS A 90 1.70 -2.86 9.28
C CYS A 90 2.96 -3.41 9.96
N THR A 91 2.84 -3.64 11.26
CA THR A 91 3.95 -4.16 12.03
C THR A 91 4.26 -5.60 11.61
N ARG A 92 5.40 -6.08 12.08
CA ARG A 92 5.83 -7.43 11.76
C ARG A 92 4.90 -8.45 12.43
N ASP A 93 4.10 -7.95 13.37
CA ASP A 93 3.17 -8.80 14.08
C ASP A 93 1.79 -8.69 13.44
N SER A 94 1.66 -7.73 12.54
CA SER A 94 0.40 -7.50 11.85
C SER A 94 0.50 -8.00 10.40
N TYR A 95 1.74 -8.25 9.98
CA TYR A 95 1.98 -8.73 8.63
C TYR A 95 1.20 -10.01 8.36
N GLU A 96 1.09 -10.84 9.38
CA GLU A 96 0.38 -12.09 9.28
C GLU A 96 -1.12 -11.88 9.51
N ALA A 97 -1.45 -10.66 9.92
CA ALA A 97 -2.84 -10.31 10.17
C ALA A 97 -3.39 -9.54 8.97
N LEU A 98 -2.67 -9.63 7.86
CA LEU A 98 -3.07 -8.94 6.65
C LEU A 98 -3.99 -9.86 5.83
N VAL A 99 -4.91 -9.24 5.10
CA VAL A 99 -5.84 -9.98 4.27
C VAL A 99 -5.99 -9.28 2.92
N PRO A 100 -6.12 -10.10 1.85
CA PRO A 100 -6.26 -9.59 0.51
C PRO A 100 -7.68 -9.03 0.29
N LEU A 101 -7.73 -7.90 -0.40
CA LEU A 101 -9.00 -7.25 -0.68
C LEU A 101 -9.84 -8.17 -1.58
N PRO A 102 -11.17 -7.87 -1.62
CA PRO A 102 -12.09 -8.66 -2.43
C PRO A 102 -11.93 -8.32 -3.91
N GLU A 103 -12.92 -8.74 -4.69
CA GLU A 103 -12.90 -8.49 -6.13
C GLU A 103 -14.20 -7.81 -6.56
N GLU A 104 -14.04 -6.71 -7.28
CA GLU A 104 -15.19 -5.96 -7.78
C GLU A 104 -14.93 -5.45 -9.19
N ILE A 105 -15.82 -4.59 -9.65
CA ILE A 105 -15.70 -4.02 -10.98
C ILE A 105 -15.35 -2.54 -10.87
N GLN A 106 -14.29 -2.26 -10.12
CA GLN A 106 -13.84 -0.90 -9.93
C GLN A 106 -12.50 -0.88 -9.21
N VAL A 107 -11.47 -0.51 -9.95
CA VAL A 107 -10.12 -0.44 -9.40
C VAL A 107 -10.19 0.14 -7.99
N SER A 108 -9.92 -0.71 -7.02
CA SER A 108 -9.93 -0.30 -5.62
C SER A 108 -11.36 0.11 -5.22
N PRO A 109 -11.76 -0.33 -4.00
CA PRO A 109 -13.08 -0.02 -3.50
C PRO A 109 -13.16 1.44 -3.03
N GLY A 110 -13.07 2.34 -3.99
CA GLY A 110 -13.14 3.77 -3.70
C GLY A 110 -13.74 4.54 -4.87
N ASP A 111 -13.14 5.69 -5.15
CA ASP A 111 -13.61 6.53 -6.23
C ASP A 111 -12.69 6.36 -7.45
N THR A 112 -13.27 5.84 -8.52
CA THR A 112 -12.52 5.62 -9.75
C THR A 112 -13.45 5.67 -10.96
N GLU A 113 -12.84 5.74 -12.12
CA GLU A 113 -13.60 5.80 -13.37
C GLU A 113 -13.92 4.38 -13.85
N ILE A 114 -14.91 4.29 -14.73
CA ILE A 114 -15.32 3.02 -15.27
C ILE A 114 -14.09 2.23 -15.70
N SER A 115 -13.82 1.16 -14.96
CA SER A 115 -12.68 0.31 -15.26
C SER A 115 -12.63 -0.86 -14.28
N GLY A 116 -12.63 -2.06 -14.84
CA GLY A 116 -12.58 -3.27 -14.03
C GLY A 116 -12.89 -4.51 -14.89
N PRO A 117 -11.84 -4.98 -15.60
CA PRO A 117 -11.98 -6.16 -16.45
C PRO A 117 -12.04 -7.43 -15.61
N SER A 118 -12.11 -8.56 -16.31
CA SER A 118 -12.17 -9.85 -15.65
C SER A 118 -13.06 -9.76 -14.41
N SER A 119 -14.35 -10.02 -14.62
CA SER A 119 -15.31 -9.97 -13.54
C SER A 119 -15.68 -11.39 -13.10
N GLY A 120 -16.18 -12.16 -14.06
CA GLY A 120 -16.58 -13.53 -13.79
C GLY A 120 -15.36 -14.43 -13.68
N GLY A 1 -1.19 23.34 -17.32
CA GLY A 1 -0.76 23.08 -18.68
C GLY A 1 0.13 21.84 -18.75
N SER A 2 1.35 21.99 -18.22
CA SER A 2 2.29 20.88 -18.21
C SER A 2 2.24 20.15 -16.87
N SER A 3 2.48 20.90 -15.81
CA SER A 3 2.45 20.34 -14.46
C SER A 3 3.49 19.22 -14.36
N GLY A 4 4.62 19.56 -13.74
CA GLY A 4 5.69 18.60 -13.57
C GLY A 4 5.95 17.82 -14.86
N SER A 5 6.65 18.47 -15.78
CA SER A 5 6.96 17.85 -17.05
C SER A 5 7.72 16.54 -16.82
N SER A 6 8.90 16.68 -16.22
CA SER A 6 9.72 15.52 -15.94
C SER A 6 9.12 14.71 -14.79
N GLY A 7 9.37 13.41 -14.84
CA GLY A 7 8.86 12.51 -13.81
C GLY A 7 7.51 11.93 -14.22
N ASP A 8 7.03 11.00 -13.40
CA ASP A 8 5.76 10.36 -13.65
C ASP A 8 5.01 10.15 -12.33
N GLU A 9 4.40 11.23 -11.87
CA GLU A 9 3.65 11.18 -10.62
C GLU A 9 2.50 10.19 -10.73
N ILE A 10 2.22 9.52 -9.62
CA ILE A 10 1.14 8.55 -9.57
C ILE A 10 0.47 8.59 -8.19
N PHE A 11 -0.59 7.80 -8.06
CA PHE A 11 -1.31 7.73 -6.81
C PHE A 11 -1.23 6.33 -6.20
N CYS A 12 -0.36 6.20 -5.21
CA CYS A 12 -0.17 4.93 -4.53
C CYS A 12 -0.97 4.96 -3.23
N ARG A 13 -1.30 3.77 -2.76
CA ARG A 13 -2.05 3.63 -1.53
C ARG A 13 -1.43 2.57 -0.63
N VAL A 14 -1.75 2.66 0.66
CA VAL A 14 -1.23 1.72 1.63
C VAL A 14 -2.37 1.22 2.51
N TYR A 15 -2.86 0.03 2.19
CA TYR A 15 -3.95 -0.57 2.93
C TYR A 15 -3.50 -0.94 4.34
N MET A 16 -4.48 -1.05 5.23
CA MET A 16 -4.21 -1.40 6.62
C MET A 16 -4.62 -2.84 6.91
N PRO A 17 -4.14 -3.34 8.08
CA PRO A 17 -4.45 -4.70 8.49
C PRO A 17 -5.89 -4.81 9.00
N ASP A 18 -6.50 -3.64 9.19
CA ASP A 18 -7.87 -3.59 9.67
C ASP A 18 -8.80 -3.22 8.51
N HIS A 19 -8.27 -3.34 7.31
CA HIS A 19 -9.03 -3.02 6.12
C HIS A 19 -9.30 -1.52 6.08
N SER A 20 -8.31 -0.77 5.64
CA SER A 20 -8.43 0.67 5.55
C SER A 20 -7.18 1.27 4.91
N TYR A 21 -7.31 1.64 3.64
CA TYR A 21 -6.21 2.22 2.90
C TYR A 21 -6.46 3.70 2.61
N VAL A 22 -5.43 4.35 2.10
CA VAL A 22 -5.53 5.77 1.77
C VAL A 22 -4.87 6.01 0.41
N THR A 23 -5.09 7.21 -0.11
CA THR A 23 -4.54 7.59 -1.40
C THR A 23 -3.42 8.62 -1.21
N ILE A 24 -2.29 8.35 -1.84
CA ILE A 24 -1.15 9.25 -1.74
C ILE A 24 -0.54 9.42 -3.14
N ARG A 25 -0.06 10.64 -3.39
CA ARG A 25 0.54 10.95 -4.68
C ARG A 25 2.07 10.87 -4.56
N SER A 26 2.64 9.90 -5.27
CA SER A 26 4.08 9.70 -5.27
C SER A 26 4.59 9.55 -6.70
N ARG A 27 5.91 9.60 -6.83
CA ARG A 27 6.53 9.46 -8.14
C ARG A 27 6.96 8.01 -8.37
N LEU A 28 6.89 7.61 -9.63
CA LEU A 28 7.27 6.25 -10.00
C LEU A 28 8.73 6.01 -9.61
N SER A 29 9.43 7.11 -9.36
CA SER A 29 10.83 7.03 -8.97
C SER A 29 10.97 7.19 -7.46
N ALA A 30 9.93 6.76 -6.75
CA ALA A 30 9.92 6.85 -5.30
C ALA A 30 10.28 5.50 -4.71
N SER A 31 10.30 5.45 -3.39
CA SER A 31 10.63 4.22 -2.68
C SER A 31 9.61 3.96 -1.57
N VAL A 32 9.52 2.71 -1.16
CA VAL A 32 8.60 2.32 -0.12
C VAL A 32 8.59 3.40 0.97
N GLN A 33 9.78 3.81 1.37
CA GLN A 33 9.92 4.83 2.40
C GLN A 33 9.06 6.05 2.06
N ASP A 34 9.35 6.64 0.91
CA ASP A 34 8.62 7.81 0.45
C ASP A 34 7.12 7.58 0.70
N ILE A 35 6.59 6.58 0.02
CA ILE A 35 5.18 6.26 0.16
C ILE A 35 4.81 6.19 1.65
N LEU A 36 5.49 5.30 2.35
CA LEU A 36 5.25 5.13 3.77
C LEU A 36 5.04 6.50 4.41
N GLY A 37 6.12 7.28 4.43
CA GLY A 37 6.08 8.60 5.01
C GLY A 37 4.79 9.34 4.61
N SER A 38 4.53 9.33 3.32
CA SER A 38 3.34 9.99 2.79
C SER A 38 2.08 9.36 3.40
N VAL A 39 2.14 8.06 3.58
CA VAL A 39 1.02 7.34 4.15
C VAL A 39 0.91 7.66 5.64
N THR A 40 2.02 7.44 6.35
CA THR A 40 2.07 7.70 7.78
C THR A 40 1.37 9.01 8.10
N GLU A 41 1.51 9.96 7.19
CA GLU A 41 0.89 11.27 7.36
C GLU A 41 -0.64 11.14 7.34
N LYS A 42 -1.13 10.37 6.38
CA LYS A 42 -2.55 10.16 6.24
C LYS A 42 -3.11 9.55 7.52
N LEU A 43 -2.31 8.65 8.09
CA LEU A 43 -2.71 7.98 9.31
C LEU A 43 -3.04 9.03 10.38
N GLN A 44 -3.75 8.58 11.41
CA GLN A 44 -4.15 9.46 12.49
C GLN A 44 -3.34 9.14 13.75
N TYR A 45 -2.07 9.50 13.72
CA TYR A 45 -1.20 9.26 14.85
C TYR A 45 -0.64 10.57 15.40
N SER A 46 -1.24 11.02 16.49
CA SER A 46 -0.82 12.26 17.13
C SER A 46 -1.31 12.29 18.58
N GLU A 47 -2.64 12.23 18.71
CA GLU A 47 -3.25 12.26 20.02
C GLU A 47 -4.41 11.26 20.09
N GLU A 48 -4.07 10.01 19.80
CA GLU A 48 -5.07 8.95 19.84
C GLU A 48 -4.59 7.80 20.72
N PRO A 49 -5.57 6.94 21.11
CA PRO A 49 -5.26 5.80 21.96
C PRO A 49 -4.54 4.69 21.17
N ALA A 50 -4.31 4.99 19.90
CA ALA A 50 -3.64 4.04 19.03
C ALA A 50 -2.16 3.94 19.41
N GLY A 51 -1.92 3.16 20.46
CA GLY A 51 -0.56 2.97 20.95
C GLY A 51 0.29 2.24 19.92
N ARG A 52 -0.21 1.09 19.49
CA ARG A 52 0.49 0.29 18.50
C ARG A 52 1.02 1.17 17.36
N GLU A 53 2.28 1.53 17.47
CA GLU A 53 2.91 2.36 16.47
C GLU A 53 4.42 2.46 16.72
N ASP A 54 5.16 1.62 16.00
CA ASP A 54 6.60 1.61 16.14
C ASP A 54 7.22 0.90 14.93
N SER A 55 7.56 1.69 13.93
CA SER A 55 8.16 1.14 12.71
C SER A 55 7.17 0.23 12.01
N LEU A 56 6.87 0.56 10.77
CA LEU A 56 5.94 -0.23 9.98
C LEU A 56 6.61 -0.64 8.66
N ILE A 57 6.39 -1.88 8.29
CA ILE A 57 6.97 -2.41 7.05
C ILE A 57 5.86 -2.54 6.00
N LEU A 58 6.26 -2.38 4.75
CA LEU A 58 5.32 -2.48 3.64
C LEU A 58 5.24 -3.93 3.18
N VAL A 59 4.08 -4.30 2.68
CA VAL A 59 3.85 -5.65 2.20
C VAL A 59 2.77 -5.63 1.11
N ALA A 60 3.02 -6.39 0.06
CA ALA A 60 2.07 -6.47 -1.04
C ALA A 60 1.19 -7.71 -0.86
N VAL A 61 -0.11 -7.46 -0.78
CA VAL A 61 -1.07 -8.54 -0.61
C VAL A 61 -2.02 -8.56 -1.81
N SER A 62 -2.15 -9.74 -2.41
CA SER A 62 -3.03 -9.91 -3.55
C SER A 62 -4.25 -10.73 -3.16
N SER A 63 -5.22 -10.75 -4.07
CA SER A 63 -6.44 -11.51 -3.83
C SER A 63 -6.15 -13.01 -3.82
N SER A 64 -5.42 -13.43 -2.78
CA SER A 64 -5.06 -14.83 -2.64
C SER A 64 -4.34 -15.05 -1.32
N GLY A 65 -3.51 -14.09 -0.96
CA GLY A 65 -2.75 -14.17 0.28
C GLY A 65 -1.24 -14.08 0.01
N GLU A 66 -0.92 -13.87 -1.25
CA GLU A 66 0.48 -13.76 -1.65
C GLU A 66 1.10 -12.48 -1.08
N LYS A 67 1.78 -12.66 0.05
CA LYS A 67 2.42 -11.53 0.70
C LYS A 67 3.86 -11.39 0.18
N VAL A 68 4.28 -10.14 0.05
CA VAL A 68 5.62 -9.85 -0.44
C VAL A 68 6.22 -8.70 0.38
N LEU A 69 7.06 -9.07 1.33
CA LEU A 69 7.70 -8.08 2.19
C LEU A 69 8.59 -7.18 1.33
N LEU A 70 8.17 -5.93 1.22
CA LEU A 70 8.92 -4.96 0.43
C LEU A 70 10.02 -4.35 1.30
N GLN A 71 10.78 -3.46 0.69
CA GLN A 71 11.88 -2.81 1.39
C GLN A 71 11.87 -1.30 1.10
N PRO A 72 12.44 -0.53 2.07
CA PRO A 72 12.49 0.92 1.93
C PRO A 72 13.56 1.32 0.90
N THR A 73 14.23 0.32 0.36
CA THR A 73 15.27 0.56 -0.62
C THR A 73 14.91 -0.08 -1.96
N GLU A 74 13.65 0.09 -2.34
CA GLU A 74 13.17 -0.46 -3.59
C GLU A 74 13.46 0.49 -4.75
N ASP A 75 13.02 0.08 -5.93
CA ASP A 75 13.22 0.89 -7.12
C ASP A 75 11.89 1.10 -7.83
N CYS A 76 11.39 0.01 -8.41
CA CYS A 76 10.12 0.06 -9.12
C CYS A 76 9.09 -0.76 -8.32
N VAL A 77 8.34 -0.06 -7.49
CA VAL A 77 7.33 -0.69 -6.67
C VAL A 77 5.98 -0.60 -7.37
N PHE A 78 5.53 0.64 -7.55
CA PHE A 78 4.25 0.89 -8.21
C PHE A 78 4.09 -0.02 -9.43
N THR A 79 5.21 -0.40 -10.00
CA THR A 79 5.21 -1.26 -11.17
C THR A 79 5.11 -2.73 -10.75
N ALA A 80 6.09 -3.15 -9.95
CA ALA A 80 6.13 -4.52 -9.48
C ALA A 80 4.72 -4.96 -9.08
N LEU A 81 4.09 -4.12 -8.26
CA LEU A 81 2.75 -4.42 -7.79
C LEU A 81 1.87 -4.79 -8.99
N GLY A 82 1.16 -5.90 -8.83
CA GLY A 82 0.28 -6.38 -9.89
C GLY A 82 -0.88 -5.41 -10.10
N ILE A 83 -2.04 -5.99 -10.43
CA ILE A 83 -3.22 -5.19 -10.67
C ILE A 83 -4.08 -5.17 -9.41
N ASN A 84 -4.37 -6.36 -8.90
CA ASN A 84 -5.17 -6.50 -7.70
C ASN A 84 -4.25 -6.77 -6.50
N SER A 85 -3.39 -5.81 -6.24
CA SER A 85 -2.45 -5.93 -5.13
C SER A 85 -2.60 -4.73 -4.19
N HIS A 86 -2.66 -5.05 -2.90
CA HIS A 86 -2.81 -4.01 -1.89
C HIS A 86 -1.54 -3.96 -1.02
N LEU A 87 -1.06 -2.75 -0.82
CA LEU A 87 0.13 -2.54 -0.01
C LEU A 87 -0.27 -2.40 1.46
N PHE A 88 0.08 -3.41 2.23
CA PHE A 88 -0.23 -3.42 3.65
C PHE A 88 0.98 -2.98 4.48
N ALA A 89 0.77 -1.94 5.28
CA ALA A 89 1.83 -1.43 6.13
C ALA A 89 1.53 -1.76 7.59
N CYS A 90 2.39 -2.59 8.17
CA CYS A 90 2.22 -3.00 9.55
C CYS A 90 3.56 -3.55 10.04
N THR A 91 3.60 -3.85 11.34
CA THR A 91 4.80 -4.38 11.95
C THR A 91 5.09 -5.78 11.42
N ARG A 92 6.15 -6.38 11.96
CA ARG A 92 6.54 -7.72 11.56
C ARG A 92 5.63 -8.76 12.21
N ASP A 93 5.10 -8.40 13.36
CA ASP A 93 4.22 -9.30 14.09
C ASP A 93 2.80 -9.16 13.54
N SER A 94 2.61 -8.14 12.71
CA SER A 94 1.32 -7.89 12.11
C SER A 94 1.34 -8.30 10.63
N TYR A 95 2.54 -8.39 10.10
CA TYR A 95 2.71 -8.77 8.70
C TYR A 95 1.86 -9.98 8.35
N GLU A 96 1.84 -10.94 9.27
CA GLU A 96 1.05 -12.15 9.06
C GLU A 96 -0.41 -11.89 9.39
N ALA A 97 -0.64 -10.86 10.19
CA ALA A 97 -1.99 -10.50 10.59
C ALA A 97 -2.69 -9.79 9.44
N LEU A 98 -1.95 -9.61 8.36
CA LEU A 98 -2.48 -8.95 7.17
C LEU A 98 -3.42 -9.91 6.44
N VAL A 99 -4.47 -9.34 5.87
CA VAL A 99 -5.44 -10.13 5.14
C VAL A 99 -5.70 -9.48 3.78
N PRO A 100 -5.86 -10.35 2.74
CA PRO A 100 -6.11 -9.88 1.39
C PRO A 100 -7.54 -9.37 1.24
N LEU A 101 -7.67 -8.22 0.60
CA LEU A 101 -8.98 -7.62 0.39
C LEU A 101 -9.80 -8.51 -0.54
N PRO A 102 -11.14 -8.30 -0.52
CA PRO A 102 -12.04 -9.07 -1.34
C PRO A 102 -11.95 -8.64 -2.81
N GLU A 103 -12.98 -9.02 -3.57
CA GLU A 103 -13.03 -8.67 -4.98
C GLU A 103 -13.28 -7.17 -5.15
N GLU A 104 -13.22 -6.73 -6.39
CA GLU A 104 -13.43 -5.33 -6.71
C GLU A 104 -12.37 -4.46 -6.01
N ILE A 105 -11.96 -3.42 -6.70
CA ILE A 105 -10.96 -2.51 -6.16
C ILE A 105 -11.66 -1.30 -5.54
N GLN A 106 -12.72 -1.60 -4.79
CA GLN A 106 -13.48 -0.55 -4.13
C GLN A 106 -14.45 -1.15 -3.11
N VAL A 107 -13.86 -1.81 -2.11
CA VAL A 107 -14.65 -2.45 -1.07
C VAL A 107 -14.66 -1.55 0.17
N SER A 108 -15.24 -2.07 1.24
CA SER A 108 -15.31 -1.33 2.48
C SER A 108 -16.29 -2.01 3.44
N PRO A 109 -17.54 -2.22 2.92
CA PRO A 109 -18.57 -2.86 3.71
C PRO A 109 -18.32 -4.37 3.83
N GLY A 110 -18.20 -4.81 5.07
CA GLY A 110 -17.96 -6.22 5.34
C GLY A 110 -18.10 -6.53 6.83
N ASP A 111 -17.21 -5.94 7.61
CA ASP A 111 -17.22 -6.14 9.05
C ASP A 111 -17.46 -4.80 9.74
N THR A 112 -18.56 -4.75 10.49
CA THR A 112 -18.92 -3.53 11.21
C THR A 112 -18.42 -3.60 12.66
N GLU A 113 -18.38 -2.44 13.30
CA GLU A 113 -17.93 -2.36 14.67
C GLU A 113 -18.06 -0.93 15.19
N ILE A 114 -17.90 -0.78 16.50
CA ILE A 114 -17.99 0.52 17.12
C ILE A 114 -16.59 1.09 17.32
N SER A 115 -15.82 0.40 18.16
CA SER A 115 -14.46 0.82 18.44
C SER A 115 -13.69 -0.31 19.11
N GLY A 116 -12.41 -0.42 18.75
CA GLY A 116 -11.56 -1.46 19.32
C GLY A 116 -10.08 -1.08 19.17
N PRO A 117 -9.50 -0.62 20.31
CA PRO A 117 -8.10 -0.22 20.32
C PRO A 117 -7.19 -1.45 20.33
N SER A 118 -5.90 -1.18 20.29
CA SER A 118 -4.91 -2.24 20.28
C SER A 118 -5.07 -3.10 19.03
N SER A 119 -4.12 -2.95 18.12
CA SER A 119 -4.15 -3.69 16.87
C SER A 119 -4.02 -5.19 17.16
N GLY A 120 -5.17 -5.80 17.42
CA GLY A 120 -5.22 -7.23 17.71
C GLY A 120 -4.01 -7.65 18.55
N GLY A 1 13.61 26.11 -25.81
CA GLY A 1 12.19 25.83 -25.65
C GLY A 1 11.98 24.65 -24.70
N SER A 2 10.76 24.12 -24.72
CA SER A 2 10.42 22.99 -23.87
C SER A 2 10.24 21.73 -24.71
N SER A 3 11.03 20.73 -24.40
CA SER A 3 10.96 19.46 -25.12
C SER A 3 11.09 18.29 -24.14
N GLY A 4 10.23 17.31 -24.32
CA GLY A 4 10.25 16.13 -23.47
C GLY A 4 9.22 16.27 -22.35
N SER A 5 9.27 15.32 -21.43
CA SER A 5 8.35 15.31 -20.30
C SER A 5 8.79 14.28 -19.26
N SER A 6 9.35 14.78 -18.17
CA SER A 6 9.81 13.90 -17.10
C SER A 6 8.93 14.08 -15.86
N GLY A 7 8.40 12.95 -15.40
CA GLY A 7 7.54 12.96 -14.23
C GLY A 7 6.37 11.99 -14.40
N ASP A 8 6.44 10.88 -13.67
CA ASP A 8 5.40 9.88 -13.74
C ASP A 8 4.76 9.73 -12.35
N GLU A 9 4.04 10.78 -11.96
CA GLU A 9 3.38 10.78 -10.67
C GLU A 9 2.18 9.82 -10.69
N ILE A 10 1.88 9.28 -9.52
CA ILE A 10 0.76 8.34 -9.40
C ILE A 10 0.19 8.44 -7.98
N PHE A 11 -0.87 7.68 -7.76
CA PHE A 11 -1.52 7.66 -6.46
C PHE A 11 -1.38 6.29 -5.79
N CYS A 12 -0.45 6.22 -4.85
CA CYS A 12 -0.20 4.99 -4.13
C CYS A 12 -1.24 4.86 -3.01
N ARG A 13 -1.58 3.63 -2.68
CA ARG A 13 -2.55 3.36 -1.64
C ARG A 13 -2.07 2.21 -0.75
N VAL A 14 -1.91 2.53 0.52
CA VAL A 14 -1.45 1.54 1.49
C VAL A 14 -2.67 0.96 2.22
N TYR A 15 -3.07 -0.23 1.81
CA TYR A 15 -4.21 -0.90 2.42
C TYR A 15 -3.83 -1.47 3.79
N MET A 16 -4.53 -0.99 4.80
CA MET A 16 -4.29 -1.44 6.16
C MET A 16 -4.77 -2.89 6.35
N PRO A 17 -4.28 -3.51 7.46
CA PRO A 17 -4.65 -4.88 7.76
C PRO A 17 -6.09 -4.97 8.30
N ASP A 18 -6.75 -3.83 8.28
CA ASP A 18 -8.12 -3.75 8.75
C ASP A 18 -9.02 -3.19 7.64
N HIS A 19 -8.44 -3.12 6.45
CA HIS A 19 -9.18 -2.62 5.30
C HIS A 19 -9.48 -1.13 5.49
N SER A 20 -8.48 -0.32 5.15
CA SER A 20 -8.63 1.13 5.27
C SER A 20 -7.40 1.82 4.69
N TYR A 21 -7.36 1.89 3.37
CA TYR A 21 -6.24 2.53 2.68
C TYR A 21 -6.48 4.04 2.54
N VAL A 22 -5.49 4.70 1.97
CA VAL A 22 -5.58 6.14 1.76
C VAL A 22 -5.06 6.48 0.37
N THR A 23 -5.21 7.75 0.01
CA THR A 23 -4.76 8.21 -1.29
C THR A 23 -3.57 9.17 -1.13
N ILE A 24 -2.47 8.81 -1.78
CA ILE A 24 -1.26 9.61 -1.71
C ILE A 24 -0.63 9.68 -3.10
N ARG A 25 -0.35 10.90 -3.53
CA ARG A 25 0.26 11.12 -4.83
C ARG A 25 1.78 11.03 -4.73
N SER A 26 2.32 9.97 -5.31
CA SER A 26 3.75 9.76 -5.28
C SER A 26 4.25 9.40 -6.69
N ARG A 27 5.57 9.40 -6.84
CA ARG A 27 6.17 9.07 -8.12
C ARG A 27 6.69 7.63 -8.11
N LEU A 28 6.89 7.10 -9.31
CA LEU A 28 7.37 5.74 -9.46
C LEU A 28 8.73 5.62 -8.77
N SER A 29 9.47 6.72 -8.77
CA SER A 29 10.78 6.76 -8.16
C SER A 29 10.65 6.59 -6.64
N ALA A 30 9.69 7.30 -6.08
CA ALA A 30 9.45 7.24 -4.65
C ALA A 30 9.62 5.80 -4.16
N SER A 31 10.42 5.65 -3.13
CA SER A 31 10.67 4.33 -2.56
C SER A 31 9.68 4.06 -1.42
N VAL A 32 9.57 2.78 -1.07
CA VAL A 32 8.68 2.37 -0.01
C VAL A 32 8.74 3.39 1.13
N GLN A 33 9.97 3.80 1.44
CA GLN A 33 10.19 4.77 2.50
C GLN A 33 9.35 6.02 2.25
N ASP A 34 9.51 6.57 1.06
CA ASP A 34 8.79 7.77 0.68
C ASP A 34 7.29 7.57 0.96
N ILE A 35 6.68 6.71 0.16
CA ILE A 35 5.26 6.42 0.30
C ILE A 35 4.93 6.28 1.79
N LEU A 36 5.66 5.39 2.45
CA LEU A 36 5.45 5.15 3.87
C LEU A 36 5.34 6.49 4.60
N GLY A 37 6.24 7.39 4.25
CA GLY A 37 6.26 8.71 4.87
C GLY A 37 5.02 9.51 4.46
N SER A 38 4.73 9.51 3.17
CA SER A 38 3.58 10.22 2.66
C SER A 38 2.30 9.67 3.28
N VAL A 39 2.24 8.35 3.36
CA VAL A 39 1.08 7.68 3.93
C VAL A 39 1.03 7.95 5.44
N THR A 40 2.16 7.67 6.09
CA THR A 40 2.27 7.87 7.52
C THR A 40 1.69 9.23 7.91
N GLU A 41 1.68 10.14 6.95
CA GLU A 41 1.15 11.47 7.18
C GLU A 41 -0.38 11.43 7.25
N LYS A 42 -0.95 10.56 6.43
CA LYS A 42 -2.39 10.42 6.38
C LYS A 42 -2.89 9.79 7.68
N LEU A 43 -2.09 8.86 8.20
CA LEU A 43 -2.42 8.18 9.43
C LEU A 43 -2.61 9.21 10.55
N GLN A 44 -3.15 8.75 11.66
CA GLN A 44 -3.37 9.61 12.81
C GLN A 44 -2.30 9.37 13.87
N TYR A 45 -1.39 10.33 13.97
CA TYR A 45 -0.32 10.23 14.95
C TYR A 45 -0.36 11.40 15.93
N SER A 46 -1.14 11.23 16.98
CA SER A 46 -1.27 12.26 17.99
C SER A 46 -0.66 11.79 19.32
N GLU A 47 -0.74 12.65 20.32
CA GLU A 47 -0.21 12.34 21.62
C GLU A 47 -1.22 11.52 22.43
N GLU A 48 -1.51 10.33 21.91
CA GLU A 48 -2.46 9.45 22.56
C GLU A 48 -1.72 8.38 23.38
N PRO A 49 -2.40 7.89 24.44
CA PRO A 49 -1.82 6.87 25.30
C PRO A 49 -1.82 5.50 24.60
N ALA A 50 -2.32 5.49 23.37
CA ALA A 50 -2.39 4.26 22.60
C ALA A 50 -1.71 4.48 21.25
N GLY A 51 -0.43 4.83 21.32
CA GLY A 51 0.35 5.07 20.13
C GLY A 51 1.69 4.32 20.17
N ARG A 52 1.58 3.00 20.33
CA ARG A 52 2.77 2.16 20.39
C ARG A 52 3.36 1.97 19.00
N GLU A 53 4.40 2.75 18.73
CA GLU A 53 5.08 2.68 17.44
C GLU A 53 6.44 1.99 17.59
N ASP A 54 6.64 0.97 16.77
CA ASP A 54 7.89 0.22 16.80
C ASP A 54 8.53 0.27 15.41
N SER A 55 7.72 -0.06 14.41
CA SER A 55 8.19 -0.06 13.04
C SER A 55 7.10 -0.62 12.11
N LEU A 56 6.89 0.09 11.01
CA LEU A 56 5.88 -0.31 10.05
C LEU A 56 6.58 -0.88 8.80
N ILE A 57 6.13 -2.07 8.42
CA ILE A 57 6.69 -2.74 7.26
C ILE A 57 5.64 -2.82 6.15
N LEU A 58 6.10 -2.66 4.93
CA LEU A 58 5.20 -2.71 3.79
C LEU A 58 5.10 -4.15 3.29
N VAL A 59 3.97 -4.46 2.66
CA VAL A 59 3.74 -5.79 2.15
C VAL A 59 2.73 -5.72 1.00
N ALA A 60 3.09 -6.36 -0.10
CA ALA A 60 2.24 -6.37 -1.29
C ALA A 60 1.38 -7.63 -1.26
N VAL A 61 0.08 -7.43 -1.27
CA VAL A 61 -0.87 -8.54 -1.26
C VAL A 61 -1.67 -8.54 -2.57
N SER A 62 -1.86 -9.73 -3.11
CA SER A 62 -2.60 -9.88 -4.35
C SER A 62 -3.86 -10.73 -4.10
N SER A 63 -4.71 -10.76 -5.12
CA SER A 63 -5.94 -11.53 -5.03
C SER A 63 -5.64 -12.99 -4.69
N SER A 64 -4.40 -13.37 -4.95
CA SER A 64 -3.96 -14.73 -4.68
C SER A 64 -3.35 -14.82 -3.28
N GLY A 65 -3.55 -13.76 -2.51
CA GLY A 65 -3.04 -13.70 -1.16
C GLY A 65 -1.51 -13.84 -1.15
N GLU A 66 -0.90 -13.41 -2.24
CA GLU A 66 0.55 -13.48 -2.37
C GLU A 66 1.20 -12.28 -1.69
N LYS A 67 1.68 -12.52 -0.48
CA LYS A 67 2.34 -11.47 0.29
C LYS A 67 3.80 -11.38 -0.12
N VAL A 68 4.30 -10.15 -0.20
CA VAL A 68 5.68 -9.92 -0.57
C VAL A 68 6.25 -8.78 0.28
N LEU A 69 6.93 -9.18 1.36
CA LEU A 69 7.53 -8.22 2.26
C LEU A 69 8.42 -7.27 1.46
N LEU A 70 7.96 -6.02 1.34
CA LEU A 70 8.71 -5.02 0.60
C LEU A 70 9.79 -4.43 1.52
N GLN A 71 10.60 -3.56 0.93
CA GLN A 71 11.66 -2.92 1.68
C GLN A 71 11.73 -1.43 1.35
N PRO A 72 12.31 -0.64 2.30
CA PRO A 72 12.44 0.79 2.11
C PRO A 72 13.54 1.12 1.11
N THR A 73 14.26 0.08 0.70
CA THR A 73 15.35 0.25 -0.26
C THR A 73 15.01 -0.47 -1.56
N GLU A 74 13.78 -0.28 -2.01
CA GLU A 74 13.33 -0.90 -3.25
C GLU A 74 13.71 -0.04 -4.45
N ASP A 75 13.34 -0.52 -5.62
CA ASP A 75 13.63 0.20 -6.85
C ASP A 75 12.32 0.54 -7.56
N CYS A 76 11.67 -0.50 -8.07
CA CYS A 76 10.41 -0.32 -8.77
C CYS A 76 9.33 -1.09 -8.02
N VAL A 77 8.58 -0.36 -7.20
CA VAL A 77 7.52 -0.98 -6.43
C VAL A 77 6.19 -0.81 -7.18
N PHE A 78 5.78 0.44 -7.34
CA PHE A 78 4.54 0.74 -8.03
C PHE A 78 4.36 -0.18 -9.25
N THR A 79 5.49 -0.59 -9.80
CA THR A 79 5.47 -1.45 -10.97
C THR A 79 5.39 -2.92 -10.54
N ALA A 80 6.35 -3.32 -9.72
CA ALA A 80 6.39 -4.69 -9.23
C ALA A 80 4.98 -5.16 -8.92
N LEU A 81 4.22 -4.30 -8.26
CA LEU A 81 2.85 -4.62 -7.90
C LEU A 81 2.19 -5.36 -9.05
N GLY A 82 1.35 -6.31 -8.70
CA GLY A 82 0.63 -7.09 -9.70
C GLY A 82 -0.46 -6.26 -10.37
N ILE A 83 -1.41 -6.96 -10.98
CA ILE A 83 -2.52 -6.30 -11.66
C ILE A 83 -3.54 -5.85 -10.62
N ASN A 84 -3.87 -6.76 -9.72
CA ASN A 84 -4.84 -6.48 -8.68
C ASN A 84 -4.19 -6.71 -7.31
N SER A 85 -3.03 -6.12 -7.14
CA SER A 85 -2.30 -6.25 -5.89
C SER A 85 -2.39 -4.95 -5.09
N HIS A 86 -2.51 -5.11 -3.77
CA HIS A 86 -2.61 -3.96 -2.89
C HIS A 86 -1.46 -3.99 -1.88
N LEU A 87 -0.97 -2.80 -1.55
CA LEU A 87 0.12 -2.67 -0.60
C LEU A 87 -0.44 -2.58 0.81
N PHE A 88 0.32 -3.11 1.76
CA PHE A 88 -0.10 -3.09 3.15
C PHE A 88 1.08 -2.72 4.07
N ALA A 89 0.84 -1.73 4.90
CA ALA A 89 1.87 -1.27 5.83
C ALA A 89 1.34 -1.41 7.26
N CYS A 90 1.98 -2.30 8.00
CA CYS A 90 1.59 -2.55 9.38
C CYS A 90 2.73 -3.29 10.08
N THR A 91 2.55 -3.52 11.37
CA THR A 91 3.55 -4.20 12.17
C THR A 91 3.85 -5.58 11.56
N ARG A 92 4.98 -6.14 11.97
CA ARG A 92 5.38 -7.44 11.49
C ARG A 92 4.41 -8.52 11.95
N ASP A 93 3.97 -8.38 13.20
CA ASP A 93 3.04 -9.32 13.77
C ASP A 93 1.68 -9.19 13.07
N SER A 94 1.57 -8.15 12.25
CA SER A 94 0.35 -7.90 11.52
C SER A 94 0.50 -8.38 10.08
N TYR A 95 1.73 -8.72 9.72
CA TYR A 95 2.03 -9.19 8.38
C TYR A 95 1.23 -10.46 8.05
N GLU A 96 1.10 -11.31 9.07
CA GLU A 96 0.39 -12.56 8.92
C GLU A 96 -1.12 -12.33 9.07
N ALA A 97 -1.46 -11.10 9.44
CA ALA A 97 -2.85 -10.73 9.63
C ALA A 97 -3.34 -9.94 8.41
N LEU A 98 -2.46 -9.85 7.42
CA LEU A 98 -2.79 -9.14 6.19
C LEU A 98 -3.79 -9.97 5.37
N VAL A 99 -4.82 -9.30 4.90
CA VAL A 99 -5.84 -9.95 4.11
C VAL A 99 -5.97 -9.23 2.76
N PRO A 100 -6.12 -10.05 1.68
CA PRO A 100 -6.27 -9.51 0.34
C PRO A 100 -7.66 -8.91 0.13
N LEU A 101 -7.68 -7.70 -0.40
CA LEU A 101 -8.93 -7.01 -0.66
C LEU A 101 -9.79 -7.87 -1.58
N PRO A 102 -11.12 -7.53 -1.62
CA PRO A 102 -12.06 -8.25 -2.46
C PRO A 102 -11.87 -7.88 -3.92
N GLU A 103 -12.90 -8.20 -4.72
CA GLU A 103 -12.87 -7.90 -6.14
C GLU A 103 -14.30 -7.67 -6.66
N GLU A 104 -15.07 -6.97 -5.86
CA GLU A 104 -16.45 -6.67 -6.22
C GLU A 104 -16.66 -5.16 -6.36
N ILE A 105 -17.92 -4.78 -6.47
CA ILE A 105 -18.25 -3.37 -6.61
C ILE A 105 -19.10 -2.93 -5.41
N GLN A 106 -18.65 -3.35 -4.24
CA GLN A 106 -19.36 -3.02 -3.01
C GLN A 106 -18.42 -2.29 -2.04
N VAL A 107 -18.60 -0.97 -1.97
CA VAL A 107 -17.77 -0.16 -1.10
C VAL A 107 -16.39 -0.78 -0.99
N SER A 108 -15.73 -0.93 -2.13
CA SER A 108 -14.40 -1.51 -2.17
C SER A 108 -13.86 -1.45 -3.59
N PRO A 109 -12.50 -1.42 -3.69
CA PRO A 109 -11.84 -1.36 -4.98
C PRO A 109 -11.88 -2.73 -5.67
N GLY A 110 -11.49 -2.73 -6.94
CA GLY A 110 -11.48 -3.95 -7.72
C GLY A 110 -12.06 -3.71 -9.12
N ASP A 111 -13.33 -3.32 -9.13
CA ASP A 111 -14.01 -3.06 -10.39
C ASP A 111 -13.89 -4.28 -11.30
N THR A 112 -14.95 -5.07 -11.33
CA THR A 112 -14.96 -6.27 -12.16
C THR A 112 -13.65 -7.04 -12.00
N GLU A 113 -13.48 -8.02 -12.87
CA GLU A 113 -12.27 -8.84 -12.85
C GLU A 113 -12.35 -9.93 -13.91
N ILE A 114 -11.18 -10.46 -14.26
CA ILE A 114 -11.10 -11.50 -15.26
C ILE A 114 -10.47 -12.75 -14.65
N SER A 115 -11.20 -13.85 -14.77
CA SER A 115 -10.74 -15.11 -14.23
C SER A 115 -11.45 -16.28 -14.92
N GLY A 116 -12.77 -16.27 -14.80
CA GLY A 116 -13.58 -17.32 -15.41
C GLY A 116 -14.21 -18.22 -14.34
N PRO A 117 -14.31 -19.53 -14.67
CA PRO A 117 -14.89 -20.49 -13.76
C PRO A 117 -13.92 -20.82 -12.62
N SER A 118 -14.29 -20.38 -11.42
CA SER A 118 -13.46 -20.61 -10.25
C SER A 118 -14.25 -20.27 -8.99
N SER A 119 -13.73 -20.75 -7.87
CA SER A 119 -14.38 -20.51 -6.59
C SER A 119 -15.77 -21.12 -6.58
N GLY A 120 -16.09 -21.81 -5.49
CA GLY A 120 -17.38 -22.44 -5.34
C GLY A 120 -17.24 -23.95 -5.21
N GLY A 1 11.64 28.32 -8.55
CA GLY A 1 12.47 27.28 -9.13
C GLY A 1 11.62 26.08 -9.58
N SER A 2 12.20 25.29 -10.47
CA SER A 2 11.51 24.12 -10.98
C SER A 2 12.28 22.85 -10.59
N SER A 3 13.51 22.79 -11.05
CA SER A 3 14.36 21.64 -10.76
C SER A 3 13.66 20.35 -11.17
N GLY A 4 13.97 19.90 -12.37
CA GLY A 4 13.38 18.68 -12.90
C GLY A 4 12.49 18.98 -14.11
N SER A 5 12.24 17.95 -14.89
CA SER A 5 11.41 18.09 -16.07
C SER A 5 10.40 16.94 -16.14
N SER A 6 10.94 15.73 -16.23
CA SER A 6 10.10 14.54 -16.30
C SER A 6 9.16 14.49 -15.10
N GLY A 7 7.94 14.03 -15.35
CA GLY A 7 6.95 13.92 -14.29
C GLY A 7 6.14 12.63 -14.43
N ASP A 8 6.36 11.71 -13.51
CA ASP A 8 5.65 10.44 -13.53
C ASP A 8 5.09 10.17 -12.13
N GLU A 9 4.16 11.00 -11.73
CA GLU A 9 3.53 10.85 -10.42
C GLU A 9 2.31 9.94 -10.52
N ILE A 10 2.01 9.29 -9.40
CA ILE A 10 0.87 8.38 -9.35
C ILE A 10 0.33 8.34 -7.92
N PHE A 11 -0.88 7.82 -7.80
CA PHE A 11 -1.53 7.72 -6.50
C PHE A 11 -1.55 6.27 -6.00
N CYS A 12 -0.63 5.98 -5.09
CA CYS A 12 -0.52 4.65 -4.53
C CYS A 12 -1.36 4.59 -3.25
N ARG A 13 -2.15 3.54 -3.14
CA ARG A 13 -3.00 3.36 -1.98
C ARG A 13 -2.39 2.32 -1.03
N VAL A 14 -2.14 2.77 0.19
CA VAL A 14 -1.57 1.90 1.20
C VAL A 14 -2.68 1.33 2.08
N TYR A 15 -3.05 0.09 1.78
CA TYR A 15 -4.10 -0.58 2.53
C TYR A 15 -3.65 -0.90 3.96
N MET A 16 -4.62 -0.99 4.85
CA MET A 16 -4.33 -1.29 6.24
C MET A 16 -4.74 -2.72 6.60
N PRO A 17 -4.23 -3.20 7.75
CA PRO A 17 -4.53 -4.55 8.22
C PRO A 17 -5.95 -4.62 8.79
N ASP A 18 -6.66 -3.49 8.67
CA ASP A 18 -8.02 -3.41 9.17
C ASP A 18 -8.96 -3.07 8.01
N HIS A 19 -8.43 -3.21 6.81
CA HIS A 19 -9.22 -2.93 5.62
C HIS A 19 -9.54 -1.43 5.56
N SER A 20 -8.54 -0.65 5.18
CA SER A 20 -8.69 0.79 5.08
C SER A 20 -7.41 1.42 4.55
N TYR A 21 -7.46 1.77 3.27
CA TYR A 21 -6.30 2.39 2.63
C TYR A 21 -6.48 3.90 2.53
N VAL A 22 -5.46 4.55 1.98
CA VAL A 22 -5.48 5.99 1.83
C VAL A 22 -5.01 6.37 0.42
N THR A 23 -5.12 7.64 0.11
CA THR A 23 -4.71 8.14 -1.19
C THR A 23 -3.56 9.14 -1.04
N ILE A 24 -2.43 8.79 -1.64
CA ILE A 24 -1.25 9.63 -1.58
C ILE A 24 -0.76 9.92 -3.00
N ARG A 25 0.34 10.64 -3.08
CA ARG A 25 0.91 10.99 -4.37
C ARG A 25 2.44 10.81 -4.35
N SER A 26 2.89 9.83 -5.09
CA SER A 26 4.31 9.53 -5.16
C SER A 26 4.74 9.38 -6.63
N ARG A 27 6.05 9.32 -6.83
CA ARG A 27 6.60 9.18 -8.16
C ARG A 27 6.89 7.72 -8.46
N LEU A 28 6.79 7.36 -9.73
CA LEU A 28 7.04 6.00 -10.15
C LEU A 28 8.48 5.62 -9.82
N SER A 29 9.29 6.64 -9.56
CA SER A 29 10.69 6.43 -9.23
C SER A 29 10.90 6.62 -7.73
N ALA A 30 9.83 6.41 -6.98
CA ALA A 30 9.89 6.56 -5.53
C ALA A 30 10.17 5.20 -4.89
N SER A 31 10.27 5.21 -3.57
CA SER A 31 10.54 3.99 -2.84
C SER A 31 9.50 3.81 -1.72
N VAL A 32 9.42 2.59 -1.23
CA VAL A 32 8.47 2.27 -0.17
C VAL A 32 8.49 3.38 0.88
N GLN A 33 9.70 3.76 1.27
CA GLN A 33 9.87 4.80 2.27
C GLN A 33 9.03 6.03 1.91
N ASP A 34 9.34 6.59 0.75
CA ASP A 34 8.63 7.77 0.28
C ASP A 34 7.14 7.61 0.58
N ILE A 35 6.57 6.53 0.05
CA ILE A 35 5.17 6.24 0.26
C ILE A 35 4.86 6.25 1.75
N LEU A 36 5.52 5.36 2.47
CA LEU A 36 5.33 5.25 3.90
C LEU A 36 5.24 6.65 4.50
N GLY A 37 6.32 7.40 4.33
CA GLY A 37 6.38 8.76 4.84
C GLY A 37 5.10 9.54 4.50
N SER A 38 4.67 9.37 3.25
CA SER A 38 3.47 10.05 2.79
C SER A 38 2.24 9.50 3.52
N VAL A 39 2.14 8.18 3.53
CA VAL A 39 1.01 7.52 4.19
C VAL A 39 1.02 7.89 5.67
N THR A 40 2.12 7.59 6.32
CA THR A 40 2.27 7.88 7.74
C THR A 40 1.57 9.20 8.08
N GLU A 41 1.68 10.15 7.16
CA GLU A 41 1.07 11.45 7.36
C GLU A 41 -0.45 11.31 7.45
N LYS A 42 -1.01 10.60 6.49
CA LYS A 42 -2.45 10.38 6.45
C LYS A 42 -2.91 9.84 7.81
N LEU A 43 -2.10 8.94 8.37
CA LEU A 43 -2.40 8.34 9.65
C LEU A 43 -2.54 9.45 10.70
N GLN A 44 -3.15 9.07 11.82
CA GLN A 44 -3.36 10.02 12.91
C GLN A 44 -2.43 9.69 14.08
N TYR A 45 -1.38 10.49 14.21
CA TYR A 45 -0.42 10.29 15.28
C TYR A 45 -0.39 11.49 16.22
N SER A 46 -0.66 11.21 17.49
CA SER A 46 -0.68 12.26 18.50
C SER A 46 0.61 12.22 19.32
N GLU A 47 0.75 13.19 20.19
CA GLU A 47 1.93 13.28 21.04
C GLU A 47 1.92 12.15 22.07
N GLU A 48 2.34 10.97 21.63
CA GLU A 48 2.38 9.81 22.49
C GLU A 48 3.71 9.07 22.33
N PRO A 49 4.03 8.23 23.34
CA PRO A 49 5.26 7.46 23.31
C PRO A 49 5.16 6.29 22.33
N ALA A 50 4.01 6.21 21.67
CA ALA A 50 3.77 5.16 20.70
C ALA A 50 3.91 3.80 21.40
N GLY A 51 2.81 3.35 21.96
CA GLY A 51 2.80 2.07 22.66
C GLY A 51 2.93 0.90 21.67
N ARG A 52 2.12 0.95 20.63
CA ARG A 52 2.14 -0.07 19.61
C ARG A 52 2.95 0.39 18.39
N GLU A 53 2.60 1.58 17.91
CA GLU A 53 3.29 2.15 16.76
C GLU A 53 4.80 2.09 16.96
N ASP A 54 5.44 1.34 16.08
CA ASP A 54 6.89 1.18 16.14
C ASP A 54 7.40 0.66 14.80
N SER A 55 7.73 1.60 13.92
CA SER A 55 8.24 1.24 12.60
C SER A 55 7.15 0.52 11.80
N LEU A 56 6.91 1.03 10.60
CA LEU A 56 5.90 0.45 9.73
C LEU A 56 6.59 -0.24 8.55
N ILE A 57 6.09 -1.42 8.22
CA ILE A 57 6.64 -2.19 7.12
C ILE A 57 5.57 -2.38 6.04
N LEU A 58 5.99 -2.26 4.79
CA LEU A 58 5.08 -2.41 3.67
C LEU A 58 5.04 -3.89 3.26
N VAL A 59 3.92 -4.26 2.64
CA VAL A 59 3.74 -5.62 2.20
C VAL A 59 2.74 -5.66 1.04
N ALA A 60 3.11 -6.37 -0.02
CA ALA A 60 2.26 -6.48 -1.18
C ALA A 60 1.43 -7.76 -1.09
N VAL A 61 0.12 -7.59 -1.11
CA VAL A 61 -0.79 -8.72 -1.03
C VAL A 61 -1.63 -8.78 -2.31
N SER A 62 -1.74 -9.99 -2.84
CA SER A 62 -2.51 -10.21 -4.05
C SER A 62 -3.85 -10.86 -3.71
N SER A 63 -4.74 -10.84 -4.69
CA SER A 63 -6.06 -11.42 -4.51
C SER A 63 -5.96 -12.95 -4.46
N SER A 64 -5.31 -13.43 -3.40
CA SER A 64 -5.13 -14.86 -3.22
C SER A 64 -4.51 -15.13 -1.84
N GLY A 65 -3.57 -14.28 -1.47
CA GLY A 65 -2.90 -14.42 -0.20
C GLY A 65 -1.38 -14.52 -0.39
N GLU A 66 -0.88 -13.73 -1.32
CA GLU A 66 0.55 -13.72 -1.61
C GLU A 66 1.19 -12.45 -1.06
N LYS A 67 1.76 -12.57 0.13
CA LYS A 67 2.41 -11.44 0.76
C LYS A 67 3.88 -11.38 0.33
N VAL A 68 4.33 -10.18 0.05
CA VAL A 68 5.72 -9.98 -0.38
C VAL A 68 6.32 -8.81 0.41
N LEU A 69 6.91 -9.14 1.54
CA LEU A 69 7.53 -8.14 2.38
C LEU A 69 8.43 -7.25 1.53
N LEU A 70 8.03 -5.99 1.41
CA LEU A 70 8.80 -5.04 0.62
C LEU A 70 9.85 -4.38 1.51
N GLN A 71 10.64 -3.51 0.90
CA GLN A 71 11.69 -2.81 1.63
C GLN A 71 11.68 -1.33 1.26
N PRO A 72 12.22 -0.50 2.20
CA PRO A 72 12.27 0.94 1.99
C PRO A 72 13.37 1.30 0.98
N THR A 73 14.04 0.28 0.49
CA THR A 73 15.11 0.47 -0.47
C THR A 73 14.78 -0.23 -1.78
N GLU A 74 13.54 -0.09 -2.20
CA GLU A 74 13.08 -0.71 -3.44
C GLU A 74 13.40 0.19 -4.63
N ASP A 75 12.99 -0.26 -5.80
CA ASP A 75 13.22 0.48 -7.03
C ASP A 75 11.91 0.66 -7.77
N CYS A 76 11.44 -0.43 -8.35
CA CYS A 76 10.19 -0.41 -9.10
C CYS A 76 9.12 -1.11 -8.26
N VAL A 77 8.38 -0.29 -7.52
CA VAL A 77 7.32 -0.81 -6.67
C VAL A 77 5.99 -0.73 -7.42
N PHE A 78 5.52 0.49 -7.61
CA PHE A 78 4.27 0.72 -8.31
C PHE A 78 4.19 -0.13 -9.58
N THR A 79 5.36 -0.48 -10.09
CA THR A 79 5.43 -1.28 -11.30
C THR A 79 5.44 -2.78 -10.95
N ALA A 80 6.37 -3.14 -10.08
CA ALA A 80 6.49 -4.53 -9.65
C ALA A 80 5.11 -5.05 -9.23
N LEU A 81 4.44 -4.27 -8.39
CA LEU A 81 3.12 -4.63 -7.91
C LEU A 81 2.27 -5.13 -9.09
N GLY A 82 1.63 -6.27 -8.88
CA GLY A 82 0.79 -6.85 -9.90
C GLY A 82 -0.41 -5.95 -10.21
N ILE A 83 -1.49 -6.58 -10.67
CA ILE A 83 -2.70 -5.86 -11.00
C ILE A 83 -3.62 -5.83 -9.78
N ASN A 84 -3.95 -7.02 -9.31
CA ASN A 84 -4.82 -7.15 -8.14
C ASN A 84 -3.97 -7.37 -6.89
N SER A 85 -3.13 -6.39 -6.61
CA SER A 85 -2.25 -6.46 -5.45
C SER A 85 -2.35 -5.18 -4.63
N HIS A 86 -2.71 -5.33 -3.37
CA HIS A 86 -2.85 -4.19 -2.48
C HIS A 86 -1.64 -4.12 -1.54
N LEU A 87 -1.16 -2.91 -1.35
CA LEU A 87 0.00 -2.69 -0.48
C LEU A 87 -0.48 -2.49 0.95
N PHE A 88 0.08 -3.30 1.84
CA PHE A 88 -0.28 -3.23 3.25
C PHE A 88 0.91 -2.75 4.09
N ALA A 89 0.71 -1.63 4.76
CA ALA A 89 1.75 -1.07 5.61
C ALA A 89 1.31 -1.13 7.06
N CYS A 90 2.02 -1.94 7.83
CA CYS A 90 1.71 -2.10 9.24
C CYS A 90 2.92 -2.73 9.94
N THR A 91 2.81 -2.87 11.24
CA THR A 91 3.88 -3.45 12.03
C THR A 91 4.24 -4.84 11.50
N ARG A 92 5.28 -5.41 12.09
CA ARG A 92 5.73 -6.74 11.69
C ARG A 92 4.83 -7.81 12.29
N ASP A 93 4.33 -7.52 13.49
CA ASP A 93 3.46 -8.44 14.19
C ASP A 93 2.06 -8.38 13.58
N SER A 94 1.92 -7.51 12.58
CA SER A 94 0.65 -7.34 11.91
C SER A 94 0.76 -7.80 10.45
N TYR A 95 1.97 -8.20 10.08
CA TYR A 95 2.23 -8.66 8.72
C TYR A 95 1.43 -9.92 8.41
N GLU A 96 1.33 -10.79 9.42
CA GLU A 96 0.61 -12.03 9.27
C GLU A 96 -0.90 -11.79 9.41
N ALA A 97 -1.24 -10.61 9.90
CA ALA A 97 -2.63 -10.25 10.09
C ALA A 97 -3.16 -9.60 8.81
N LEU A 98 -2.26 -9.43 7.85
CA LEU A 98 -2.62 -8.84 6.58
C LEU A 98 -3.53 -9.80 5.81
N VAL A 99 -4.59 -9.24 5.24
CA VAL A 99 -5.53 -10.03 4.47
C VAL A 99 -5.77 -9.36 3.12
N PRO A 100 -5.90 -10.22 2.07
CA PRO A 100 -6.14 -9.72 0.72
C PRO A 100 -7.58 -9.24 0.56
N LEU A 101 -7.70 -8.02 0.05
CA LEU A 101 -9.01 -7.43 -0.17
C LEU A 101 -9.82 -8.32 -1.11
N PRO A 102 -11.17 -8.10 -1.10
CA PRO A 102 -12.06 -8.87 -1.93
C PRO A 102 -11.97 -8.42 -3.39
N GLU A 103 -12.97 -8.82 -4.16
CA GLU A 103 -13.01 -8.45 -5.58
C GLU A 103 -14.45 -8.10 -5.98
N GLU A 104 -14.88 -6.93 -5.51
CA GLU A 104 -16.22 -6.46 -5.82
C GLU A 104 -16.15 -5.13 -6.59
N ILE A 105 -17.31 -4.54 -6.79
CA ILE A 105 -17.40 -3.28 -7.51
C ILE A 105 -17.77 -2.16 -6.53
N GLN A 106 -17.17 -2.24 -5.34
CA GLN A 106 -17.44 -1.24 -4.32
C GLN A 106 -16.22 -1.09 -3.40
N VAL A 107 -15.68 0.11 -3.38
CA VAL A 107 -14.52 0.40 -2.56
C VAL A 107 -13.37 -0.53 -2.96
N SER A 108 -13.00 -0.43 -4.23
CA SER A 108 -11.92 -1.25 -4.75
C SER A 108 -11.68 -0.93 -6.22
N PRO A 109 -10.40 -1.05 -6.64
CA PRO A 109 -10.03 -0.77 -8.02
C PRO A 109 -10.46 -1.91 -8.95
N GLY A 110 -9.71 -2.99 -8.89
CA GLY A 110 -10.00 -4.15 -9.72
C GLY A 110 -10.01 -3.77 -11.20
N ASP A 111 -11.20 -3.52 -11.72
CA ASP A 111 -11.36 -3.16 -13.12
C ASP A 111 -10.90 -4.33 -14.00
N THR A 112 -11.83 -5.25 -14.23
CA THR A 112 -11.52 -6.41 -15.05
C THR A 112 -10.29 -7.14 -14.51
N GLU A 113 -10.55 -8.11 -13.65
CA GLU A 113 -9.49 -8.90 -13.05
C GLU A 113 -10.04 -10.17 -12.42
N ILE A 114 -9.73 -11.29 -13.04
CA ILE A 114 -10.19 -12.58 -12.55
C ILE A 114 -11.71 -12.64 -12.64
N SER A 115 -12.19 -13.68 -13.30
CA SER A 115 -13.62 -13.87 -13.47
C SER A 115 -14.27 -14.20 -12.13
N GLY A 116 -13.64 -15.12 -11.41
CA GLY A 116 -14.14 -15.52 -10.12
C GLY A 116 -14.60 -16.98 -10.14
N PRO A 117 -13.65 -17.90 -9.81
CA PRO A 117 -13.94 -19.33 -9.79
C PRO A 117 -14.78 -19.70 -8.56
N SER A 118 -15.96 -19.10 -8.50
CA SER A 118 -16.86 -19.36 -7.39
C SER A 118 -16.15 -19.12 -6.06
N SER A 119 -16.92 -19.21 -4.98
CA SER A 119 -16.37 -19.01 -3.65
C SER A 119 -17.46 -19.17 -2.60
N GLY A 120 -18.34 -18.17 -2.55
CA GLY A 120 -19.43 -18.19 -1.60
C GLY A 120 -20.67 -17.51 -2.18
#